data_2C6N
#
_entry.id   2C6N
#
_cell.length_a   101.300
_cell.length_b   210.900
_cell.length_c   171.000
_cell.angle_alpha   90.00
_cell.angle_beta   90.00
_cell.angle_gamma   90.00
#
_symmetry.space_group_name_H-M   'C 2 2 21'
#
loop_
_entity.id
_entity.type
_entity.pdbx_description
1 polymer 'ANGIOTENSIN-CONVERTING ENZYME, SOMATIC ISOFORM'
2 branched 2-acetamido-2-deoxy-beta-D-glucopyranose-(1-4)-2-acetamido-2-deoxy-beta-D-glucopyranose
3 non-polymer 2-acetamido-2-deoxy-beta-D-glucopyranose
4 non-polymer 'ZINC ION'
5 non-polymer 'CHLORIDE ION'
6 non-polymer [N2-[(S)-1-CARBOXY-3-PHENYLPROPYL]-L-LYSYL-L-PROLINE
7 non-polymer GLYCEROL
8 non-polymer 'ACETATE ION'
9 water water
#
_entity_poly.entity_id   1
_entity_poly.type   'polypeptide(L)'
_entity_poly.pdbx_seq_one_letter_code
;LDPGLQPGNFSADEAGAQLFAQSYNSSAEQVLFQSVAASWAHDTNITAENARRQEEAALLSQEFAEAWGQKAKELYEPIW
QNFTDPQLRRIIGAVRTLGSANLPLAKRQQYNALLSNMSRIYSTAKVCLPNKTATCWSLDPDLTNILASSRSYAMLLFAW
EGWHNAAGIPLKPLYEDFTALSNEAYKQDGFTDTGAYWRSWYNSPTFEDDLEHLYQQLEPLYLNLHAFVRRALHRRYGDR
YINLRGPIPAHLLGDMWAQSWENIYDMVVPFPDKPNLDVTSTMLQQGWNATHMFRVAEEFFTSLELSPMPPEFWEGSMLE
KPADGREVVCHASAWDFYNRKDFRIKQCTRVTMDQLSTVHHEMGHIQYYLQYKDLPVSLRRGANPGFHEAIGDVLALSVS
TPEHLHKIGLLDRVTNDTESDINYLLKMALEKIAFLPFGYLVDQWRWGVFSGRTPPSRYNFDWWYLRTKYQGICPPVTRN
ETHFDAGAKFHVPNVTPYIRYFVSFVLQFQFHEALCKEAGYEGPLHQCDIYRSTKAGAKLRKVLQAGSSRPWQEVLKDMV
GLDALDAQPLLKYFQPVTQWLQEQNQQNGEVLGWPEYQWHPPLPDNYPEGID
;
_entity_poly.pdbx_strand_id   A,B
#
loop_
_chem_comp.id
_chem_comp.type
_chem_comp.name
_chem_comp.formula
ACT non-polymer 'ACETATE ION' 'C2 H3 O2 -1'
CL non-polymer 'CHLORIDE ION' 'Cl -1'
GOL non-polymer GLYCEROL 'C3 H8 O3'
LPR non-polymer [N2-[(S)-1-CARBOXY-3-PHENYLPROPYL]-L-LYSYL-L-PROLINE 'C21 H31 N3 O5'
NAG D-saccharide, beta linking 2-acetamido-2-deoxy-beta-D-glucopyranose 'C8 H15 N O6'
ZN non-polymer 'ZINC ION' 'Zn 2'
#
# COMPACT_ATOMS: atom_id res chain seq x y z
N LEU A 1 -48.19 -30.68 11.80
CA LEU A 1 -47.19 -31.15 12.75
C LEU A 1 -47.81 -31.51 14.08
N ASP A 2 -46.97 -31.73 15.07
CA ASP A 2 -47.43 -31.88 16.43
C ASP A 2 -48.16 -30.57 16.67
N PRO A 3 -49.15 -30.51 17.53
CA PRO A 3 -49.81 -29.24 17.77
C PRO A 3 -49.06 -28.49 18.84
N GLY A 4 -48.29 -29.28 19.59
CA GLY A 4 -47.45 -28.75 20.66
C GLY A 4 -46.20 -28.15 20.02
N LEU A 5 -46.39 -27.72 18.77
CA LEU A 5 -45.34 -27.09 17.98
C LEU A 5 -46.01 -25.93 17.25
N GLN A 6 -47.33 -25.94 17.18
CA GLN A 6 -48.09 -24.88 16.56
C GLN A 6 -48.03 -23.61 17.46
N PRO A 7 -48.24 -22.41 16.92
CA PRO A 7 -48.16 -21.11 17.63
C PRO A 7 -48.70 -21.05 19.06
N GLY A 8 -49.99 -20.69 19.08
CA GLY A 8 -50.86 -20.47 20.19
C GLY A 8 -51.31 -19.04 19.97
N ASN A 9 -52.07 -18.45 20.88
CA ASN A 9 -52.35 -17.03 20.64
C ASN A 9 -51.55 -16.21 21.66
N PHE A 10 -51.37 -14.97 21.23
CA PHE A 10 -50.62 -13.98 21.93
C PHE A 10 -51.23 -12.62 21.80
N SER A 11 -50.63 -11.63 22.47
CA SER A 11 -51.14 -10.28 22.53
C SER A 11 -50.66 -9.33 21.40
N ALA A 12 -51.55 -8.42 20.98
CA ALA A 12 -51.22 -7.45 19.96
C ALA A 12 -50.29 -6.40 20.52
N ASP A 13 -49.84 -6.67 21.74
CA ASP A 13 -48.95 -5.79 22.48
C ASP A 13 -47.48 -6.18 22.44
N GLU A 14 -46.60 -5.20 22.63
CA GLU A 14 -45.16 -5.43 22.63
C GLU A 14 -44.73 -6.39 23.70
N ALA A 15 -45.23 -6.18 24.93
CA ALA A 15 -44.87 -7.01 26.11
C ALA A 15 -45.40 -8.44 25.93
N GLY A 16 -46.15 -8.57 24.84
CA GLY A 16 -46.79 -9.80 24.40
C GLY A 16 -46.43 -10.11 22.96
N ALA A 17 -45.61 -9.27 22.36
CA ALA A 17 -45.13 -9.54 21.00
C ALA A 17 -43.80 -10.19 21.21
N GLN A 18 -43.40 -9.98 22.45
CA GLN A 18 -42.24 -10.57 22.99
C GLN A 18 -42.73 -11.84 23.57
N LEU A 19 -43.98 -11.84 23.96
CA LEU A 19 -44.32 -13.12 24.44
C LEU A 19 -44.56 -14.04 23.27
N PHE A 20 -44.87 -13.48 22.13
CA PHE A 20 -45.00 -14.33 20.98
C PHE A 20 -43.73 -15.17 20.81
N ALA A 21 -42.56 -14.53 20.91
CA ALA A 21 -41.26 -15.15 20.59
C ALA A 21 -40.53 -16.08 21.57
N GLN A 22 -40.60 -15.86 22.91
CA GLN A 22 -39.94 -16.77 23.84
C GLN A 22 -40.36 -18.21 23.53
N SER A 23 -41.62 -18.32 23.09
CA SER A 23 -42.23 -19.59 22.74
C SER A 23 -41.60 -20.18 21.46
N TYR A 24 -41.74 -19.45 20.36
CA TYR A 24 -41.22 -19.85 19.05
C TYR A 24 -39.83 -20.45 19.17
N ASN A 25 -39.02 -19.84 20.00
CA ASN A 25 -37.68 -20.30 20.17
C ASN A 25 -37.55 -21.72 20.74
N SER A 26 -38.38 -22.06 21.73
CA SER A 26 -38.35 -23.40 22.33
C SER A 26 -38.83 -24.47 21.34
N SER A 27 -39.87 -24.12 20.58
CA SER A 27 -40.46 -25.01 19.59
C SER A 27 -39.57 -25.11 18.35
N ALA A 28 -39.16 -23.95 17.86
CA ALA A 28 -38.32 -23.85 16.68
C ALA A 28 -37.06 -24.69 16.78
N GLU A 29 -36.44 -24.78 17.93
CA GLU A 29 -35.23 -25.59 17.93
C GLU A 29 -35.47 -27.08 17.93
N GLN A 30 -36.74 -27.48 17.90
CA GLN A 30 -37.08 -28.91 17.82
C GLN A 30 -37.16 -29.14 16.33
N VAL A 31 -38.03 -28.34 15.70
CA VAL A 31 -38.23 -28.38 14.27
C VAL A 31 -36.96 -28.11 13.46
N LEU A 32 -36.05 -27.32 14.01
CA LEU A 32 -34.83 -27.04 13.27
C LEU A 32 -33.89 -28.21 13.43
N PHE A 33 -33.79 -28.74 14.65
CA PHE A 33 -32.92 -29.87 14.92
C PHE A 33 -33.28 -31.03 14.01
N GLN A 34 -34.58 -31.23 13.81
CA GLN A 34 -35.05 -32.31 12.97
C GLN A 34 -34.57 -32.16 11.54
N SER A 35 -35.00 -31.07 10.89
CA SER A 35 -34.63 -30.81 9.50
C SER A 35 -33.12 -30.89 9.31
N VAL A 36 -32.38 -30.47 10.32
CA VAL A 36 -30.92 -30.47 10.25
C VAL A 36 -30.31 -31.86 10.36
N ALA A 37 -30.78 -32.64 11.33
CA ALA A 37 -30.26 -33.98 11.53
C ALA A 37 -30.61 -34.86 10.33
N ALA A 38 -31.74 -34.54 9.72
CA ALA A 38 -32.20 -35.28 8.56
C ALA A 38 -31.18 -35.09 7.45
N SER A 39 -30.84 -33.83 7.19
CA SER A 39 -29.87 -33.51 6.16
C SER A 39 -28.56 -34.18 6.50
N TRP A 40 -28.13 -34.05 7.74
CA TRP A 40 -26.87 -34.65 8.15
C TRP A 40 -26.79 -36.12 7.77
N ALA A 41 -27.95 -36.78 7.64
CA ALA A 41 -27.96 -38.19 7.28
C ALA A 41 -27.87 -38.35 5.77
N HIS A 42 -28.44 -37.38 5.04
CA HIS A 42 -28.42 -37.41 3.58
C HIS A 42 -27.05 -37.05 3.04
N ASP A 43 -26.39 -36.09 3.68
CA ASP A 43 -25.06 -35.67 3.22
C ASP A 43 -24.00 -36.69 3.65
N THR A 44 -24.17 -37.25 4.84
CA THR A 44 -23.23 -38.26 5.34
C THR A 44 -23.52 -39.54 4.61
N ASN A 45 -24.75 -39.62 4.14
CA ASN A 45 -25.15 -40.78 3.33
C ASN A 45 -26.19 -40.39 2.31
N ILE A 46 -25.79 -40.37 1.04
CA ILE A 46 -26.67 -39.94 -0.01
C ILE A 46 -27.35 -41.23 -0.52
N THR A 47 -28.55 -41.44 0.00
CA THR A 47 -29.35 -42.61 -0.45
C THR A 47 -30.80 -42.21 -0.77
N ALA A 48 -31.54 -42.99 -1.55
CA ALA A 48 -32.93 -42.59 -1.86
C ALA A 48 -33.81 -42.45 -0.61
N GLU A 49 -33.58 -43.34 0.35
CA GLU A 49 -34.30 -43.35 1.61
C GLU A 49 -34.07 -42.07 2.38
N ASN A 50 -32.81 -41.72 2.59
CA ASN A 50 -32.42 -40.52 3.33
C ASN A 50 -32.94 -39.24 2.65
N ALA A 51 -32.92 -39.23 1.33
CA ALA A 51 -33.38 -38.09 0.53
C ALA A 51 -34.87 -37.86 0.72
N ARG A 52 -35.62 -38.95 0.57
CA ARG A 52 -37.07 -38.91 0.74
C ARG A 52 -37.31 -38.38 2.16
N ARG A 53 -36.51 -38.86 3.11
CA ARG A 53 -36.63 -38.43 4.50
C ARG A 53 -36.43 -36.94 4.50
N GLN A 54 -35.20 -36.52 4.25
CA GLN A 54 -34.88 -35.10 4.21
C GLN A 54 -35.99 -34.27 3.61
N GLU A 55 -36.53 -34.70 2.48
CA GLU A 55 -37.59 -33.96 1.81
C GLU A 55 -38.81 -33.85 2.68
N GLU A 56 -38.95 -34.81 3.58
CA GLU A 56 -40.09 -34.84 4.49
C GLU A 56 -39.85 -33.82 5.59
N ALA A 57 -38.73 -33.97 6.26
CA ALA A 57 -38.35 -33.08 7.36
C ALA A 57 -38.49 -31.61 6.94
N ALA A 58 -38.17 -31.35 5.68
CA ALA A 58 -38.25 -30.01 5.13
C ALA A 58 -39.69 -29.53 5.14
N LEU A 59 -40.59 -30.44 4.77
CA LEU A 59 -42.01 -30.15 4.71
C LEU A 59 -42.57 -29.72 6.06
N LEU A 60 -42.04 -30.32 7.13
CA LEU A 60 -42.46 -29.98 8.48
C LEU A 60 -42.02 -28.54 8.74
N SER A 61 -40.72 -28.32 8.61
CA SER A 61 -40.14 -27.00 8.82
C SER A 61 -40.90 -26.00 8.00
N GLN A 62 -41.08 -26.30 6.73
CA GLN A 62 -41.78 -25.38 5.87
C GLN A 62 -43.08 -25.02 6.49
N GLU A 63 -43.74 -25.91 7.18
CA GLU A 63 -44.88 -25.24 7.63
C GLU A 63 -44.92 -24.86 9.09
N PHE A 64 -43.88 -25.27 9.80
CA PHE A 64 -43.71 -24.83 11.18
C PHE A 64 -43.55 -23.35 10.85
N ALA A 65 -42.63 -23.07 9.93
CA ALA A 65 -42.32 -21.72 9.48
C ALA A 65 -43.52 -20.93 9.01
N GLU A 66 -44.48 -21.61 8.40
CA GLU A 66 -45.62 -20.86 7.96
C GLU A 66 -46.52 -20.47 9.11
N ALA A 67 -46.72 -21.44 10.01
CA ALA A 67 -47.59 -21.20 11.15
C ALA A 67 -47.20 -19.96 11.91
N TRP A 68 -46.02 -19.96 12.50
CA TRP A 68 -45.59 -18.78 13.22
C TRP A 68 -45.37 -17.63 12.27
N GLY A 69 -45.04 -17.96 11.03
CA GLY A 69 -44.82 -16.94 10.03
C GLY A 69 -46.05 -16.06 9.92
N GLN A 70 -47.12 -16.60 9.37
CA GLN A 70 -48.38 -15.87 9.18
C GLN A 70 -49.00 -15.39 10.49
N LYS A 71 -48.61 -16.00 11.60
CA LYS A 71 -49.14 -15.60 12.90
C LYS A 71 -48.42 -14.33 13.32
N ALA A 72 -47.09 -14.40 13.38
CA ALA A 72 -46.25 -13.28 13.76
C ALA A 72 -46.69 -12.01 13.05
N LYS A 73 -47.24 -12.18 11.86
CA LYS A 73 -47.68 -11.07 11.05
C LYS A 73 -49.16 -10.86 11.18
N GLU A 74 -49.83 -11.89 11.66
CA GLU A 74 -51.26 -11.83 11.85
C GLU A 74 -51.61 -10.57 12.63
N LEU A 75 -50.79 -10.26 13.63
CA LEU A 75 -51.03 -9.17 14.55
C LEU A 75 -49.81 -8.33 14.96
N TYR A 76 -48.62 -8.73 14.54
CA TYR A 76 -47.40 -8.04 14.93
C TYR A 76 -46.72 -7.29 13.80
N GLU A 77 -47.46 -7.05 12.73
CA GLU A 77 -46.90 -6.41 11.56
C GLU A 77 -47.02 -4.90 11.40
N PRO A 78 -48.24 -4.38 11.54
CA PRO A 78 -48.55 -2.95 11.40
C PRO A 78 -48.06 -2.08 12.55
N ILE A 79 -47.40 -2.69 13.52
CA ILE A 79 -46.88 -1.95 14.67
C ILE A 79 -45.40 -2.25 14.91
N TRP A 80 -44.90 -3.34 14.35
CA TRP A 80 -43.51 -3.71 14.52
C TRP A 80 -42.76 -2.58 13.85
N GLN A 81 -41.48 -2.41 14.18
CA GLN A 81 -40.66 -1.35 13.57
C GLN A 81 -40.73 -0.17 14.50
N ASN A 82 -41.48 -0.33 15.58
CA ASN A 82 -41.60 0.71 16.57
C ASN A 82 -41.38 0.06 17.93
N PHE A 83 -40.77 -1.12 17.90
CA PHE A 83 -40.51 -1.92 19.08
C PHE A 83 -39.26 -1.49 19.82
N THR A 84 -39.44 -0.90 21.00
CA THR A 84 -38.31 -0.43 21.79
C THR A 84 -37.13 -1.36 21.73
N ASP A 85 -37.30 -2.62 22.12
CA ASP A 85 -36.20 -3.59 22.10
C ASP A 85 -36.00 -4.14 20.69
N PRO A 86 -35.50 -3.32 19.73
CA PRO A 86 -35.38 -3.96 18.43
C PRO A 86 -34.47 -5.16 18.39
N GLN A 87 -33.65 -5.39 19.41
CA GLN A 87 -32.85 -6.60 19.34
C GLN A 87 -33.90 -7.70 19.27
N LEU A 88 -35.16 -7.27 19.21
CA LEU A 88 -36.32 -8.15 19.16
C LEU A 88 -37.14 -7.81 17.93
N ARG A 89 -37.25 -6.52 17.57
CA ARG A 89 -38.03 -6.13 16.39
C ARG A 89 -37.44 -6.89 15.19
N ARG A 90 -36.22 -7.37 15.38
CA ARG A 90 -35.51 -8.11 14.35
C ARG A 90 -35.47 -9.62 14.55
N ILE A 91 -36.29 -10.12 15.45
CA ILE A 91 -36.39 -11.58 15.59
C ILE A 91 -37.75 -11.71 14.95
N ILE A 92 -38.68 -10.88 15.40
CA ILE A 92 -40.01 -10.89 14.84
C ILE A 92 -39.89 -10.64 13.35
N GLY A 93 -38.94 -9.78 12.96
CA GLY A 93 -38.74 -9.51 11.55
C GLY A 93 -38.18 -10.71 10.80
N ALA A 94 -37.51 -11.60 11.51
CA ALA A 94 -36.93 -12.80 10.92
C ALA A 94 -37.98 -13.87 10.78
N VAL A 95 -38.98 -13.83 11.66
CA VAL A 95 -40.06 -14.80 11.64
C VAL A 95 -41.12 -14.45 10.60
N ARG A 96 -41.34 -13.16 10.38
CA ARG A 96 -42.34 -12.72 9.42
C ARG A 96 -41.96 -13.04 7.98
N THR A 97 -40.79 -13.64 7.82
CA THR A 97 -40.33 -13.98 6.48
C THR A 97 -40.06 -15.48 6.40
N LEU A 98 -40.97 -16.14 5.66
CA LEU A 98 -41.03 -17.59 5.46
C LEU A 98 -40.24 -18.08 4.27
N GLY A 99 -40.49 -17.44 3.12
CA GLY A 99 -39.79 -17.75 1.90
C GLY A 99 -40.48 -18.69 0.94
N SER A 100 -40.20 -19.99 1.09
CA SER A 100 -40.83 -21.00 0.24
C SER A 100 -42.15 -21.38 0.90
N ALA A 101 -42.13 -21.43 2.23
CA ALA A 101 -43.31 -21.80 2.96
C ALA A 101 -44.51 -20.93 2.58
N ASN A 102 -44.31 -19.97 1.68
CA ASN A 102 -45.42 -19.15 1.17
C ASN A 102 -45.76 -19.80 -0.16
N LEU A 103 -45.40 -21.07 -0.27
CA LEU A 103 -45.63 -21.83 -1.48
C LEU A 103 -46.61 -22.95 -1.32
N PRO A 104 -47.61 -23.02 -2.20
CA PRO A 104 -48.55 -24.12 -2.01
C PRO A 104 -47.83 -25.47 -1.86
N LEU A 105 -48.45 -26.41 -1.15
CA LEU A 105 -47.88 -27.74 -0.88
C LEU A 105 -47.18 -28.43 -2.06
N ALA A 106 -47.86 -28.47 -3.21
CA ALA A 106 -47.28 -29.11 -4.38
C ALA A 106 -45.93 -28.50 -4.70
N LYS A 107 -45.92 -27.18 -4.88
CA LYS A 107 -44.70 -26.42 -5.21
C LYS A 107 -43.60 -26.61 -4.19
N ARG A 108 -43.95 -26.72 -2.91
CA ARG A 108 -42.94 -26.92 -1.87
C ARG A 108 -42.23 -28.24 -2.08
N GLN A 109 -42.99 -29.26 -2.48
CA GLN A 109 -42.43 -30.60 -2.71
C GLN A 109 -41.54 -30.56 -3.93
N GLN A 110 -41.97 -29.80 -4.94
CA GLN A 110 -41.19 -29.63 -6.14
C GLN A 110 -39.90 -28.98 -5.67
N TYR A 111 -40.05 -27.87 -4.95
CA TYR A 111 -38.92 -27.15 -4.42
C TYR A 111 -37.95 -28.14 -3.79
N ASN A 112 -38.31 -28.67 -2.63
CA ASN A 112 -37.44 -29.60 -1.90
C ASN A 112 -36.85 -30.72 -2.77
N ALA A 113 -37.59 -31.15 -3.79
CA ALA A 113 -37.10 -32.21 -4.66
C ALA A 113 -35.89 -31.68 -5.45
N LEU A 114 -36.08 -30.54 -6.08
CA LEU A 114 -35.01 -29.92 -6.86
C LEU A 114 -33.74 -29.88 -6.02
N LEU A 115 -33.83 -29.26 -4.86
CA LEU A 115 -32.68 -29.16 -3.98
C LEU A 115 -32.00 -30.51 -3.82
N SER A 116 -32.71 -31.46 -3.23
CA SER A 116 -32.21 -32.81 -2.98
C SER A 116 -31.43 -33.34 -4.17
N ASN A 117 -32.04 -33.16 -5.32
CA ASN A 117 -31.46 -33.63 -6.55
C ASN A 117 -30.23 -32.98 -7.05
N MET A 118 -30.32 -31.68 -7.25
CA MET A 118 -29.20 -30.90 -7.72
C MET A 118 -27.98 -31.29 -6.90
N SER A 119 -28.10 -31.23 -5.58
CA SER A 119 -26.98 -31.60 -4.74
C SER A 119 -26.51 -33.03 -4.98
N ARG A 120 -27.44 -33.86 -5.46
CA ARG A 120 -27.15 -35.26 -5.73
C ARG A 120 -26.48 -35.37 -7.08
N ILE A 121 -27.02 -34.64 -8.05
CA ILE A 121 -26.42 -34.67 -9.38
C ILE A 121 -25.02 -34.11 -9.29
N TYR A 122 -24.88 -33.03 -8.53
CA TYR A 122 -23.58 -32.38 -8.36
C TYR A 122 -22.59 -33.24 -7.60
N SER A 123 -23.08 -33.96 -6.60
CA SER A 123 -22.20 -34.75 -5.77
C SER A 123 -22.06 -36.20 -6.17
N THR A 124 -22.65 -36.53 -7.30
CA THR A 124 -22.64 -37.90 -7.71
C THR A 124 -21.89 -38.06 -8.99
N ALA A 125 -21.72 -36.96 -9.71
CA ALA A 125 -21.06 -36.96 -11.02
C ALA A 125 -19.62 -37.46 -11.11
N LYS A 126 -19.28 -37.90 -12.32
CA LYS A 126 -17.97 -38.46 -12.52
C LYS A 126 -17.46 -38.33 -13.94
N VAL A 127 -16.15 -38.49 -14.08
CA VAL A 127 -15.52 -38.38 -15.37
C VAL A 127 -14.89 -39.72 -15.75
N CYS A 128 -15.29 -40.23 -16.91
CA CYS A 128 -14.83 -41.54 -17.36
C CYS A 128 -13.94 -41.41 -18.60
N LEU A 129 -12.97 -42.30 -18.71
CA LEU A 129 -12.00 -42.25 -19.80
C LEU A 129 -12.54 -42.96 -21.04
N PRO A 130 -12.00 -42.60 -22.20
CA PRO A 130 -12.69 -42.81 -23.48
C PRO A 130 -12.86 -44.29 -23.79
N ASN A 131 -11.75 -44.96 -24.13
CA ASN A 131 -11.81 -46.35 -24.59
C ASN A 131 -12.00 -47.33 -23.46
N LYS A 132 -11.03 -47.37 -22.55
CA LYS A 132 -11.23 -48.00 -21.24
C LYS A 132 -12.37 -47.33 -20.48
N THR A 133 -13.52 -48.01 -20.43
CA THR A 133 -14.43 -47.87 -19.30
C THR A 133 -13.66 -48.41 -18.11
N ALA A 134 -12.66 -47.66 -17.67
CA ALA A 134 -11.88 -48.03 -16.50
C ALA A 134 -12.12 -46.93 -15.47
N THR A 135 -11.67 -47.15 -14.25
CA THR A 135 -12.26 -46.49 -13.08
C THR A 135 -12.49 -45.01 -13.35
N CYS A 136 -13.72 -44.56 -13.13
CA CYS A 136 -14.10 -43.18 -13.42
C CYS A 136 -13.73 -42.25 -12.27
N TRP A 137 -13.09 -41.13 -12.61
CA TRP A 137 -12.63 -40.19 -11.60
C TRP A 137 -13.76 -39.40 -10.94
N SER A 138 -13.55 -38.93 -9.72
CA SER A 138 -14.55 -38.13 -9.01
C SER A 138 -13.94 -36.77 -8.62
N LEU A 139 -14.77 -35.75 -8.55
CA LEU A 139 -14.31 -34.39 -8.19
C LEU A 139 -13.32 -34.44 -7.01
N ASP A 140 -13.65 -35.15 -5.95
CA ASP A 140 -12.73 -35.26 -4.79
C ASP A 140 -12.64 -36.72 -4.59
N PRO A 141 -11.42 -37.28 -4.67
CA PRO A 141 -10.21 -36.45 -4.72
C PRO A 141 -9.67 -36.35 -6.15
N ASP A 142 -9.87 -37.39 -6.94
CA ASP A 142 -9.16 -37.54 -8.21
C ASP A 142 -9.05 -36.21 -8.94
N LEU A 143 -10.18 -35.71 -9.41
CA LEU A 143 -10.19 -34.51 -10.26
C LEU A 143 -9.41 -33.37 -9.61
N THR A 144 -9.71 -33.09 -8.35
CA THR A 144 -9.04 -32.04 -7.63
C THR A 144 -7.53 -32.20 -7.72
N ASN A 145 -6.98 -33.34 -7.30
CA ASN A 145 -5.54 -33.52 -7.36
C ASN A 145 -4.96 -33.31 -8.74
N ILE A 146 -5.65 -33.80 -9.77
CA ILE A 146 -5.16 -33.65 -11.14
C ILE A 146 -4.99 -32.19 -11.51
N LEU A 147 -5.87 -31.36 -10.97
CA LEU A 147 -5.77 -29.96 -11.27
C LEU A 147 -4.69 -29.37 -10.40
N ALA A 148 -4.72 -29.72 -9.13
CA ALA A 148 -3.77 -29.21 -8.17
C ALA A 148 -2.31 -29.49 -8.52
N SER A 149 -2.01 -30.61 -9.17
CA SER A 149 -0.60 -30.88 -9.44
C SER A 149 -0.19 -31.51 -10.77
N SER A 150 -1.11 -31.64 -11.71
CA SER A 150 -0.73 -32.21 -12.98
C SER A 150 -0.33 -31.09 -13.91
N ARG A 151 0.77 -31.25 -14.64
CA ARG A 151 1.18 -30.21 -15.58
C ARG A 151 1.08 -30.65 -17.04
N SER A 152 0.12 -31.51 -17.32
CA SER A 152 -0.10 -31.97 -18.67
C SER A 152 -1.30 -31.21 -19.19
N TYR A 153 -1.08 -30.34 -20.16
CA TYR A 153 -2.18 -29.54 -20.67
C TYR A 153 -3.38 -30.40 -21.03
N ALA A 154 -3.15 -31.37 -21.91
CA ALA A 154 -4.22 -32.26 -22.34
C ALA A 154 -4.93 -32.89 -21.14
N MET A 155 -4.16 -33.43 -20.20
CA MET A 155 -4.76 -34.08 -19.04
C MET A 155 -5.66 -33.13 -18.26
N LEU A 156 -5.15 -31.94 -17.96
CA LEU A 156 -5.97 -30.97 -17.25
C LEU A 156 -7.24 -30.67 -18.07
N LEU A 157 -7.07 -30.55 -19.38
CA LEU A 157 -8.19 -30.27 -20.27
C LEU A 157 -9.25 -31.36 -20.20
N PHE A 158 -8.83 -32.61 -20.12
CA PHE A 158 -9.78 -33.70 -20.05
C PHE A 158 -10.58 -33.61 -18.75
N ALA A 159 -9.93 -33.27 -17.64
CA ALA A 159 -10.64 -33.18 -16.39
C ALA A 159 -11.49 -31.92 -16.29
N TRP A 160 -11.01 -30.83 -16.88
CA TRP A 160 -11.74 -29.57 -16.83
C TRP A 160 -13.03 -29.67 -17.64
N GLU A 161 -12.91 -30.27 -18.81
CA GLU A 161 -14.05 -30.47 -19.71
C GLU A 161 -14.93 -31.59 -19.13
N GLY A 162 -14.30 -32.69 -18.71
CA GLY A 162 -15.03 -33.78 -18.13
C GLY A 162 -15.96 -33.33 -17.02
N TRP A 163 -15.39 -32.66 -16.03
CA TRP A 163 -16.17 -32.18 -14.91
C TRP A 163 -17.24 -31.16 -15.27
N HIS A 164 -16.94 -30.27 -16.19
CA HIS A 164 -17.90 -29.25 -16.56
C HIS A 164 -19.09 -29.74 -17.36
N ASN A 165 -18.90 -30.79 -18.14
CA ASN A 165 -20.01 -31.32 -18.89
C ASN A 165 -20.80 -32.20 -17.94
N ALA A 166 -20.07 -33.12 -17.29
CA ALA A 166 -20.63 -34.08 -16.35
C ALA A 166 -21.50 -33.46 -15.26
N ALA A 167 -21.09 -32.35 -14.70
CA ALA A 167 -21.87 -31.75 -13.64
C ALA A 167 -22.87 -30.73 -14.10
N GLY A 168 -22.49 -29.93 -15.08
CA GLY A 168 -23.38 -28.88 -15.53
C GLY A 168 -24.60 -29.21 -16.35
N ILE A 169 -24.37 -29.83 -17.52
CA ILE A 169 -25.44 -30.16 -18.44
C ILE A 169 -26.73 -30.72 -17.80
N PRO A 170 -26.61 -31.76 -16.97
CA PRO A 170 -27.82 -32.32 -16.36
C PRO A 170 -28.49 -31.37 -15.37
N LEU A 171 -27.69 -30.55 -14.75
CA LEU A 171 -28.10 -29.58 -13.75
C LEU A 171 -28.94 -28.38 -14.22
N LYS A 172 -28.73 -27.97 -15.46
CA LYS A 172 -29.38 -26.80 -16.01
C LYS A 172 -30.89 -26.72 -15.88
N PRO A 173 -31.62 -27.69 -16.46
CA PRO A 173 -33.09 -27.68 -16.38
C PRO A 173 -33.63 -27.58 -14.96
N LEU A 174 -33.03 -28.31 -14.03
CA LEU A 174 -33.46 -28.23 -12.64
C LEU A 174 -33.24 -26.81 -12.12
N TYR A 175 -32.07 -26.25 -12.39
CA TYR A 175 -31.75 -24.89 -11.90
C TYR A 175 -32.76 -23.87 -12.34
N GLU A 176 -33.09 -23.86 -13.62
CA GLU A 176 -34.05 -22.90 -14.13
C GLU A 176 -35.37 -22.96 -13.37
N ASP A 177 -35.75 -24.18 -13.00
CA ASP A 177 -37.00 -24.42 -12.28
C ASP A 177 -36.92 -24.04 -10.81
N PHE A 178 -35.77 -24.29 -10.22
CA PHE A 178 -35.57 -23.96 -8.82
C PHE A 178 -35.60 -22.45 -8.68
N THR A 179 -35.17 -21.75 -9.71
CA THR A 179 -35.11 -20.32 -9.67
C THR A 179 -36.50 -19.76 -9.73
N ALA A 180 -37.31 -20.26 -10.65
CA ALA A 180 -38.67 -19.77 -10.77
C ALA A 180 -39.38 -19.87 -9.42
N LEU A 181 -39.25 -21.03 -8.77
CA LEU A 181 -39.89 -21.25 -7.49
C LEU A 181 -39.35 -20.36 -6.38
N SER A 182 -38.03 -20.42 -6.15
CA SER A 182 -37.37 -19.60 -5.13
C SER A 182 -37.87 -18.17 -5.27
N ASN A 183 -37.97 -17.69 -6.50
CA ASN A 183 -38.45 -16.34 -6.72
C ASN A 183 -39.85 -16.21 -6.17
N GLU A 184 -40.76 -16.98 -6.77
CA GLU A 184 -42.16 -16.96 -6.39
C GLU A 184 -42.36 -16.89 -4.90
N ALA A 185 -41.55 -17.66 -4.19
CA ALA A 185 -41.61 -17.73 -2.75
C ALA A 185 -41.39 -16.35 -2.08
N TYR A 186 -40.25 -15.70 -2.34
CA TYR A 186 -39.93 -14.39 -1.73
C TYR A 186 -40.54 -13.19 -2.36
N LYS A 187 -41.40 -13.38 -3.36
CA LYS A 187 -42.08 -12.27 -4.06
C LYS A 187 -43.26 -11.96 -3.20
N GLN A 188 -43.35 -12.78 -2.16
CA GLN A 188 -44.41 -12.83 -1.16
C GLN A 188 -44.06 -12.04 0.06
N ASP A 189 -42.82 -12.29 0.41
CA ASP A 189 -42.11 -11.71 1.50
C ASP A 189 -41.62 -10.34 1.14
N GLY A 190 -42.23 -9.73 0.13
CA GLY A 190 -41.83 -8.39 -0.24
C GLY A 190 -40.73 -8.14 -1.27
N PHE A 191 -39.63 -8.88 -1.24
CA PHE A 191 -38.54 -8.66 -2.20
C PHE A 191 -39.01 -8.82 -3.65
N THR A 192 -38.13 -8.56 -4.62
CA THR A 192 -38.49 -8.69 -6.03
C THR A 192 -38.15 -10.07 -6.54
N ASP A 193 -36.99 -10.54 -6.09
CA ASP A 193 -36.48 -11.85 -6.45
C ASP A 193 -35.57 -12.29 -5.31
N THR A 194 -35.13 -13.55 -5.34
CA THR A 194 -34.29 -14.04 -4.27
C THR A 194 -33.01 -13.23 -4.17
N GLY A 195 -32.65 -12.59 -5.28
CA GLY A 195 -31.45 -11.78 -5.28
C GLY A 195 -31.55 -10.70 -4.22
N ALA A 196 -32.59 -9.88 -4.35
CA ALA A 196 -32.82 -8.79 -3.40
C ALA A 196 -32.87 -9.33 -1.97
N TYR A 197 -33.55 -10.46 -1.77
CA TYR A 197 -33.66 -11.04 -0.43
C TYR A 197 -32.26 -11.36 0.11
N TRP A 198 -31.43 -11.90 -0.76
CA TRP A 198 -30.07 -12.26 -0.38
C TRP A 198 -29.24 -11.04 -0.03
N ARG A 199 -29.41 -9.93 -0.74
CA ARG A 199 -28.61 -8.78 -0.38
C ARG A 199 -29.30 -7.74 0.51
N SER A 200 -30.36 -8.18 1.19
CA SER A 200 -31.07 -7.34 2.15
C SER A 200 -30.43 -7.69 3.49
N TRP A 201 -29.59 -8.73 3.46
CA TRP A 201 -28.91 -9.23 4.65
C TRP A 201 -27.70 -8.47 5.08
N TYR A 202 -27.39 -7.38 4.40
CA TYR A 202 -26.24 -6.60 4.80
C TYR A 202 -26.71 -5.24 5.27
N ASN A 203 -28.02 -5.04 5.15
CA ASN A 203 -28.63 -3.80 5.59
C ASN A 203 -27.77 -2.61 5.19
N SER A 204 -27.70 -2.34 3.90
CA SER A 204 -26.94 -1.21 3.40
C SER A 204 -27.65 -0.85 2.12
N PRO A 205 -28.36 0.28 2.10
CA PRO A 205 -29.05 0.63 0.86
C PRO A 205 -28.06 0.84 -0.29
N THR A 206 -26.80 0.79 0.10
CA THR A 206 -25.71 1.12 -0.73
C THR A 206 -24.76 -0.05 -1.05
N PHE A 207 -25.07 -1.21 -0.48
CA PHE A 207 -24.31 -2.45 -0.63
C PHE A 207 -23.61 -2.70 -1.96
N GLU A 208 -24.38 -2.83 -3.04
CA GLU A 208 -23.79 -3.10 -4.35
C GLU A 208 -22.74 -2.08 -4.77
N ASP A 209 -23.03 -0.80 -4.61
CA ASP A 209 -22.07 0.22 -4.98
C ASP A 209 -20.84 0.09 -4.13
N ASP A 210 -21.03 0.03 -2.81
CA ASP A 210 -19.91 -0.10 -1.90
C ASP A 210 -18.99 -1.24 -2.35
N LEU A 211 -19.57 -2.25 -2.97
CA LEU A 211 -18.81 -3.39 -3.44
C LEU A 211 -18.08 -3.12 -4.75
N GLU A 212 -18.80 -2.49 -5.68
CA GLU A 212 -18.21 -2.17 -6.98
C GLU A 212 -17.00 -1.28 -6.78
N HIS A 213 -17.16 -0.30 -5.89
CA HIS A 213 -16.07 0.60 -5.56
C HIS A 213 -14.93 -0.21 -4.96
N LEU A 214 -15.22 -0.88 -3.86
CA LEU A 214 -14.21 -1.65 -3.17
C LEU A 214 -13.43 -2.54 -4.09
N TYR A 215 -14.03 -2.91 -5.22
CA TYR A 215 -13.33 -3.79 -6.14
C TYR A 215 -12.31 -3.00 -6.94
N GLN A 216 -12.73 -1.85 -7.47
CA GLN A 216 -11.82 -0.97 -8.23
C GLN A 216 -10.52 -0.80 -7.46
N GLN A 217 -10.64 -0.52 -6.17
CA GLN A 217 -9.47 -0.34 -5.33
C GLN A 217 -8.55 -1.53 -5.38
N LEU A 218 -9.10 -2.73 -5.53
CA LEU A 218 -8.30 -3.95 -5.54
C LEU A 218 -7.99 -4.49 -6.91
N GLU A 219 -8.80 -4.17 -7.92
CA GLU A 219 -8.57 -4.70 -9.26
C GLU A 219 -7.10 -4.68 -9.70
N PRO A 220 -6.41 -3.54 -9.50
CA PRO A 220 -5.01 -3.41 -9.88
C PRO A 220 -4.19 -4.54 -9.27
N LEU A 221 -4.52 -4.89 -8.04
CA LEU A 221 -3.83 -5.95 -7.33
C LEU A 221 -3.91 -7.22 -8.12
N TYR A 222 -5.13 -7.58 -8.52
CA TYR A 222 -5.35 -8.81 -9.27
C TYR A 222 -4.66 -8.77 -10.62
N LEU A 223 -5.02 -7.78 -11.43
CA LEU A 223 -4.44 -7.61 -12.76
C LEU A 223 -2.92 -7.84 -12.78
N ASN A 224 -2.23 -7.43 -11.71
CA ASN A 224 -0.79 -7.63 -11.69
C ASN A 224 -0.41 -9.05 -11.32
N LEU A 225 -1.09 -9.63 -10.34
CA LEU A 225 -0.78 -11.02 -9.97
C LEU A 225 -1.06 -11.86 -11.22
N HIS A 226 -2.08 -11.44 -11.96
CA HIS A 226 -2.49 -12.10 -13.19
C HIS A 226 -1.37 -12.12 -14.25
N ALA A 227 -0.99 -10.94 -14.76
CA ALA A 227 0.05 -10.84 -15.80
C ALA A 227 1.33 -11.58 -15.41
N PHE A 228 1.64 -11.54 -14.12
CA PHE A 228 2.84 -12.19 -13.58
C PHE A 228 2.79 -13.71 -13.71
N VAL A 229 1.66 -14.28 -13.34
CA VAL A 229 1.44 -15.72 -13.44
C VAL A 229 1.24 -16.10 -14.89
N ARG A 230 0.50 -15.29 -15.63
CA ARG A 230 0.25 -15.60 -17.04
C ARG A 230 1.56 -15.78 -17.77
N ARG A 231 2.57 -15.05 -17.31
CA ARG A 231 3.85 -15.13 -17.96
C ARG A 231 4.63 -16.33 -17.43
N ALA A 232 4.51 -16.61 -16.14
CA ALA A 232 5.20 -17.78 -15.62
C ALA A 232 4.60 -18.98 -16.37
N LEU A 233 3.28 -18.96 -16.58
CA LEU A 233 2.63 -20.06 -17.29
C LEU A 233 3.08 -20.16 -18.75
N HIS A 234 3.15 -19.04 -19.44
CA HIS A 234 3.60 -19.03 -20.83
C HIS A 234 4.92 -19.79 -20.89
N ARG A 235 5.77 -19.51 -19.91
CA ARG A 235 7.10 -20.10 -19.77
C ARG A 235 7.10 -21.62 -19.79
N ARG A 236 6.06 -22.22 -19.22
CA ARG A 236 5.95 -23.67 -19.13
C ARG A 236 5.16 -24.36 -20.23
N TYR A 237 4.05 -23.78 -20.67
CA TYR A 237 3.26 -24.42 -21.72
C TYR A 237 3.54 -23.89 -23.10
N GLY A 238 4.22 -22.76 -23.17
CA GLY A 238 4.55 -22.24 -24.48
C GLY A 238 3.70 -21.13 -25.05
N ASP A 239 3.92 -20.89 -26.32
CA ASP A 239 3.24 -19.82 -27.03
C ASP A 239 1.93 -20.23 -27.70
N ARG A 240 1.72 -21.52 -27.89
CA ARG A 240 0.50 -21.99 -28.53
C ARG A 240 -0.66 -22.00 -27.56
N TYR A 241 -0.41 -22.47 -26.34
CA TYR A 241 -1.45 -22.58 -25.33
C TYR A 241 -1.69 -21.32 -24.51
N ILE A 242 -0.68 -20.48 -24.38
CA ILE A 242 -0.84 -19.23 -23.62
C ILE A 242 -0.67 -17.98 -24.49
N ASN A 243 -1.53 -16.99 -24.27
CA ASN A 243 -1.44 -15.74 -25.00
C ASN A 243 -1.06 -14.64 -24.00
N LEU A 244 0.13 -14.09 -24.18
CA LEU A 244 0.64 -13.03 -23.30
C LEU A 244 -0.20 -11.75 -23.31
N ARG A 245 -1.15 -11.69 -24.22
CA ARG A 245 -2.05 -10.56 -24.38
C ARG A 245 -3.52 -10.93 -24.31
N GLY A 246 -3.82 -12.14 -23.84
CA GLY A 246 -5.19 -12.58 -23.77
C GLY A 246 -5.49 -13.17 -22.42
N PRO A 247 -6.73 -13.65 -22.20
CA PRO A 247 -7.09 -14.24 -20.92
C PRO A 247 -6.43 -15.60 -20.79
N ILE A 248 -6.18 -16.01 -19.54
CA ILE A 248 -5.56 -17.30 -19.28
C ILE A 248 -6.58 -18.44 -19.42
N PRO A 249 -6.16 -19.61 -19.94
CA PRO A 249 -7.07 -20.75 -20.10
C PRO A 249 -7.44 -21.29 -18.70
N ALA A 250 -8.73 -21.29 -18.40
CA ALA A 250 -9.27 -21.69 -17.09
C ALA A 250 -8.84 -22.97 -16.36
N HIS A 251 -8.16 -23.87 -17.04
CA HIS A 251 -7.74 -25.11 -16.40
C HIS A 251 -6.27 -25.17 -15.98
N LEU A 252 -5.53 -24.08 -16.14
CA LEU A 252 -4.11 -24.10 -15.80
C LEU A 252 -3.73 -23.47 -14.47
N LEU A 253 -4.70 -22.82 -13.84
CA LEU A 253 -4.45 -22.15 -12.56
C LEU A 253 -4.41 -23.07 -11.34
N GLY A 254 -4.34 -24.39 -11.60
CA GLY A 254 -4.28 -25.37 -10.52
C GLY A 254 -5.52 -25.66 -9.68
N ASP A 255 -6.67 -25.16 -10.11
CA ASP A 255 -7.94 -25.34 -9.40
C ASP A 255 -9.10 -25.27 -10.39
N MET A 256 -9.99 -26.27 -10.31
CA MET A 256 -11.15 -26.45 -11.21
C MET A 256 -11.88 -25.19 -11.65
N TRP A 257 -11.97 -24.23 -10.76
CA TRP A 257 -12.65 -22.99 -11.10
C TRP A 257 -11.69 -21.81 -11.26
N ALA A 258 -10.41 -22.07 -11.02
CA ALA A 258 -9.38 -21.04 -11.11
C ALA A 258 -9.64 -19.96 -10.07
N GLN A 259 -10.21 -20.37 -8.93
CA GLN A 259 -10.51 -19.44 -7.84
C GLN A 259 -9.35 -19.14 -6.90
N SER A 260 -8.35 -20.02 -6.89
CA SER A 260 -7.17 -19.80 -6.07
C SER A 260 -6.00 -20.53 -6.73
N TRP A 261 -4.89 -19.82 -6.92
CA TRP A 261 -3.75 -20.38 -7.62
C TRP A 261 -2.61 -20.93 -6.77
N GLU A 262 -2.76 -20.94 -5.46
CA GLU A 262 -1.73 -21.43 -4.55
C GLU A 262 -1.20 -22.82 -4.80
N ASN A 263 -1.72 -23.48 -5.83
CA ASN A 263 -1.27 -24.82 -6.11
C ASN A 263 -0.36 -24.81 -7.29
N ILE A 264 0.05 -23.64 -7.72
CA ILE A 264 0.99 -23.56 -8.82
C ILE A 264 2.18 -22.72 -8.35
N TYR A 265 2.20 -22.48 -7.04
CA TYR A 265 3.24 -21.71 -6.37
C TYR A 265 4.61 -22.14 -6.85
N ASP A 266 4.80 -23.44 -7.06
CA ASP A 266 6.11 -23.94 -7.48
C ASP A 266 6.46 -23.55 -8.91
N MET A 267 5.52 -22.93 -9.61
CA MET A 267 5.76 -22.52 -10.99
C MET A 267 5.91 -21.01 -11.11
N VAL A 268 5.56 -20.30 -10.04
CA VAL A 268 5.65 -18.85 -10.08
C VAL A 268 6.51 -18.31 -8.95
N VAL A 269 6.77 -19.15 -7.96
CA VAL A 269 7.58 -18.74 -6.84
C VAL A 269 8.70 -17.88 -7.41
N PRO A 270 8.76 -16.61 -6.99
CA PRO A 270 9.79 -15.69 -7.48
C PRO A 270 11.20 -16.15 -7.13
N PHE A 271 11.51 -16.21 -5.84
CA PHE A 271 12.84 -16.64 -5.42
C PHE A 271 12.82 -18.09 -4.96
N PRO A 272 13.05 -19.02 -5.90
CA PRO A 272 13.06 -20.44 -5.54
C PRO A 272 14.37 -20.71 -4.86
N ASP A 273 14.74 -21.98 -4.74
CA ASP A 273 15.99 -22.36 -4.12
C ASP A 273 16.08 -21.89 -2.67
N LYS A 274 14.95 -21.49 -2.10
CA LYS A 274 14.92 -21.06 -0.70
C LYS A 274 13.98 -21.99 0.05
N PRO A 275 13.94 -21.89 1.39
CA PRO A 275 13.03 -22.79 2.12
C PRO A 275 11.62 -22.71 1.53
N ASN A 276 10.98 -23.88 1.37
CA ASN A 276 9.64 -23.97 0.78
C ASN A 276 8.53 -23.64 1.77
N LEU A 277 7.72 -22.64 1.43
CA LEU A 277 6.62 -22.24 2.31
C LEU A 277 5.46 -23.18 2.05
N ASP A 278 5.78 -24.47 1.90
CA ASP A 278 4.71 -25.41 1.66
C ASP A 278 4.87 -26.71 2.43
N VAL A 279 4.21 -26.75 3.57
CA VAL A 279 4.28 -27.90 4.39
C VAL A 279 3.07 -28.59 3.83
N THR A 280 3.17 -29.03 2.59
CA THR A 280 2.08 -29.70 1.93
C THR A 280 2.81 -30.94 1.83
N SER A 281 4.09 -30.80 2.12
CA SER A 281 5.01 -31.94 2.07
C SER A 281 5.48 -32.62 3.39
N THR A 282 5.72 -31.83 4.43
CA THR A 282 6.21 -32.38 5.67
C THR A 282 5.07 -32.71 6.63
N MET A 283 3.84 -32.52 6.16
CA MET A 283 2.72 -32.88 6.99
C MET A 283 2.67 -34.39 6.79
N LEU A 284 2.91 -34.79 5.55
CA LEU A 284 2.92 -36.21 5.19
C LEU A 284 4.12 -36.91 5.84
N GLN A 285 5.29 -36.29 5.72
CA GLN A 285 6.54 -36.82 6.26
C GLN A 285 6.42 -37.32 7.68
N GLN A 286 5.80 -36.48 8.50
CA GLN A 286 5.65 -36.73 9.94
C GLN A 286 4.81 -37.91 10.42
N GLY A 287 3.50 -37.83 10.23
CA GLY A 287 2.60 -38.92 10.63
C GLY A 287 1.30 -38.25 11.00
N TRP A 288 0.62 -37.74 10.00
CA TRP A 288 -0.57 -36.93 10.21
C TRP A 288 -2.01 -37.36 9.91
N ASN A 289 -2.73 -37.88 10.91
CA ASN A 289 -4.12 -38.26 10.71
C ASN A 289 -4.89 -37.03 10.32
N ALA A 290 -6.04 -37.24 9.70
CA ALA A 290 -6.88 -36.13 9.31
C ALA A 290 -7.39 -35.52 10.60
N THR A 291 -7.29 -36.29 11.67
CA THR A 291 -7.73 -35.83 12.99
C THR A 291 -6.68 -34.89 13.54
N HIS A 292 -5.41 -35.29 13.39
CA HIS A 292 -4.30 -34.48 13.85
C HIS A 292 -4.50 -33.02 13.40
N MET A 293 -5.07 -32.86 12.21
CA MET A 293 -5.33 -31.53 11.65
C MET A 293 -6.39 -30.77 12.44
N PHE A 294 -7.47 -31.45 12.83
CA PHE A 294 -8.53 -30.79 13.59
C PHE A 294 -8.08 -30.56 15.04
N ARG A 295 -6.90 -31.05 15.35
CA ARG A 295 -6.31 -30.97 16.69
C ARG A 295 -5.39 -29.79 16.87
N VAL A 296 -4.70 -29.45 15.78
CA VAL A 296 -3.78 -28.33 15.76
C VAL A 296 -4.63 -27.08 15.59
N ALA A 297 -5.62 -27.17 14.72
CA ALA A 297 -6.52 -26.04 14.49
C ALA A 297 -7.17 -25.72 15.81
N GLU A 298 -7.42 -26.76 16.58
CA GLU A 298 -8.04 -26.64 17.89
C GLU A 298 -7.15 -25.76 18.74
N GLU A 299 -6.04 -26.39 19.12
CA GLU A 299 -5.00 -25.78 19.94
C GLU A 299 -4.71 -24.29 19.73
N PHE A 300 -4.95 -23.78 18.52
CA PHE A 300 -4.73 -22.35 18.29
C PHE A 300 -5.89 -21.70 19.04
N PHE A 301 -7.11 -22.16 18.74
CA PHE A 301 -8.33 -21.64 19.34
C PHE A 301 -8.38 -21.59 20.85
N THR A 302 -7.85 -22.62 21.49
CA THR A 302 -7.83 -22.69 22.94
C THR A 302 -7.09 -21.44 23.43
N SER A 303 -5.82 -21.46 23.06
CA SER A 303 -4.77 -20.46 23.27
C SER A 303 -5.43 -19.12 23.08
N LEU A 304 -6.25 -19.05 22.04
CA LEU A 304 -7.08 -17.87 21.81
C LEU A 304 -8.29 -17.85 22.73
N GLU A 305 -8.05 -18.10 24.02
CA GLU A 305 -9.00 -17.72 25.05
C GLU A 305 -10.43 -18.06 24.65
N LEU A 306 -10.58 -19.13 23.87
CA LEU A 306 -11.88 -19.51 23.32
C LEU A 306 -12.14 -20.99 23.50
N SER A 307 -13.42 -21.37 23.56
CA SER A 307 -13.81 -22.75 23.81
C SER A 307 -13.32 -23.76 22.79
N PRO A 308 -12.99 -24.98 23.27
CA PRO A 308 -12.51 -26.09 22.46
C PRO A 308 -13.68 -26.84 21.86
N MET A 309 -13.38 -27.83 21.05
CA MET A 309 -14.44 -28.59 20.43
C MET A 309 -15.13 -29.47 21.46
N PRO A 310 -16.48 -29.39 21.56
CA PRO A 310 -17.25 -30.19 22.52
C PRO A 310 -17.07 -31.68 22.21
N PRO A 311 -17.42 -32.57 23.17
CA PRO A 311 -17.25 -33.99 22.86
C PRO A 311 -18.23 -34.45 21.76
N GLU A 312 -19.44 -33.88 21.76
CA GLU A 312 -20.43 -34.21 20.75
C GLU A 312 -19.85 -34.04 19.36
N PHE A 313 -19.17 -32.90 19.15
CA PHE A 313 -18.52 -32.56 17.88
C PHE A 313 -17.50 -33.62 17.49
N TRP A 314 -16.66 -33.96 18.44
CA TRP A 314 -15.61 -34.91 18.19
C TRP A 314 -16.12 -36.27 17.73
N GLU A 315 -17.40 -36.57 17.97
CA GLU A 315 -17.91 -37.87 17.53
C GLU A 315 -19.10 -37.75 16.58
N GLY A 316 -19.90 -36.71 16.76
CA GLY A 316 -21.01 -36.51 15.84
C GLY A 316 -20.41 -35.83 14.61
N SER A 317 -19.16 -36.19 14.28
CA SER A 317 -18.44 -35.56 13.17
C SER A 317 -17.78 -36.45 12.13
N MET A 318 -17.82 -36.00 10.87
CA MET A 318 -17.20 -36.74 9.80
C MET A 318 -16.02 -35.94 9.25
N LEU A 319 -14.82 -36.39 9.59
CA LEU A 319 -13.62 -35.70 9.16
C LEU A 319 -12.79 -36.44 8.11
N GLU A 320 -13.31 -37.54 7.59
CA GLU A 320 -12.61 -38.28 6.54
C GLU A 320 -13.66 -38.82 5.57
N LYS A 321 -13.29 -39.04 4.30
CA LYS A 321 -14.24 -39.60 3.34
C LYS A 321 -14.38 -41.04 3.85
N PRO A 322 -15.58 -41.39 4.36
CA PRO A 322 -15.90 -42.71 4.91
C PRO A 322 -15.39 -43.92 4.15
N ALA A 323 -15.43 -45.08 4.80
CA ALA A 323 -14.94 -46.31 4.19
C ALA A 323 -16.03 -47.31 3.75
N ASP A 324 -17.23 -47.16 4.31
CA ASP A 324 -18.35 -48.04 3.98
C ASP A 324 -18.80 -47.81 2.54
N GLY A 325 -18.12 -46.88 1.87
CA GLY A 325 -18.40 -46.56 0.48
C GLY A 325 -19.60 -45.66 0.25
N ARG A 326 -20.17 -45.18 1.33
CA ARG A 326 -21.37 -44.36 1.33
C ARG A 326 -21.29 -42.99 0.64
N GLU A 327 -21.62 -42.95 -0.65
CA GLU A 327 -21.61 -41.70 -1.43
C GLU A 327 -21.99 -40.49 -0.57
N VAL A 328 -21.04 -39.60 -0.38
CA VAL A 328 -21.28 -38.44 0.46
C VAL A 328 -20.95 -37.14 -0.22
N VAL A 329 -21.51 -36.06 0.31
CA VAL A 329 -21.27 -34.71 -0.17
C VAL A 329 -19.91 -34.32 0.43
N CYS A 330 -18.84 -34.66 -0.28
CA CYS A 330 -17.50 -34.41 0.21
C CYS A 330 -17.12 -33.00 0.58
N HIS A 331 -17.90 -32.02 0.15
CA HIS A 331 -17.57 -30.62 0.47
C HIS A 331 -17.30 -30.44 1.94
N ALA A 332 -16.60 -29.37 2.29
CA ALA A 332 -16.33 -29.08 3.68
C ALA A 332 -17.44 -28.13 4.11
N SER A 333 -18.04 -28.39 5.26
CA SER A 333 -19.11 -27.53 5.78
C SER A 333 -19.22 -27.69 7.30
N ALA A 334 -19.87 -26.73 7.94
CA ALA A 334 -20.05 -26.74 9.40
C ALA A 334 -21.54 -26.75 9.75
N TRP A 335 -21.91 -27.61 10.69
CA TRP A 335 -23.30 -27.74 11.06
C TRP A 335 -23.72 -27.28 12.45
N ASP A 336 -24.79 -26.51 12.48
CA ASP A 336 -25.37 -25.99 13.71
C ASP A 336 -26.76 -26.61 13.84
N PHE A 337 -26.90 -27.54 14.79
CA PHE A 337 -28.17 -28.23 15.02
C PHE A 337 -29.20 -27.45 15.85
N TYR A 338 -28.90 -26.22 16.22
CA TYR A 338 -29.84 -25.42 16.99
C TYR A 338 -30.37 -26.04 18.26
N ASN A 339 -29.52 -26.81 18.93
CA ASN A 339 -29.91 -27.46 20.17
C ASN A 339 -28.84 -27.19 21.24
N ARG A 340 -28.00 -26.19 20.99
CA ARG A 340 -26.94 -25.80 21.92
C ARG A 340 -26.08 -26.98 22.36
N LYS A 341 -26.23 -28.12 21.71
CA LYS A 341 -25.46 -29.28 22.13
C LYS A 341 -24.78 -30.02 21.00
N ASP A 342 -25.38 -29.99 19.81
CA ASP A 342 -24.80 -30.69 18.67
C ASP A 342 -24.26 -29.72 17.64
N PHE A 343 -22.94 -29.79 17.44
CA PHE A 343 -22.25 -28.95 16.46
C PHE A 343 -21.23 -29.87 15.81
N ARG A 344 -21.31 -30.02 14.49
CA ARG A 344 -20.37 -30.90 13.81
C ARG A 344 -19.87 -30.38 12.47
N ILE A 345 -18.79 -31.01 12.00
CA ILE A 345 -18.16 -30.65 10.75
C ILE A 345 -18.15 -31.84 9.83
N LYS A 346 -18.43 -31.56 8.56
CA LYS A 346 -18.50 -32.59 7.56
C LYS A 346 -17.51 -32.25 6.49
N GLN A 347 -16.60 -33.17 6.22
CA GLN A 347 -15.59 -32.85 5.25
C GLN A 347 -14.76 -34.08 4.94
N CYS A 348 -14.35 -34.25 3.69
CA CYS A 348 -13.56 -35.40 3.28
C CYS A 348 -12.08 -35.04 3.25
N THR A 349 -11.55 -34.97 4.46
CA THR A 349 -10.17 -34.59 4.73
C THR A 349 -8.94 -35.33 4.36
N ARG A 350 -8.17 -34.80 3.44
CA ARG A 350 -6.91 -35.40 3.44
C ARG A 350 -5.67 -34.67 3.07
N VAL A 351 -5.01 -34.46 4.22
CA VAL A 351 -3.71 -34.06 4.44
C VAL A 351 -3.08 -33.05 3.53
N THR A 352 -3.63 -31.85 3.27
CA THR A 352 -2.88 -30.90 2.44
C THR A 352 -2.91 -29.59 3.21
N MET A 353 -1.90 -28.75 2.98
CA MET A 353 -1.81 -27.47 3.64
C MET A 353 -3.10 -26.72 3.32
N ASP A 354 -3.38 -26.71 2.03
CA ASP A 354 -4.55 -26.10 1.42
C ASP A 354 -5.79 -26.49 2.20
N GLN A 355 -5.79 -27.72 2.68
CA GLN A 355 -6.94 -28.12 3.44
C GLN A 355 -6.78 -27.91 4.93
N LEU A 356 -5.53 -27.74 5.39
CA LEU A 356 -5.35 -27.49 6.80
C LEU A 356 -5.89 -26.12 7.14
N SER A 357 -6.04 -25.26 6.13
CA SER A 357 -6.58 -23.92 6.39
C SER A 357 -8.10 -23.98 6.30
N THR A 358 -8.58 -24.92 5.49
CA THR A 358 -10.01 -25.12 5.31
C THR A 358 -10.55 -25.64 6.63
N VAL A 359 -9.75 -26.46 7.30
CA VAL A 359 -10.12 -26.99 8.59
C VAL A 359 -10.31 -25.82 9.56
N HIS A 360 -9.35 -24.88 9.56
CA HIS A 360 -9.45 -23.72 10.43
C HIS A 360 -10.72 -22.95 10.04
N HIS A 361 -10.90 -22.76 8.73
CA HIS A 361 -12.04 -22.04 8.20
C HIS A 361 -13.32 -22.55 8.80
N GLU A 362 -13.45 -23.87 8.77
CA GLU A 362 -14.63 -24.54 9.29
C GLU A 362 -14.74 -24.39 10.79
N MET A 363 -13.64 -24.64 11.51
CA MET A 363 -13.67 -24.47 12.97
C MET A 363 -14.16 -23.08 13.32
N GLY A 364 -13.91 -22.14 12.41
CA GLY A 364 -14.33 -20.77 12.63
C GLY A 364 -15.83 -20.68 12.73
N HIS A 365 -16.52 -21.52 11.98
CA HIS A 365 -17.99 -21.55 11.98
C HIS A 365 -18.47 -22.18 13.27
N ILE A 366 -17.86 -23.32 13.63
CA ILE A 366 -18.19 -24.06 14.84
C ILE A 366 -18.04 -23.16 16.05
N GLN A 367 -16.89 -22.47 16.13
CA GLN A 367 -16.60 -21.56 17.23
C GLN A 367 -17.56 -20.41 17.31
N TYR A 368 -18.10 -20.03 16.16
CA TYR A 368 -19.03 -18.95 16.16
C TYR A 368 -20.26 -19.55 16.81
N TYR A 369 -20.65 -20.77 16.40
CA TYR A 369 -21.83 -21.45 16.97
C TYR A 369 -21.75 -21.53 18.50
N LEU A 370 -20.72 -22.22 18.96
CA LEU A 370 -20.47 -22.39 20.37
C LEU A 370 -20.60 -21.07 21.12
N GLN A 371 -20.17 -19.96 20.51
CA GLN A 371 -20.23 -18.67 21.18
C GLN A 371 -21.60 -18.00 21.27
N TYR A 372 -22.44 -18.17 20.26
CA TYR A 372 -23.73 -17.49 20.34
C TYR A 372 -24.94 -18.38 20.63
N LYS A 373 -24.68 -19.66 20.90
CA LYS A 373 -25.79 -20.56 21.20
C LYS A 373 -26.73 -19.95 22.23
N ASP A 374 -26.18 -19.25 23.21
CA ASP A 374 -27.03 -18.70 24.25
C ASP A 374 -27.86 -17.48 23.93
N LEU A 375 -28.48 -17.47 22.75
CA LEU A 375 -29.37 -16.40 22.35
C LEU A 375 -30.57 -17.08 21.71
N PRO A 376 -31.48 -16.33 21.09
CA PRO A 376 -32.66 -16.90 20.45
C PRO A 376 -32.40 -17.81 19.24
N VAL A 377 -33.43 -17.97 18.42
CA VAL A 377 -33.32 -18.78 17.21
C VAL A 377 -33.01 -17.92 15.99
N SER A 378 -33.77 -16.84 15.83
CA SER A 378 -33.69 -16.02 14.62
C SER A 378 -32.50 -15.08 14.66
N LEU A 379 -31.54 -15.37 15.54
CA LEU A 379 -30.24 -14.71 15.51
C LEU A 379 -29.16 -15.60 16.12
N ARG A 380 -28.45 -16.33 15.27
CA ARG A 380 -27.46 -17.31 15.72
C ARG A 380 -26.46 -16.94 14.58
N ARG A 381 -27.22 -16.29 13.69
CA ARG A 381 -26.81 -16.11 12.41
C ARG A 381 -26.11 -14.81 12.63
N GLY A 382 -24.83 -14.71 12.31
CA GLY A 382 -23.98 -13.68 12.88
C GLY A 382 -24.32 -12.30 12.35
N ALA A 383 -23.46 -11.32 12.65
CA ALA A 383 -23.64 -9.96 12.16
C ALA A 383 -24.08 -9.96 10.71
N ASN A 384 -23.23 -10.48 9.83
CA ASN A 384 -23.63 -10.83 8.48
C ASN A 384 -22.83 -11.99 7.92
N PRO A 385 -23.40 -12.69 6.94
CA PRO A 385 -22.77 -13.89 6.37
C PRO A 385 -21.25 -13.71 6.22
N GLY A 386 -20.83 -12.49 5.93
CA GLY A 386 -19.42 -12.20 5.78
C GLY A 386 -18.62 -12.50 7.03
N PHE A 387 -19.04 -11.93 8.16
CA PHE A 387 -18.35 -12.17 9.43
C PHE A 387 -18.15 -13.66 9.66
N HIS A 388 -19.17 -14.46 9.34
CA HIS A 388 -19.10 -15.91 9.53
C HIS A 388 -17.97 -16.54 8.73
N GLU A 389 -17.91 -16.23 7.44
CA GLU A 389 -16.87 -16.80 6.59
C GLU A 389 -15.48 -16.28 6.96
N ALA A 390 -15.44 -15.18 7.70
CA ALA A 390 -14.17 -14.59 8.11
C ALA A 390 -13.52 -15.27 9.30
N ILE A 391 -14.27 -15.40 10.38
CA ILE A 391 -13.77 -15.96 11.63
C ILE A 391 -12.63 -16.98 11.57
N GLY A 392 -12.75 -18.00 10.74
CA GLY A 392 -11.70 -18.99 10.71
C GLY A 392 -10.52 -18.56 9.87
N ASP A 393 -10.81 -17.72 8.88
CA ASP A 393 -9.76 -17.24 7.98
C ASP A 393 -8.81 -16.33 8.74
N VAL A 394 -9.37 -15.47 9.58
CA VAL A 394 -8.55 -14.57 10.37
C VAL A 394 -7.45 -15.37 11.02
N LEU A 395 -7.83 -16.24 11.96
CA LEU A 395 -6.86 -17.09 12.65
C LEU A 395 -5.97 -17.85 11.70
N ALA A 396 -6.44 -18.05 10.48
CA ALA A 396 -5.66 -18.77 9.47
C ALA A 396 -4.45 -17.92 9.06
N LEU A 397 -4.68 -16.61 8.95
CA LEU A 397 -3.63 -15.67 8.59
C LEU A 397 -2.43 -15.88 9.49
N SER A 398 -2.68 -15.88 10.80
CA SER A 398 -1.61 -16.07 11.77
C SER A 398 -0.95 -17.44 11.64
N VAL A 399 -1.73 -18.45 11.26
CA VAL A 399 -1.17 -19.78 11.15
C VAL A 399 -0.25 -19.87 9.94
N SER A 400 -0.65 -19.25 8.84
CA SER A 400 0.16 -19.32 7.61
C SER A 400 1.57 -18.75 7.72
N THR A 401 1.76 -17.79 8.62
CA THR A 401 3.08 -17.20 8.79
C THR A 401 4.04 -18.37 8.99
N PRO A 402 5.13 -18.41 8.20
CA PRO A 402 6.24 -19.39 8.11
C PRO A 402 6.80 -19.54 9.49
N GLU A 403 6.86 -18.37 10.10
CA GLU A 403 7.31 -18.22 11.43
C GLU A 403 6.26 -18.91 12.33
N HIS A 404 4.95 -18.69 12.16
CA HIS A 404 4.01 -19.40 13.05
C HIS A 404 4.22 -20.89 12.89
N LEU A 405 4.40 -21.36 11.65
CA LEU A 405 4.59 -22.78 11.37
C LEU A 405 5.80 -23.41 12.02
N HIS A 406 6.90 -22.66 12.08
CA HIS A 406 8.11 -23.19 12.70
C HIS A 406 7.84 -23.47 14.16
N LYS A 407 7.06 -22.58 14.75
CA LYS A 407 6.71 -22.71 16.15
C LYS A 407 5.95 -23.99 16.40
N ILE A 408 5.37 -24.54 15.34
CA ILE A 408 4.57 -25.72 15.52
C ILE A 408 5.03 -26.95 14.73
N GLY A 409 6.20 -26.86 14.13
CA GLY A 409 6.84 -28.02 13.50
C GLY A 409 6.86 -28.22 11.98
N LEU A 410 6.38 -27.32 11.14
CA LEU A 410 6.45 -27.71 9.71
C LEU A 410 7.38 -26.84 8.85
N LEU A 411 7.99 -25.85 9.48
CA LEU A 411 8.94 -24.97 8.84
C LEU A 411 10.23 -25.14 9.62
N ASP A 412 11.03 -26.13 9.22
CA ASP A 412 12.24 -26.47 9.95
C ASP A 412 12.98 -25.22 10.42
N ARG A 413 13.21 -24.30 9.49
CA ARG A 413 14.30 -23.33 9.63
C ARG A 413 13.82 -21.92 9.32
N VAL A 414 14.76 -21.02 9.07
CA VAL A 414 14.52 -19.59 9.18
C VAL A 414 15.38 -18.80 8.19
N THR A 415 14.75 -17.89 7.47
CA THR A 415 15.43 -16.71 6.96
C THR A 415 14.51 -15.49 6.95
N ASN A 416 14.71 -14.59 7.90
CA ASN A 416 13.80 -13.47 8.10
C ASN A 416 14.08 -12.31 7.16
N ASP A 417 14.27 -12.63 5.88
CA ASP A 417 14.81 -11.67 4.93
C ASP A 417 13.73 -11.16 3.99
N THR A 418 14.14 -10.50 2.91
CA THR A 418 13.21 -9.93 1.96
C THR A 418 12.76 -11.02 1.01
N GLU A 419 13.72 -11.58 0.27
CA GLU A 419 13.40 -12.65 -0.68
C GLU A 419 12.39 -13.64 -0.13
N SER A 420 12.65 -14.18 1.05
CA SER A 420 11.71 -15.13 1.63
C SER A 420 10.41 -14.40 1.91
N ASP A 421 10.51 -13.15 2.37
CA ASP A 421 9.34 -12.35 2.67
C ASP A 421 8.47 -12.19 1.44
N ILE A 422 9.09 -11.93 0.29
CA ILE A 422 8.37 -11.77 -0.98
C ILE A 422 7.67 -13.10 -1.31
N ASN A 423 8.43 -14.19 -1.31
CA ASN A 423 7.87 -15.51 -1.59
C ASN A 423 6.58 -15.71 -0.77
N TYR A 424 6.69 -15.59 0.54
CA TYR A 424 5.53 -15.75 1.40
C TYR A 424 4.39 -14.91 0.88
N LEU A 425 4.61 -13.61 0.81
CA LEU A 425 3.56 -12.72 0.34
C LEU A 425 2.97 -13.10 -1.01
N LEU A 426 3.78 -13.66 -1.91
CA LEU A 426 3.27 -14.06 -3.21
C LEU A 426 2.36 -15.26 -3.03
N LYS A 427 2.82 -16.24 -2.23
CA LYS A 427 2.01 -17.42 -1.98
C LYS A 427 0.63 -16.98 -1.49
N MET A 428 0.60 -16.20 -0.43
CA MET A 428 -0.66 -15.69 0.10
C MET A 428 -1.45 -14.91 -0.94
N ALA A 429 -0.74 -14.33 -1.91
CA ALA A 429 -1.40 -13.55 -2.95
C ALA A 429 -2.13 -14.48 -3.89
N LEU A 430 -1.52 -15.63 -4.14
CA LEU A 430 -2.10 -16.63 -5.02
C LEU A 430 -3.40 -17.13 -4.43
N GLU A 431 -3.48 -17.13 -3.10
CA GLU A 431 -4.65 -17.61 -2.40
C GLU A 431 -5.74 -16.57 -2.19
N LYS A 432 -5.39 -15.40 -1.69
CA LYS A 432 -6.39 -14.36 -1.43
C LYS A 432 -6.64 -13.38 -2.59
N ILE A 433 -5.59 -12.97 -3.28
CA ILE A 433 -5.77 -12.00 -4.36
C ILE A 433 -6.48 -12.62 -5.55
N ALA A 434 -5.97 -13.74 -6.01
CA ALA A 434 -6.52 -14.42 -7.17
C ALA A 434 -8.00 -14.76 -7.04
N PHE A 435 -8.48 -14.81 -5.79
CA PHE A 435 -9.87 -15.14 -5.52
C PHE A 435 -10.81 -13.94 -5.71
N LEU A 436 -10.38 -12.78 -5.26
CA LEU A 436 -11.20 -11.58 -5.35
C LEU A 436 -12.09 -11.47 -6.59
N PRO A 437 -11.50 -11.54 -7.79
CA PRO A 437 -12.40 -11.42 -8.93
C PRO A 437 -13.56 -12.43 -8.85
N PHE A 438 -13.24 -13.73 -8.80
CA PHE A 438 -14.24 -14.79 -8.74
C PHE A 438 -15.33 -14.50 -7.70
N GLY A 439 -14.91 -14.41 -6.44
CA GLY A 439 -15.84 -14.14 -5.35
C GLY A 439 -16.84 -13.02 -5.65
N TYR A 440 -16.39 -12.02 -6.38
CA TYR A 440 -17.25 -10.89 -6.75
C TYR A 440 -18.25 -11.33 -7.85
N LEU A 441 -17.68 -11.92 -8.90
CA LEU A 441 -18.37 -12.38 -10.08
C LEU A 441 -19.57 -13.30 -9.92
N VAL A 442 -19.40 -14.37 -9.15
CA VAL A 442 -20.46 -15.35 -8.96
C VAL A 442 -21.85 -14.82 -8.66
N ASP A 443 -21.98 -14.10 -7.56
CA ASP A 443 -23.28 -13.59 -7.24
C ASP A 443 -23.66 -12.47 -8.19
N GLN A 444 -22.68 -12.04 -8.98
CA GLN A 444 -22.91 -10.98 -9.94
C GLN A 444 -23.80 -11.64 -10.96
N TRP A 445 -23.39 -12.82 -11.37
CA TRP A 445 -24.10 -13.62 -12.35
C TRP A 445 -25.49 -13.99 -11.83
N ARG A 446 -25.55 -14.47 -10.60
CA ARG A 446 -26.82 -14.87 -10.00
C ARG A 446 -27.84 -13.79 -9.78
N TRP A 447 -27.49 -12.67 -9.16
CA TRP A 447 -28.50 -11.65 -8.93
C TRP A 447 -29.19 -11.35 -10.26
N GLY A 448 -28.47 -11.58 -11.36
CA GLY A 448 -29.01 -11.32 -12.68
C GLY A 448 -29.90 -12.43 -13.21
N VAL A 449 -29.66 -13.64 -12.72
CA VAL A 449 -30.45 -14.78 -13.13
C VAL A 449 -31.77 -14.64 -12.40
N PHE A 450 -31.67 -14.38 -11.10
CA PHE A 450 -32.82 -14.20 -10.22
C PHE A 450 -33.67 -13.02 -10.63
N SER A 451 -33.05 -12.04 -11.28
CA SER A 451 -33.77 -10.86 -11.71
C SER A 451 -34.28 -10.93 -13.15
N GLY A 452 -33.82 -11.91 -13.92
CA GLY A 452 -34.27 -12.00 -15.30
C GLY A 452 -33.32 -11.31 -16.26
N ARG A 453 -32.26 -10.74 -15.72
CA ARG A 453 -31.27 -10.08 -16.54
C ARG A 453 -30.70 -11.18 -17.43
N THR A 454 -30.47 -12.32 -16.80
CA THR A 454 -29.89 -13.45 -17.48
C THR A 454 -30.79 -14.68 -17.51
N PRO A 455 -31.63 -14.81 -18.56
CA PRO A 455 -32.54 -15.96 -18.71
C PRO A 455 -31.73 -17.19 -19.05
N PRO A 456 -32.34 -18.38 -18.94
CA PRO A 456 -31.59 -19.61 -19.26
C PRO A 456 -31.01 -19.54 -20.67
N SER A 457 -31.56 -18.60 -21.44
CA SER A 457 -31.18 -18.34 -22.81
C SER A 457 -29.78 -17.74 -22.91
N ARG A 458 -29.24 -17.30 -21.76
CA ARG A 458 -27.92 -16.69 -21.69
C ARG A 458 -27.15 -17.08 -20.45
N TYR A 459 -27.48 -18.25 -19.89
CA TYR A 459 -26.82 -18.73 -18.70
C TYR A 459 -25.31 -18.87 -18.90
N ASN A 460 -24.88 -19.51 -19.97
CA ASN A 460 -23.45 -19.68 -20.14
C ASN A 460 -22.81 -18.47 -20.78
N PHE A 461 -23.53 -17.82 -21.67
CA PHE A 461 -23.02 -16.64 -22.36
C PHE A 461 -22.78 -15.50 -21.39
N ASP A 462 -23.61 -15.39 -20.36
CA ASP A 462 -23.39 -14.33 -19.38
C ASP A 462 -22.42 -14.78 -18.28
N TRP A 463 -22.19 -16.08 -18.18
CA TRP A 463 -21.26 -16.59 -17.17
C TRP A 463 -19.85 -16.33 -17.65
N TRP A 464 -19.56 -16.62 -18.91
CA TRP A 464 -18.21 -16.41 -19.42
C TRP A 464 -17.93 -14.94 -19.71
N TYR A 465 -19.00 -14.13 -19.77
CA TYR A 465 -18.80 -12.71 -19.96
C TYR A 465 -18.15 -12.26 -18.65
N LEU A 466 -18.80 -12.60 -17.54
CA LEU A 466 -18.30 -12.23 -16.23
C LEU A 466 -16.95 -12.83 -15.90
N ARG A 467 -16.74 -14.10 -16.20
CA ARG A 467 -15.46 -14.76 -15.92
C ARG A 467 -14.32 -14.11 -16.69
N THR A 468 -14.46 -13.98 -18.01
CA THR A 468 -13.42 -13.33 -18.80
C THR A 468 -13.25 -11.92 -18.21
N LYS A 469 -14.32 -11.15 -18.19
CA LYS A 469 -14.30 -9.80 -17.67
C LYS A 469 -13.68 -9.58 -16.30
N TYR A 470 -13.81 -10.50 -15.37
CA TYR A 470 -13.19 -10.25 -14.09
C TYR A 470 -11.92 -11.04 -13.85
N GLN A 471 -11.92 -12.31 -14.21
CA GLN A 471 -10.74 -13.11 -13.98
C GLN A 471 -9.76 -13.13 -15.15
N GLY A 472 -10.21 -12.78 -16.34
CA GLY A 472 -9.31 -12.78 -17.47
C GLY A 472 -8.88 -14.19 -17.77
N ILE A 473 -9.87 -15.06 -17.79
CA ILE A 473 -9.65 -16.46 -18.10
C ILE A 473 -10.68 -16.83 -19.16
N CYS A 474 -10.33 -17.81 -19.96
CA CYS A 474 -11.22 -18.25 -21.00
C CYS A 474 -11.28 -19.78 -20.97
N PRO A 475 -12.37 -20.36 -21.50
CA PRO A 475 -12.60 -21.81 -21.55
C PRO A 475 -11.66 -22.47 -22.55
N PRO A 476 -11.01 -23.56 -22.15
CA PRO A 476 -10.08 -24.30 -23.00
C PRO A 476 -10.69 -24.98 -24.21
N VAL A 477 -11.98 -25.29 -24.16
CA VAL A 477 -12.71 -25.89 -25.29
C VAL A 477 -13.91 -24.99 -25.53
N THR A 478 -14.53 -25.11 -26.70
CA THR A 478 -15.69 -24.27 -27.01
C THR A 478 -16.88 -24.58 -26.14
N ARG A 479 -17.77 -23.61 -25.95
CA ARG A 479 -18.98 -23.80 -25.12
C ARG A 479 -20.19 -23.13 -25.78
N ASN A 480 -21.38 -23.54 -25.36
CA ASN A 480 -22.62 -22.94 -25.85
C ASN A 480 -23.73 -23.00 -24.81
N GLU A 481 -24.95 -22.66 -25.22
CA GLU A 481 -26.09 -22.68 -24.33
C GLU A 481 -26.76 -24.06 -24.32
N THR A 482 -25.94 -25.10 -24.41
CA THR A 482 -26.28 -26.40 -23.83
C THR A 482 -25.43 -26.69 -22.59
N HIS A 483 -24.56 -25.75 -22.25
CA HIS A 483 -23.64 -25.94 -21.18
C HIS A 483 -24.09 -25.14 -20.01
N PHE A 484 -23.55 -25.51 -18.89
CA PHE A 484 -23.91 -24.84 -17.68
C PHE A 484 -22.74 -24.92 -16.76
N ASP A 485 -21.73 -24.11 -17.08
CA ASP A 485 -20.51 -24.12 -16.31
C ASP A 485 -20.68 -23.49 -14.93
N ALA A 486 -21.66 -22.61 -14.78
CA ALA A 486 -21.90 -22.00 -13.47
C ALA A 486 -22.34 -23.11 -12.53
N GLY A 487 -23.08 -24.08 -13.09
CA GLY A 487 -23.55 -25.17 -12.28
C GLY A 487 -22.49 -26.16 -11.81
N ALA A 488 -21.28 -26.07 -12.37
CA ALA A 488 -20.25 -27.02 -11.96
C ALA A 488 -19.55 -26.58 -10.70
N LYS A 489 -20.01 -25.47 -10.14
CA LYS A 489 -19.41 -24.94 -8.91
C LYS A 489 -20.32 -25.36 -7.77
N PHE A 490 -19.79 -26.17 -6.84
CA PHE A 490 -20.56 -26.64 -5.69
C PHE A 490 -21.63 -25.71 -5.12
N HIS A 491 -21.35 -24.42 -5.10
CA HIS A 491 -22.31 -23.45 -4.56
C HIS A 491 -23.56 -23.09 -5.37
N VAL A 492 -23.51 -23.25 -6.69
CA VAL A 492 -24.68 -22.94 -7.54
C VAL A 492 -25.79 -23.97 -7.40
N PRO A 493 -25.42 -25.26 -7.46
CA PRO A 493 -26.37 -26.37 -7.34
C PRO A 493 -26.93 -26.42 -5.93
N ASN A 494 -26.12 -26.17 -4.91
CA ASN A 494 -26.61 -26.24 -3.55
C ASN A 494 -27.18 -24.91 -3.09
N VAL A 495 -27.52 -24.08 -4.07
CA VAL A 495 -28.07 -22.76 -3.77
C VAL A 495 -27.46 -22.06 -2.52
N THR A 496 -26.19 -21.65 -2.58
CA THR A 496 -25.57 -20.94 -1.46
C THR A 496 -25.15 -19.63 -2.03
N PRO A 497 -25.44 -18.54 -1.31
CA PRO A 497 -25.08 -17.19 -1.74
C PRO A 497 -23.54 -17.08 -1.77
N TYR A 498 -22.99 -16.28 -2.67
CA TYR A 498 -21.53 -16.20 -2.77
C TYR A 498 -20.88 -14.85 -2.42
N ILE A 499 -21.58 -13.75 -2.67
CA ILE A 499 -21.02 -12.42 -2.41
C ILE A 499 -20.49 -12.23 -1.00
N ARG A 500 -20.60 -13.25 -0.19
CA ARG A 500 -20.16 -13.15 1.19
C ARG A 500 -18.72 -13.60 1.32
N TYR A 501 -18.22 -14.31 0.31
CA TYR A 501 -16.83 -14.75 0.36
C TYR A 501 -15.93 -13.60 -0.04
N PHE A 502 -16.52 -12.64 -0.74
CA PHE A 502 -15.83 -11.44 -1.17
C PHE A 502 -15.70 -10.61 0.09
N VAL A 503 -16.85 -10.23 0.65
CA VAL A 503 -16.92 -9.45 1.87
C VAL A 503 -15.93 -10.04 2.86
N SER A 504 -15.99 -11.36 2.96
CA SER A 504 -15.12 -12.11 3.84
C SER A 504 -13.64 -11.86 3.58
N PHE A 505 -13.21 -12.01 2.33
CA PHE A 505 -11.81 -11.82 2.00
C PHE A 505 -11.29 -10.39 2.24
N VAL A 506 -12.16 -9.40 2.10
CA VAL A 506 -11.72 -8.04 2.32
C VAL A 506 -11.70 -7.75 3.80
N LEU A 507 -12.70 -8.25 4.51
CA LEU A 507 -12.81 -7.97 5.92
C LEU A 507 -12.17 -8.98 6.86
N GLN A 508 -11.33 -9.84 6.35
CA GLN A 508 -10.70 -10.79 7.23
C GLN A 508 -9.42 -10.15 7.70
N PHE A 509 -8.97 -9.20 6.91
CA PHE A 509 -7.75 -8.47 7.25
C PHE A 509 -8.07 -7.32 8.19
N GLN A 510 -9.25 -6.73 8.07
CA GLN A 510 -9.61 -5.64 8.97
C GLN A 510 -9.52 -6.25 10.36
N PHE A 511 -9.99 -7.49 10.46
CA PHE A 511 -9.97 -8.24 11.71
C PHE A 511 -8.52 -8.52 12.11
N HIS A 512 -7.75 -9.01 11.16
CA HIS A 512 -6.36 -9.36 11.41
C HIS A 512 -5.58 -8.17 11.95
N GLU A 513 -5.90 -6.98 11.44
CA GLU A 513 -5.22 -5.77 11.90
C GLU A 513 -5.71 -5.53 13.33
N ALA A 514 -7.00 -5.26 13.46
CA ALA A 514 -7.61 -5.01 14.76
C ALA A 514 -7.17 -5.97 15.85
N LEU A 515 -7.06 -7.23 15.52
CA LEU A 515 -6.68 -8.21 16.52
C LEU A 515 -5.18 -8.07 16.87
N CYS A 516 -4.33 -7.95 15.84
CA CYS A 516 -2.89 -7.81 16.08
C CYS A 516 -2.59 -6.59 16.94
N LYS A 517 -3.42 -5.57 16.80
CA LYS A 517 -3.22 -4.36 17.59
C LYS A 517 -3.41 -4.67 19.08
N GLU A 518 -4.54 -5.29 19.42
CA GLU A 518 -4.81 -5.62 20.81
C GLU A 518 -3.90 -6.69 21.37
N ALA A 519 -3.38 -7.54 20.49
CA ALA A 519 -2.46 -8.57 20.96
C ALA A 519 -1.25 -7.80 21.48
N GLY A 520 -1.01 -6.64 20.89
CA GLY A 520 0.11 -5.82 21.31
C GLY A 520 1.29 -6.07 20.39
N TYR A 521 0.96 -6.51 19.19
CA TYR A 521 1.95 -6.82 18.22
C TYR A 521 2.36 -5.57 17.47
N GLU A 522 3.63 -5.52 17.16
CA GLU A 522 4.07 -4.44 16.33
C GLU A 522 5.16 -5.06 15.55
N GLY A 523 5.16 -4.64 14.32
CA GLY A 523 6.04 -5.15 13.35
C GLY A 523 5.02 -5.04 12.25
N PRO A 524 5.23 -5.75 11.17
CA PRO A 524 4.42 -5.81 9.96
C PRO A 524 3.15 -6.64 9.98
N LEU A 525 2.05 -6.01 9.61
CA LEU A 525 0.77 -6.69 9.59
C LEU A 525 0.84 -8.11 9.02
N HIS A 526 1.66 -8.35 7.99
CA HIS A 526 1.73 -9.70 7.40
C HIS A 526 2.67 -10.68 8.09
N GLN A 527 3.23 -10.29 9.22
CA GLN A 527 4.11 -11.20 9.95
C GLN A 527 3.53 -11.38 11.35
N CYS A 528 2.42 -10.72 11.61
CA CYS A 528 1.75 -10.81 12.89
C CYS A 528 1.18 -12.19 13.10
N ASP A 529 1.13 -12.62 14.36
CA ASP A 529 0.55 -13.92 14.70
C ASP A 529 -0.12 -13.89 16.07
N ILE A 530 -1.44 -13.78 16.08
CA ILE A 530 -2.19 -13.52 17.30
C ILE A 530 -2.24 -14.76 18.18
N TYR A 531 -1.23 -15.62 18.06
CA TYR A 531 -1.17 -16.85 18.83
C TYR A 531 -1.22 -16.59 20.33
N ARG A 532 -1.75 -17.53 21.08
CA ARG A 532 -1.60 -17.55 22.53
C ARG A 532 -1.93 -16.19 23.13
N SER A 533 -2.64 -15.37 22.37
CA SER A 533 -2.94 -14.00 22.78
C SER A 533 -4.34 -13.91 23.38
N THR A 534 -4.44 -14.18 24.68
CA THR A 534 -5.73 -14.11 25.38
C THR A 534 -6.38 -12.74 25.27
N LYS A 535 -5.55 -11.72 25.06
CA LYS A 535 -5.98 -10.34 24.97
C LYS A 535 -6.68 -10.07 23.63
N ALA A 536 -6.13 -10.66 22.57
CA ALA A 536 -6.69 -10.53 21.24
C ALA A 536 -7.99 -11.33 21.16
N GLY A 537 -7.90 -12.61 21.52
CA GLY A 537 -9.05 -13.49 21.48
C GLY A 537 -10.31 -12.97 22.16
N ALA A 538 -10.15 -12.24 23.26
CA ALA A 538 -11.30 -11.72 23.97
C ALA A 538 -12.01 -10.68 23.15
N LYS A 539 -11.25 -10.05 22.26
CA LYS A 539 -11.77 -9.00 21.40
C LYS A 539 -12.64 -9.59 20.31
N LEU A 540 -12.18 -10.75 19.83
CA LEU A 540 -12.86 -11.52 18.78
C LEU A 540 -14.16 -12.10 19.31
N ARG A 541 -14.06 -12.78 20.45
CA ARG A 541 -15.24 -13.40 21.01
C ARG A 541 -16.36 -12.43 21.29
N LYS A 542 -16.05 -11.17 21.54
CA LYS A 542 -17.14 -10.23 21.81
C LYS A 542 -18.00 -10.10 20.56
N VAL A 543 -17.38 -10.19 19.39
CA VAL A 543 -18.10 -10.07 18.14
C VAL A 543 -18.88 -11.37 17.92
N LEU A 544 -18.25 -12.49 18.22
CA LEU A 544 -18.89 -13.79 18.12
C LEU A 544 -20.18 -13.84 18.94
N GLN A 545 -20.06 -13.49 20.21
CA GLN A 545 -21.17 -13.67 21.15
C GLN A 545 -22.35 -12.77 20.78
N ALA A 546 -22.23 -12.07 19.65
CA ALA A 546 -23.18 -11.03 19.29
C ALA A 546 -24.24 -11.55 18.32
N GLY A 547 -23.86 -12.55 17.51
CA GLY A 547 -24.76 -13.12 16.53
C GLY A 547 -25.42 -12.05 15.66
N SER A 548 -26.74 -12.09 15.54
CA SER A 548 -27.45 -11.09 14.73
C SER A 548 -28.18 -10.12 15.62
N SER A 549 -27.81 -10.10 16.92
CA SER A 549 -28.44 -9.23 17.91
C SER A 549 -28.24 -7.76 17.52
N ARG A 550 -27.06 -7.19 17.46
CA ARG A 550 -27.21 -5.84 16.86
C ARG A 550 -26.45 -5.87 15.48
N PRO A 551 -26.58 -4.74 14.76
CA PRO A 551 -26.06 -4.41 13.43
C PRO A 551 -24.53 -4.65 13.29
N TRP A 552 -24.18 -5.32 12.20
CA TRP A 552 -22.80 -5.63 11.93
C TRP A 552 -22.00 -4.33 11.90
N GLN A 553 -22.60 -3.32 11.31
CA GLN A 553 -21.96 -2.04 11.19
C GLN A 553 -21.57 -1.46 12.55
N GLU A 554 -22.18 -1.97 13.61
CA GLU A 554 -21.87 -1.51 14.96
C GLU A 554 -20.89 -2.47 15.57
N VAL A 555 -21.19 -3.76 15.46
CA VAL A 555 -20.31 -4.78 16.00
C VAL A 555 -18.93 -4.66 15.38
N LEU A 556 -18.89 -4.08 14.17
CA LEU A 556 -17.63 -3.88 13.45
C LEU A 556 -16.87 -2.69 14.05
N LYS A 557 -17.57 -1.57 14.22
CA LYS A 557 -16.98 -0.37 14.78
C LYS A 557 -16.32 -0.71 16.12
N ASP A 558 -17.07 -1.31 17.04
CA ASP A 558 -16.50 -1.68 18.33
C ASP A 558 -15.19 -2.47 18.17
N MET A 559 -15.17 -3.41 17.24
CA MET A 559 -13.98 -4.22 17.07
C MET A 559 -12.85 -3.64 16.24
N VAL A 560 -13.19 -3.00 15.13
CA VAL A 560 -12.17 -2.44 14.25
C VAL A 560 -12.04 -0.90 14.25
N GLY A 561 -13.11 -0.21 14.61
CA GLY A 561 -13.05 1.24 14.63
C GLY A 561 -13.67 1.84 13.39
N LEU A 562 -14.21 0.97 12.54
CA LEU A 562 -14.81 1.44 11.31
C LEU A 562 -16.27 1.06 11.09
N ASP A 563 -17.00 2.02 10.52
CA ASP A 563 -18.41 1.87 10.22
C ASP A 563 -18.67 0.95 9.06
N ALA A 564 -17.62 0.58 8.31
CA ALA A 564 -17.84 -0.29 7.16
C ALA A 564 -16.61 -1.06 6.65
N LEU A 565 -16.80 -1.71 5.50
CA LEU A 565 -15.75 -2.50 4.84
C LEU A 565 -14.69 -1.56 4.34
N ASP A 566 -13.44 -1.97 4.47
CA ASP A 566 -12.30 -1.16 4.07
C ASP A 566 -11.19 -2.05 3.53
N ALA A 567 -10.66 -1.69 2.37
CA ALA A 567 -9.61 -2.48 1.75
C ALA A 567 -8.25 -2.01 2.23
N GLN A 568 -8.24 -0.84 2.85
CA GLN A 568 -6.99 -0.27 3.36
C GLN A 568 -6.13 -1.29 4.10
N PRO A 569 -6.65 -1.89 5.16
CA PRO A 569 -5.84 -2.86 5.91
C PRO A 569 -5.40 -4.06 5.10
N LEU A 570 -6.01 -4.21 3.92
CA LEU A 570 -5.67 -5.32 3.04
C LEU A 570 -4.46 -4.93 2.18
N LEU A 571 -4.49 -3.69 1.70
CA LEU A 571 -3.42 -3.14 0.87
C LEU A 571 -2.14 -3.12 1.68
N LYS A 572 -2.32 -2.83 2.95
CA LYS A 572 -1.26 -2.74 3.94
C LYS A 572 -0.66 -4.10 4.30
N TYR A 573 -1.41 -5.15 4.01
CA TYR A 573 -0.94 -6.49 4.30
C TYR A 573 0.04 -6.88 3.19
N PHE A 574 -0.43 -6.79 1.95
CA PHE A 574 0.35 -7.16 0.79
C PHE A 574 1.27 -6.09 0.24
N GLN A 575 1.37 -4.97 0.92
CA GLN A 575 2.18 -3.91 0.39
C GLN A 575 3.47 -4.23 -0.34
N PRO A 576 4.39 -4.97 0.31
CA PRO A 576 5.66 -5.29 -0.34
C PRO A 576 5.53 -5.91 -1.71
N VAL A 577 4.95 -7.10 -1.77
CA VAL A 577 4.78 -7.80 -3.03
C VAL A 577 3.93 -6.98 -4.01
N THR A 578 3.04 -6.14 -3.46
CA THR A 578 2.18 -5.28 -4.28
C THR A 578 3.06 -4.40 -5.15
N GLN A 579 4.09 -3.82 -4.54
CA GLN A 579 5.01 -2.96 -5.25
C GLN A 579 5.94 -3.83 -6.09
N TRP A 580 6.39 -4.94 -5.52
CA TRP A 580 7.30 -5.84 -6.20
C TRP A 580 6.79 -6.37 -7.54
N LEU A 581 5.58 -6.93 -7.53
CA LEU A 581 4.98 -7.46 -8.75
C LEU A 581 4.88 -6.33 -9.79
N GLN A 582 4.32 -5.22 -9.34
CA GLN A 582 4.15 -4.05 -10.16
C GLN A 582 5.45 -3.65 -10.85
N GLU A 583 6.56 -3.73 -10.11
CA GLU A 583 7.85 -3.37 -10.67
C GLU A 583 8.32 -4.41 -11.68
N GLN A 584 8.09 -5.68 -11.39
CA GLN A 584 8.52 -6.78 -12.27
C GLN A 584 7.80 -6.86 -13.60
N ASN A 585 6.52 -6.53 -13.60
CA ASN A 585 5.77 -6.61 -14.84
C ASN A 585 6.25 -5.53 -15.79
N GLN A 586 6.35 -4.32 -15.25
CA GLN A 586 6.78 -3.18 -16.04
C GLN A 586 8.12 -3.51 -16.71
N GLN A 587 9.16 -3.75 -15.94
CA GLN A 587 10.45 -4.06 -16.54
C GLN A 587 10.29 -5.13 -17.63
N ASN A 588 9.62 -6.23 -17.31
CA ASN A 588 9.44 -7.31 -18.28
C ASN A 588 8.42 -6.99 -19.34
N GLY A 589 8.04 -5.72 -19.45
CA GLY A 589 7.10 -5.29 -20.46
C GLY A 589 5.73 -5.94 -20.56
N GLU A 590 5.22 -6.45 -19.45
CA GLU A 590 3.92 -7.10 -19.47
C GLU A 590 2.76 -6.20 -19.80
N VAL A 591 1.63 -6.82 -20.09
CA VAL A 591 0.43 -6.06 -20.40
C VAL A 591 -0.60 -6.38 -19.33
N LEU A 592 -0.94 -5.40 -18.50
CA LEU A 592 -1.95 -5.63 -17.48
C LEU A 592 -3.30 -5.77 -18.20
N GLY A 593 -3.96 -6.92 -17.97
CA GLY A 593 -5.25 -7.20 -18.57
C GLY A 593 -5.23 -8.07 -19.82
N TRP A 594 -6.38 -8.19 -20.46
CA TRP A 594 -6.52 -8.94 -21.71
C TRP A 594 -7.22 -8.05 -22.71
N PRO A 595 -6.45 -7.55 -23.67
CA PRO A 595 -7.00 -6.68 -24.72
C PRO A 595 -7.48 -7.59 -25.84
N GLU A 596 -6.84 -8.75 -25.94
CA GLU A 596 -7.21 -9.73 -26.93
C GLU A 596 -8.26 -10.69 -26.34
N TYR A 597 -9.35 -10.12 -25.84
CA TYR A 597 -10.47 -10.90 -25.31
C TYR A 597 -10.88 -11.63 -26.60
N GLN A 598 -11.73 -12.63 -26.51
CA GLN A 598 -12.12 -13.34 -27.73
C GLN A 598 -11.10 -14.42 -28.14
N TRP A 599 -9.91 -14.41 -27.55
CA TRP A 599 -8.90 -15.41 -27.91
C TRP A 599 -9.12 -16.69 -27.15
N HIS A 600 -8.94 -17.82 -27.83
CA HIS A 600 -9.10 -19.12 -27.18
C HIS A 600 -7.97 -20.04 -27.62
N PRO A 601 -7.50 -20.88 -26.70
CA PRO A 601 -6.43 -21.82 -26.99
C PRO A 601 -6.93 -22.94 -27.85
N PRO A 602 -6.03 -23.55 -28.63
CA PRO A 602 -6.44 -24.67 -29.49
C PRO A 602 -6.36 -25.97 -28.70
N LEU A 603 -7.14 -26.94 -29.12
CA LEU A 603 -7.16 -28.21 -28.48
C LEU A 603 -5.83 -28.81 -28.65
N PRO A 604 -5.51 -29.80 -27.81
CA PRO A 604 -4.24 -30.48 -27.94
C PRO A 604 -4.17 -31.02 -29.38
N ASP A 605 -3.36 -32.04 -29.57
CA ASP A 605 -3.10 -32.54 -30.91
C ASP A 605 -4.03 -33.48 -31.64
N ASN A 606 -4.67 -34.37 -30.89
CA ASN A 606 -5.67 -35.29 -31.42
C ASN A 606 -6.30 -35.60 -30.09
N TYR A 607 -7.39 -34.87 -29.88
CA TYR A 607 -8.13 -34.90 -28.67
C TYR A 607 -9.51 -35.53 -28.80
N PRO A 608 -9.80 -36.48 -27.93
CA PRO A 608 -9.00 -36.78 -26.75
C PRO A 608 -8.47 -38.23 -26.63
N GLU A 609 -7.25 -38.47 -27.08
CA GLU A 609 -6.61 -39.79 -26.95
C GLU A 609 -5.15 -39.54 -26.50
N GLY A 610 -4.89 -39.47 -25.19
CA GLY A 610 -3.55 -39.18 -24.65
C GLY A 610 -2.92 -40.05 -23.54
N ILE A 611 -2.25 -39.41 -22.57
CA ILE A 611 -1.62 -40.05 -21.38
C ILE A 611 -2.86 -40.05 -20.47
N ASP A 612 -3.84 -39.39 -21.12
CA ASP A 612 -5.23 -39.00 -20.75
C ASP A 612 -5.22 -37.46 -21.08
N ASP B 2 47.50 32.58 13.54
CA ASP B 2 46.93 32.55 14.87
C ASP B 2 46.07 33.82 15.02
N PRO B 3 45.90 34.39 16.22
CA PRO B 3 46.13 34.07 17.63
C PRO B 3 46.73 32.82 18.35
N GLY B 4 45.93 32.44 19.33
CA GLY B 4 46.10 31.35 20.28
C GLY B 4 45.12 30.41 19.74
N LEU B 5 44.52 30.93 18.68
CA LEU B 5 43.64 30.13 17.87
C LEU B 5 44.70 29.22 17.43
N GLN B 6 45.13 28.42 18.39
CA GLN B 6 46.21 27.54 18.12
C GLN B 6 46.19 26.39 19.09
N PRO B 7 46.64 25.23 18.56
CA PRO B 7 46.65 23.94 19.25
C PRO B 7 47.96 23.65 19.92
N GLY B 8 48.45 24.67 20.61
CA GLY B 8 49.63 24.53 21.45
C GLY B 8 49.27 23.26 22.20
N ASN B 9 50.19 22.33 22.40
CA ASN B 9 49.94 20.99 22.92
C ASN B 9 49.48 20.62 24.35
N PHE B 10 48.54 19.64 24.31
CA PHE B 10 48.01 18.93 25.49
C PHE B 10 48.48 17.49 25.26
N SER B 11 48.77 16.83 26.37
CA SER B 11 49.38 15.49 26.43
C SER B 11 48.80 14.37 25.58
N ALA B 12 49.63 13.33 25.46
CA ALA B 12 49.24 12.12 24.76
C ALA B 12 48.55 11.19 25.75
N ASP B 13 47.23 11.09 25.68
CA ASP B 13 46.47 10.26 26.59
C ASP B 13 45.12 9.92 25.98
N GLU B 14 44.20 9.56 26.85
CA GLU B 14 42.82 9.37 26.46
C GLU B 14 42.14 10.68 26.81
N ALA B 15 42.29 11.10 28.06
CA ALA B 15 41.71 12.36 28.53
C ALA B 15 42.64 13.53 28.25
N GLY B 16 43.66 13.29 27.43
CA GLY B 16 44.52 14.34 26.99
C GLY B 16 43.83 14.82 25.74
N ALA B 17 43.30 13.84 25.01
CA ALA B 17 42.56 14.09 23.80
C ALA B 17 41.30 14.82 24.24
N GLN B 18 40.84 14.52 25.44
CA GLN B 18 39.64 15.15 25.98
C GLN B 18 39.87 16.63 26.17
N LEU B 19 40.94 16.97 26.89
CA LEU B 19 41.30 18.36 27.16
C LEU B 19 41.50 18.99 25.81
N PHE B 20 42.06 18.20 24.90
CA PHE B 20 42.28 18.66 23.56
C PHE B 20 40.95 19.15 22.97
N ALA B 21 40.05 18.21 22.71
CA ALA B 21 38.74 18.50 22.11
C ALA B 21 38.02 19.60 22.87
N GLN B 22 38.29 19.66 24.16
CA GLN B 22 37.68 20.66 25.03
C GLN B 22 38.05 22.02 24.47
N SER B 23 39.35 22.20 24.22
CA SER B 23 39.88 23.45 23.68
C SER B 23 39.49 23.69 22.22
N TYR B 24 39.75 22.70 21.35
CA TYR B 24 39.44 22.79 19.92
C TYR B 24 38.11 23.44 19.72
N ASN B 25 37.16 22.97 20.45
CA ASN B 25 35.90 23.51 20.27
C ASN B 25 35.81 25.04 20.55
N SER B 26 36.38 25.52 21.67
CA SER B 26 36.40 26.94 22.03
C SER B 26 37.04 27.82 20.97
N SER B 27 38.10 27.31 20.35
CA SER B 27 38.78 28.06 19.31
C SER B 27 37.93 28.00 18.04
N ALA B 28 37.44 26.80 17.74
CA ALA B 28 36.60 26.56 16.56
C ALA B 28 35.41 27.51 16.47
N GLU B 29 34.69 27.67 17.57
CA GLU B 29 33.53 28.54 17.55
C GLU B 29 33.86 29.93 17.04
N GLN B 30 35.08 30.36 17.29
CA GLN B 30 35.50 31.69 16.88
C GLN B 30 35.75 31.74 15.38
N VAL B 31 36.64 30.86 14.92
CA VAL B 31 36.99 30.77 13.51
C VAL B 31 35.79 30.42 12.64
N LEU B 32 34.86 29.64 13.18
CA LEU B 32 33.65 29.25 12.45
C LEU B 32 32.67 30.43 12.39
N PHE B 33 32.44 31.09 13.52
CA PHE B 33 31.53 32.24 13.53
C PHE B 33 32.09 33.23 12.51
N GLN B 34 33.41 33.33 12.50
CA GLN B 34 34.11 34.23 11.60
C GLN B 34 33.75 33.95 10.16
N SER B 35 33.96 32.70 9.75
CA SER B 35 33.70 32.27 8.39
C SER B 35 32.22 32.39 7.98
N VAL B 36 31.31 31.95 8.85
CA VAL B 36 29.88 32.00 8.58
C VAL B 36 29.36 33.41 8.41
N ALA B 37 29.90 34.32 9.20
CA ALA B 37 29.49 35.72 9.13
C ALA B 37 30.06 36.32 7.85
N ALA B 38 31.23 35.82 7.46
CA ALA B 38 31.90 36.30 6.25
C ALA B 38 31.07 35.90 5.06
N SER B 39 30.47 34.73 5.17
CA SER B 39 29.63 34.23 4.10
C SER B 39 28.27 34.93 4.13
N TRP B 40 27.73 35.14 5.31
CA TRP B 40 26.42 35.79 5.40
C TRP B 40 26.44 37.16 4.73
N ALA B 41 27.57 37.84 4.86
CA ALA B 41 27.74 39.17 4.29
C ALA B 41 27.63 39.11 2.78
N HIS B 42 28.30 38.11 2.19
CA HIS B 42 28.31 37.91 0.74
C HIS B 42 26.91 37.62 0.16
N ASP B 43 26.34 36.47 0.54
CA ASP B 43 25.02 36.01 0.08
C ASP B 43 23.93 37.07 0.23
N THR B 44 24.05 37.89 1.27
CA THR B 44 23.05 38.93 1.54
C THR B 44 23.11 40.14 0.60
N ASN B 45 24.27 40.38 0.00
CA ASN B 45 24.44 41.48 -0.95
C ASN B 45 25.74 41.29 -1.68
N ILE B 46 25.71 40.46 -2.71
CA ILE B 46 26.87 40.15 -3.51
C ILE B 46 27.55 41.38 -4.08
N THR B 47 28.80 41.61 -3.66
CA THR B 47 29.64 42.69 -4.18
C THR B 47 30.89 41.95 -4.65
N ALA B 48 32.04 42.60 -4.62
CA ALA B 48 33.28 41.94 -5.00
C ALA B 48 34.13 42.01 -3.74
N GLU B 49 33.70 42.94 -2.89
CA GLU B 49 34.34 43.20 -1.61
C GLU B 49 34.06 42.10 -0.62
N ASN B 50 32.78 41.83 -0.43
CA ASN B 50 32.34 40.80 0.49
C ASN B 50 32.86 39.46 0.02
N ALA B 51 33.04 39.37 -1.29
CA ALA B 51 33.56 38.16 -1.90
C ALA B 51 35.02 37.94 -1.53
N ARG B 52 35.77 39.04 -1.50
CA ARG B 52 37.18 38.97 -1.15
C ARG B 52 37.28 38.70 0.36
N ARG B 53 36.36 39.28 1.12
CA ARG B 53 36.31 39.10 2.57
C ARG B 53 35.95 37.65 2.91
N GLN B 54 34.95 37.11 2.22
CA GLN B 54 34.58 35.73 2.44
C GLN B 54 35.82 34.91 2.09
N GLU B 55 36.34 35.09 0.88
CA GLU B 55 37.53 34.34 0.46
C GLU B 55 38.68 34.38 1.46
N GLU B 56 38.73 35.42 2.28
CA GLU B 56 39.78 35.53 3.27
C GLU B 56 39.43 34.62 4.43
N ALA B 57 38.22 34.80 4.96
CA ALA B 57 37.73 33.99 6.08
C ALA B 57 37.91 32.51 5.75
N ALA B 58 37.71 32.19 4.47
CA ALA B 58 37.84 30.83 3.99
C ALA B 58 39.26 30.34 4.20
N LEU B 59 40.22 31.16 3.80
CA LEU B 59 41.64 30.82 3.95
C LEU B 59 41.97 30.70 5.42
N LEU B 60 41.27 31.50 6.22
CA LEU B 60 41.45 31.54 7.66
C LEU B 60 41.11 30.18 8.23
N SER B 61 39.87 29.78 7.96
CA SER B 61 39.34 28.52 8.42
C SER B 61 40.21 27.36 7.98
N GLN B 62 40.64 27.40 6.73
CA GLN B 62 41.48 26.33 6.20
C GLN B 62 42.78 26.22 6.95
N GLU B 63 43.24 27.32 7.52
CA GLU B 63 44.47 27.29 8.28
C GLU B 63 44.21 26.57 9.59
N PHE B 64 43.19 27.06 10.26
CA PHE B 64 42.76 26.54 11.53
C PHE B 64 42.74 25.02 11.48
N ALA B 65 41.83 24.49 10.67
CA ALA B 65 41.65 23.06 10.52
C ALA B 65 42.94 22.30 10.28
N GLU B 66 43.94 22.97 9.70
CA GLU B 66 45.20 22.27 9.44
C GLU B 66 46.07 22.23 10.66
N ALA B 67 46.08 23.31 11.42
CA ALA B 67 46.87 23.38 12.63
C ALA B 67 46.42 22.24 13.55
N TRP B 68 45.21 22.32 14.09
CA TRP B 68 44.80 21.23 14.97
C TRP B 68 44.72 19.93 14.18
N GLY B 69 44.09 19.95 13.02
CA GLY B 69 44.00 18.73 12.22
C GLY B 69 45.30 17.95 12.31
N GLN B 70 46.41 18.62 12.03
CA GLN B 70 47.73 17.98 12.09
C GLN B 70 48.05 17.59 13.53
N LYS B 71 47.63 18.42 14.47
CA LYS B 71 47.86 18.17 15.89
C LYS B 71 47.12 16.90 16.26
N ALA B 72 45.80 16.95 16.15
CA ALA B 72 44.95 15.80 16.46
C ALA B 72 45.65 14.59 15.91
N LYS B 73 46.04 14.70 14.64
CA LYS B 73 46.71 13.59 13.99
C LYS B 73 47.99 13.15 14.68
N GLU B 74 49.00 13.99 14.79
CA GLU B 74 50.15 13.40 15.42
C GLU B 74 50.25 13.28 16.91
N LEU B 75 49.25 13.72 17.65
CA LEU B 75 49.33 13.45 19.08
C LEU B 75 48.66 12.10 19.03
N TYR B 76 47.54 12.14 18.32
CA TYR B 76 46.55 11.08 18.24
C TYR B 76 46.11 10.13 17.10
N GLU B 77 46.95 9.66 16.20
CA GLU B 77 46.39 8.75 15.19
C GLU B 77 46.65 7.23 15.44
N PRO B 78 47.47 6.95 16.47
CA PRO B 78 47.86 5.65 17.03
C PRO B 78 46.85 5.59 18.18
N ILE B 79 45.77 4.87 17.90
CA ILE B 79 44.62 4.65 18.79
C ILE B 79 43.65 5.81 19.07
N TRP B 80 43.05 6.36 18.02
CA TRP B 80 42.07 7.37 18.20
C TRP B 80 40.73 6.72 17.90
N GLN B 81 40.82 5.58 17.22
CA GLN B 81 39.67 4.76 16.91
C GLN B 81 39.33 4.01 18.18
N ASN B 82 40.37 3.69 18.96
CA ASN B 82 40.26 2.90 20.19
C ASN B 82 40.22 3.68 21.51
N PHE B 83 39.26 4.59 21.63
CA PHE B 83 38.98 5.24 22.91
C PHE B 83 38.02 4.40 23.76
N THR B 84 37.82 4.82 24.99
CA THR B 84 36.55 4.57 25.68
C THR B 84 35.46 5.50 25.15
N ASP B 85 35.81 6.34 24.19
CA ASP B 85 34.98 7.49 23.83
C ASP B 85 34.84 7.62 22.31
N PRO B 86 33.85 6.93 21.76
CA PRO B 86 32.71 7.59 21.11
C PRO B 86 31.77 8.22 22.13
N GLN B 87 32.10 9.41 22.60
CA GLN B 87 31.71 10.64 21.92
C GLN B 87 32.94 11.43 21.46
N LEU B 88 34.08 11.17 22.09
CA LEU B 88 35.33 11.84 21.74
C LEU B 88 35.79 11.41 20.35
N ARG B 89 35.85 10.11 20.12
CA ARG B 89 36.40 9.57 18.88
C ARG B 89 35.64 10.11 17.67
N ARG B 90 34.33 10.28 17.82
CA ARG B 90 33.52 10.96 16.81
C ARG B 90 34.13 12.31 16.44
N ILE B 91 34.65 13.02 17.43
CA ILE B 91 35.22 14.34 17.21
C ILE B 91 36.59 14.31 16.53
N ILE B 92 37.53 13.61 17.14
CA ILE B 92 38.90 13.52 16.63
C ILE B 92 38.98 13.04 15.17
N GLY B 93 38.01 12.23 14.73
CA GLY B 93 38.03 11.80 13.34
C GLY B 93 37.54 12.94 12.49
N ALA B 94 36.65 13.75 13.08
CA ALA B 94 36.05 14.90 12.41
C ALA B 94 36.98 16.11 12.42
N VAL B 95 38.05 16.02 13.21
CA VAL B 95 39.00 17.11 13.32
C VAL B 95 40.26 16.84 12.51
N ARG B 96 40.55 15.57 12.26
CA ARG B 96 41.72 15.23 11.47
C ARG B 96 41.32 15.05 10.01
N THR B 97 40.17 15.62 9.68
CA THR B 97 39.66 15.56 8.32
C THR B 97 39.74 17.02 7.86
N LEU B 98 40.92 17.37 7.36
CA LEU B 98 41.21 18.73 6.93
C LEU B 98 40.35 19.27 5.80
N GLY B 99 40.02 18.41 4.84
CA GLY B 99 39.22 18.87 3.72
C GLY B 99 40.06 19.68 2.75
N SER B 100 39.57 20.85 2.36
CA SER B 100 40.31 21.67 1.41
C SER B 100 41.60 22.24 2.00
N ALA B 101 41.78 22.05 3.31
CA ALA B 101 42.98 22.55 3.99
C ALA B 101 44.23 21.78 3.59
N ASN B 102 44.06 20.66 2.91
CA ASN B 102 45.20 19.85 2.50
C ASN B 102 45.85 20.44 1.27
N LEU B 103 45.16 21.43 0.72
CA LEU B 103 45.61 22.13 -0.47
C LEU B 103 46.58 23.26 -0.15
N PRO B 104 47.63 23.40 -0.96
CA PRO B 104 48.63 24.46 -0.77
C PRO B 104 47.96 25.83 -0.82
N LEU B 105 48.63 26.83 -0.25
CA LEU B 105 48.10 28.21 -0.21
C LEU B 105 47.49 28.64 -1.52
N ALA B 106 48.26 28.50 -2.59
CA ALA B 106 47.82 28.89 -3.92
C ALA B 106 46.56 28.17 -4.39
N LYS B 107 46.53 26.86 -4.23
CA LYS B 107 45.36 26.09 -4.65
C LYS B 107 44.16 26.42 -3.80
N ARG B 108 44.38 26.60 -2.51
CA ARG B 108 43.28 26.92 -1.62
C ARG B 108 42.54 28.12 -2.15
N GLN B 109 43.27 29.15 -2.55
CA GLN B 109 42.58 30.34 -3.05
C GLN B 109 41.90 30.07 -4.38
N GLN B 110 42.41 29.13 -5.17
CA GLN B 110 41.76 28.81 -6.44
C GLN B 110 40.44 28.17 -6.03
N TYR B 111 40.54 27.19 -5.14
CA TYR B 111 39.37 26.51 -4.63
C TYR B 111 38.37 27.58 -4.14
N ASN B 112 38.70 28.24 -3.04
CA ASN B 112 37.83 29.27 -2.46
C ASN B 112 37.29 30.26 -3.48
N ALA B 113 38.04 30.47 -4.55
CA ALA B 113 37.61 31.40 -5.58
C ALA B 113 36.66 30.72 -6.57
N LEU B 114 36.96 29.46 -6.90
CA LEU B 114 36.10 28.73 -7.82
C LEU B 114 34.70 28.64 -7.21
N LEU B 115 34.63 28.43 -5.89
CA LEU B 115 33.36 28.36 -5.21
C LEU B 115 32.58 29.68 -5.31
N SER B 116 33.20 30.78 -4.91
CA SER B 116 32.54 32.08 -4.93
C SER B 116 32.05 32.50 -6.30
N ASN B 117 32.85 32.11 -7.29
CA ASN B 117 32.52 32.45 -8.63
C ASN B 117 31.41 31.80 -9.27
N MET B 118 31.36 30.50 -9.02
CA MET B 118 30.33 29.66 -9.50
C MET B 118 29.04 30.18 -8.91
N SER B 119 29.04 30.36 -7.59
CA SER B 119 27.87 30.87 -6.88
C SER B 119 27.41 32.21 -7.43
N ARG B 120 28.38 33.07 -7.75
CA ARG B 120 28.11 34.40 -8.29
C ARG B 120 27.46 34.28 -9.65
N ILE B 121 28.06 33.47 -10.51
CA ILE B 121 27.55 33.26 -11.86
C ILE B 121 26.10 32.76 -11.84
N TYR B 122 25.84 31.81 -10.95
CA TYR B 122 24.51 31.24 -10.85
C TYR B 122 23.44 32.24 -10.44
N SER B 123 23.70 33.00 -9.38
CA SER B 123 22.72 33.97 -8.87
C SER B 123 22.71 35.27 -9.64
N THR B 124 23.35 35.27 -10.79
CA THR B 124 23.43 36.47 -11.59
C THR B 124 22.85 36.28 -12.98
N ALA B 125 22.90 35.03 -13.46
CA ALA B 125 22.39 34.72 -14.79
C ALA B 125 21.00 35.31 -14.99
N LYS B 126 20.77 35.85 -16.17
CA LYS B 126 19.49 36.45 -16.47
C LYS B 126 19.04 36.00 -17.85
N VAL B 127 17.77 36.19 -18.18
CA VAL B 127 17.29 35.82 -19.50
C VAL B 127 16.71 37.05 -20.17
N CYS B 128 17.24 37.40 -21.33
CA CYS B 128 16.76 38.56 -22.05
C CYS B 128 16.02 38.12 -23.30
N LEU B 129 15.23 39.00 -23.87
CA LEU B 129 14.45 38.65 -25.04
C LEU B 129 14.82 39.54 -26.20
N PRO B 130 14.45 39.11 -27.42
CA PRO B 130 14.68 39.85 -28.66
C PRO B 130 14.38 41.33 -28.48
N ASN B 131 14.10 41.64 -27.21
CA ASN B 131 13.84 42.99 -26.80
C ASN B 131 15.06 43.49 -26.09
N LYS B 132 15.89 44.22 -26.74
CA LYS B 132 16.96 44.73 -25.99
C LYS B 132 16.51 46.07 -25.45
N THR B 133 15.61 45.96 -24.49
CA THR B 133 15.18 47.05 -23.71
C THR B 133 15.98 46.85 -22.45
N ALA B 134 16.47 45.63 -22.39
CA ALA B 134 17.20 45.22 -21.24
C ALA B 134 16.20 44.91 -20.17
N THR B 135 15.08 44.42 -20.63
CA THR B 135 14.12 43.85 -19.73
C THR B 135 14.63 42.42 -19.81
N CYS B 136 15.11 41.89 -18.70
CA CYS B 136 15.68 40.54 -18.66
C CYS B 136 15.22 39.88 -17.38
N TRP B 137 14.69 38.67 -17.49
CA TRP B 137 14.24 37.91 -16.33
C TRP B 137 15.42 37.23 -15.64
N SER B 138 15.38 37.17 -14.32
CA SER B 138 16.19 36.22 -13.57
C SER B 138 15.32 35.17 -12.88
N LEU B 139 15.97 34.16 -12.30
CA LEU B 139 15.30 32.92 -11.97
C LEU B 139 14.14 33.15 -11.02
N ASP B 140 14.34 34.04 -10.05
CA ASP B 140 13.37 34.24 -8.97
C ASP B 140 13.07 35.72 -8.77
N PRO B 141 11.99 36.18 -9.37
CA PRO B 141 10.78 35.37 -9.54
C PRO B 141 10.44 35.16 -11.01
N ASP B 142 10.96 36.03 -11.87
CA ASP B 142 10.38 36.26 -13.18
C ASP B 142 10.13 34.94 -13.91
N LEU B 143 11.12 34.07 -13.88
CA LEU B 143 11.05 32.78 -14.59
C LEU B 143 10.27 31.76 -13.77
N THR B 144 10.76 31.46 -12.57
CA THR B 144 10.05 30.61 -11.63
C THR B 144 8.54 30.73 -11.79
N ASN B 145 8.07 31.95 -12.06
CA ASN B 145 6.65 32.21 -12.22
C ASN B 145 6.15 31.76 -13.59
N ILE B 146 6.98 31.97 -14.61
CA ILE B 146 6.61 31.61 -15.97
C ILE B 146 6.48 30.08 -16.09
N LEU B 147 7.35 29.39 -15.37
CA LEU B 147 7.33 27.94 -15.39
C LEU B 147 6.39 27.37 -14.37
N ALA B 148 5.65 28.23 -13.68
CA ALA B 148 4.73 27.74 -12.67
C ALA B 148 3.29 27.96 -13.09
N SER B 149 3.06 28.99 -13.89
CA SER B 149 1.70 29.29 -14.32
C SER B 149 1.48 29.58 -15.79
N SER B 150 2.54 29.65 -16.56
CA SER B 150 2.37 29.87 -17.99
C SER B 150 2.04 28.53 -18.67
N ARG B 151 1.13 28.56 -19.64
CA ARG B 151 0.80 27.34 -20.38
C ARG B 151 0.96 27.65 -21.84
N SER B 152 2.00 28.40 -22.17
CA SER B 152 2.30 28.70 -23.57
C SER B 152 3.51 27.80 -23.80
N TYR B 153 3.41 26.86 -24.73
CA TYR B 153 4.52 25.95 -24.93
C TYR B 153 5.75 26.76 -25.29
N ALA B 154 5.58 27.71 -26.21
CA ALA B 154 6.70 28.55 -26.65
C ALA B 154 7.32 29.31 -25.50
N MET B 155 6.50 30.06 -24.77
CA MET B 155 7.05 30.83 -23.67
C MET B 155 7.71 30.00 -22.59
N LEU B 156 7.20 28.79 -22.40
CA LEU B 156 7.79 27.94 -21.40
C LEU B 156 9.17 27.47 -21.92
N LEU B 157 9.22 27.17 -23.21
CA LEU B 157 10.45 26.71 -23.84
C LEU B 157 11.50 27.80 -23.80
N PHE B 158 11.07 29.02 -24.06
CA PHE B 158 11.98 30.15 -24.07
C PHE B 158 12.64 30.36 -22.71
N ALA B 159 11.84 30.29 -21.65
CA ALA B 159 12.36 30.47 -20.31
C ALA B 159 13.23 29.29 -19.87
N TRP B 160 12.83 28.08 -20.27
CA TRP B 160 13.56 26.87 -19.91
C TRP B 160 14.92 26.85 -20.60
N GLU B 161 14.92 27.02 -21.92
CA GLU B 161 16.15 27.03 -22.69
C GLU B 161 17.01 28.20 -22.20
N GLY B 162 16.43 29.39 -22.23
CA GLY B 162 17.12 30.57 -21.78
C GLY B 162 17.86 30.42 -20.46
N TRP B 163 17.18 29.94 -19.44
CA TRP B 163 17.83 29.78 -18.14
C TRP B 163 18.98 28.78 -18.21
N HIS B 164 18.76 27.67 -18.89
CA HIS B 164 19.77 26.61 -19.03
C HIS B 164 20.99 27.03 -19.83
N ASN B 165 20.78 27.85 -20.83
CA ASN B 165 21.91 28.30 -21.62
C ASN B 165 22.68 29.32 -20.80
N ALA B 166 21.94 30.26 -20.24
CA ALA B 166 22.51 31.33 -19.48
C ALA B 166 23.27 30.88 -18.24
N ALA B 167 22.78 29.85 -17.56
CA ALA B 167 23.43 29.42 -16.33
C ALA B 167 24.51 28.34 -16.36
N GLY B 168 24.34 27.32 -17.19
CA GLY B 168 25.32 26.26 -17.21
C GLY B 168 26.51 26.38 -18.14
N ILE B 169 26.32 27.01 -19.29
CA ILE B 169 27.42 27.14 -20.23
C ILE B 169 28.66 27.82 -19.60
N PRO B 170 28.50 29.04 -19.07
CA PRO B 170 29.66 29.72 -18.47
C PRO B 170 30.21 29.04 -17.22
N LEU B 171 29.38 28.23 -16.58
CA LEU B 171 29.74 27.57 -15.33
C LEU B 171 30.56 26.29 -15.49
N LYS B 172 30.51 25.76 -16.69
CA LYS B 172 31.16 24.50 -16.95
C LYS B 172 32.64 24.46 -16.75
N PRO B 173 33.37 25.35 -17.43
CA PRO B 173 34.83 25.36 -17.28
C PRO B 173 35.26 25.34 -15.83
N LEU B 174 34.53 26.07 -14.98
CA LEU B 174 34.92 26.08 -13.58
C LEU B 174 34.52 24.86 -12.77
N TYR B 175 33.40 24.21 -13.13
CA TYR B 175 33.01 23.03 -12.37
C TYR B 175 34.09 21.97 -12.54
N GLU B 176 34.76 21.99 -13.69
CA GLU B 176 35.81 21.02 -13.94
C GLU B 176 37.03 21.25 -13.09
N ASP B 177 37.43 22.51 -12.94
CA ASP B 177 38.61 22.84 -12.12
C ASP B 177 38.30 22.58 -10.67
N PHE B 178 37.10 22.98 -10.25
CA PHE B 178 36.65 22.76 -8.90
C PHE B 178 36.69 21.29 -8.57
N THR B 179 36.15 20.48 -9.47
CA THR B 179 36.10 19.05 -9.28
C THR B 179 37.47 18.45 -9.08
N ALA B 180 38.43 18.82 -9.92
CA ALA B 180 39.75 18.24 -9.79
C ALA B 180 40.39 18.59 -8.46
N LEU B 181 40.17 19.82 -8.02
CA LEU B 181 40.75 20.28 -6.78
C LEU B 181 40.14 19.59 -5.57
N SER B 182 38.80 19.60 -5.54
CA SER B 182 38.03 19.00 -4.46
C SER B 182 38.45 17.55 -4.27
N ASN B 183 38.93 16.95 -5.34
CA ASN B 183 39.36 15.58 -5.27
C ASN B 183 40.75 15.46 -4.67
N GLU B 184 41.68 16.28 -5.16
CA GLU B 184 43.05 16.26 -4.66
C GLU B 184 42.95 16.49 -3.17
N ALA B 185 42.12 17.46 -2.82
CA ALA B 185 41.91 17.79 -1.42
C ALA B 185 41.63 16.51 -0.63
N TYR B 186 40.41 16.00 -0.82
CA TYR B 186 39.98 14.82 -0.09
C TYR B 186 40.72 13.50 -0.31
N LYS B 187 41.41 13.34 -1.45
CA LYS B 187 42.14 12.09 -1.71
C LYS B 187 43.21 11.94 -0.67
N GLN B 188 43.43 13.03 0.06
CA GLN B 188 44.45 13.04 1.09
C GLN B 188 43.90 12.77 2.45
N ASP B 189 42.58 12.74 2.54
CA ASP B 189 41.92 12.46 3.79
C ASP B 189 41.62 10.99 3.82
N GLY B 190 42.06 10.32 2.76
CA GLY B 190 41.88 8.88 2.66
C GLY B 190 40.85 8.34 1.68
N PHE B 191 39.95 9.18 1.17
CA PHE B 191 38.93 8.71 0.24
C PHE B 191 39.36 8.69 -1.22
N THR B 192 38.71 7.84 -2.02
CA THR B 192 39.02 7.72 -3.46
C THR B 192 38.73 9.02 -4.21
N ASP B 193 37.61 9.66 -3.88
CA ASP B 193 37.23 10.90 -4.51
C ASP B 193 36.24 11.61 -3.63
N THR B 194 35.90 12.85 -4.00
CA THR B 194 34.96 13.62 -3.19
C THR B 194 33.68 12.82 -2.96
N GLY B 195 33.24 12.13 -4.00
CA GLY B 195 32.04 11.32 -3.90
C GLY B 195 32.03 10.39 -2.68
N ALA B 196 33.12 9.66 -2.47
CA ALA B 196 33.22 8.75 -1.35
C ALA B 196 33.11 9.44 0.01
N TYR B 197 33.62 10.67 0.08
CA TYR B 197 33.57 11.40 1.34
C TYR B 197 32.13 11.77 1.66
N TRP B 198 31.43 12.29 0.66
CA TRP B 198 30.03 12.68 0.85
C TRP B 198 29.19 11.49 1.34
N ARG B 199 29.33 10.36 0.67
CA ARG B 199 28.62 9.14 1.06
C ARG B 199 28.97 8.74 2.50
N SER B 200 30.26 8.84 2.83
CA SER B 200 30.76 8.28 4.09
C SER B 200 30.04 8.89 5.28
N TRP B 201 29.13 9.82 5.01
CA TRP B 201 28.40 10.51 6.07
C TRP B 201 27.30 9.63 6.64
N TYR B 202 26.95 8.57 5.91
CA TYR B 202 25.84 7.71 6.30
C TYR B 202 26.35 6.39 6.88
N ASN B 203 27.67 6.23 6.91
CA ASN B 203 28.28 5.12 7.62
C ASN B 203 27.51 3.82 7.39
N SER B 204 27.50 3.36 6.14
CA SER B 204 26.91 2.08 5.80
C SER B 204 27.56 1.47 4.57
N PRO B 205 28.16 0.29 4.73
CA PRO B 205 28.90 -0.37 3.65
C PRO B 205 27.94 -0.74 2.53
N THR B 206 26.66 -0.43 2.73
CA THR B 206 25.63 -0.78 1.77
C THR B 206 24.79 0.37 1.28
N PHE B 207 25.10 1.58 1.71
CA PHE B 207 24.35 2.78 1.33
C PHE B 207 23.86 2.80 -0.13
N GLU B 208 24.77 2.61 -1.09
CA GLU B 208 24.38 2.63 -2.49
C GLU B 208 23.42 1.52 -2.84
N ASP B 209 23.67 0.33 -2.31
CA ASP B 209 22.78 -0.79 -2.58
C ASP B 209 21.46 -0.57 -1.89
N ASP B 210 21.49 -0.04 -0.68
CA ASP B 210 20.24 0.20 0.03
C ASP B 210 19.32 1.17 -0.68
N LEU B 211 19.85 2.20 -1.33
CA LEU B 211 18.96 3.11 -2.03
C LEU B 211 18.60 2.61 -3.39
N GLU B 212 19.24 1.53 -3.82
CA GLU B 212 18.87 1.00 -5.11
C GLU B 212 17.60 0.21 -4.80
N HIS B 213 17.72 -0.74 -3.87
CA HIS B 213 16.58 -1.56 -3.45
C HIS B 213 15.42 -0.61 -3.21
N LEU B 214 15.69 0.43 -2.44
CA LEU B 214 14.67 1.38 -2.05
C LEU B 214 13.99 2.15 -3.14
N TYR B 215 14.67 2.33 -4.26
CA TYR B 215 14.05 3.06 -5.35
C TYR B 215 13.21 2.05 -6.11
N GLN B 216 13.66 0.79 -6.04
CA GLN B 216 13.01 -0.35 -6.68
C GLN B 216 11.53 -0.28 -6.38
N GLN B 217 11.27 -0.16 -5.10
CA GLN B 217 9.96 -0.09 -4.56
C GLN B 217 9.13 1.08 -4.94
N LEU B 218 9.76 2.24 -4.92
CA LEU B 218 8.98 3.40 -5.23
C LEU B 218 8.86 3.72 -6.70
N GLU B 219 9.68 3.09 -7.55
CA GLU B 219 9.62 3.39 -8.97
C GLU B 219 8.23 3.25 -9.59
N PRO B 220 7.48 2.23 -9.15
CA PRO B 220 6.12 2.03 -9.69
C PRO B 220 5.28 3.27 -9.45
N LEU B 221 5.37 3.79 -8.23
CA LEU B 221 4.65 5.00 -7.85
C LEU B 221 4.86 6.09 -8.90
N TYR B 222 6.13 6.39 -9.17
CA TYR B 222 6.46 7.44 -10.13
C TYR B 222 5.86 7.12 -11.50
N LEU B 223 6.19 5.95 -12.03
CA LEU B 223 5.67 5.57 -13.34
C LEU B 223 4.16 5.77 -13.47
N ASN B 224 3.42 5.52 -12.40
CA ASN B 224 2.00 5.71 -12.50
C ASN B 224 1.61 7.16 -12.48
N LEU B 225 2.24 7.94 -11.61
CA LEU B 225 1.93 9.37 -11.56
C LEU B 225 2.38 10.03 -12.89
N HIS B 226 3.49 9.53 -13.41
CA HIS B 226 4.05 10.01 -14.66
C HIS B 226 3.15 9.78 -15.89
N ALA B 227 2.67 8.54 -16.07
CA ALA B 227 1.81 8.23 -17.20
C ALA B 227 0.52 9.00 -17.04
N PHE B 228 0.03 9.09 -15.81
CA PHE B 228 -1.20 9.82 -15.53
C PHE B 228 -1.10 11.29 -15.94
N VAL B 229 -0.02 11.94 -15.53
CA VAL B 229 0.19 13.35 -15.86
C VAL B 229 0.42 13.56 -17.35
N ARG B 230 1.23 12.68 -17.94
CA ARG B 230 1.52 12.81 -19.36
C ARG B 230 0.24 12.90 -20.15
N ARG B 231 -0.66 11.95 -19.90
CA ARG B 231 -1.95 11.91 -20.58
C ARG B 231 -2.64 13.26 -20.44
N ALA B 232 -2.46 13.88 -19.28
CA ALA B 232 -3.07 15.18 -19.04
C ALA B 232 -2.40 16.21 -19.91
N LEU B 233 -1.06 16.17 -19.96
CA LEU B 233 -0.34 17.13 -20.77
C LEU B 233 -0.67 16.97 -22.25
N HIS B 234 -0.90 15.73 -22.66
CA HIS B 234 -1.26 15.42 -24.03
C HIS B 234 -2.58 16.11 -24.33
N ARG B 235 -3.47 16.01 -23.37
CA ARG B 235 -4.78 16.63 -23.48
C ARG B 235 -4.63 18.09 -23.86
N ARG B 236 -4.00 18.84 -22.96
CA ARG B 236 -3.84 20.25 -23.19
C ARG B 236 -2.84 20.76 -24.23
N TYR B 237 -1.68 20.14 -24.39
CA TYR B 237 -0.74 20.64 -25.41
C TYR B 237 -0.89 20.03 -26.80
N GLY B 238 -1.53 18.87 -26.89
CA GLY B 238 -1.71 18.30 -28.22
C GLY B 238 -0.73 17.22 -28.59
N ASP B 239 -1.17 16.39 -29.52
CA ASP B 239 -0.37 15.28 -29.98
C ASP B 239 1.01 15.63 -30.52
N ARG B 240 1.20 16.88 -30.90
CA ARG B 240 2.48 17.27 -31.43
C ARG B 240 3.61 17.40 -30.45
N TYR B 241 3.31 17.91 -29.26
CA TYR B 241 4.34 18.08 -28.24
C TYR B 241 4.45 17.02 -27.18
N ILE B 242 3.44 16.18 -27.05
CA ILE B 242 3.53 15.14 -26.04
C ILE B 242 3.47 13.81 -26.74
N ASN B 243 4.29 12.87 -26.30
CA ASN B 243 4.27 11.54 -26.89
C ASN B 243 3.83 10.61 -25.78
N LEU B 244 2.65 10.03 -25.96
CA LEU B 244 2.05 9.11 -24.97
C LEU B 244 2.90 7.90 -24.69
N ARG B 245 3.91 7.70 -25.52
CA ARG B 245 4.82 6.57 -25.39
C ARG B 245 6.28 7.00 -25.23
N GLY B 246 6.50 8.31 -25.22
CA GLY B 246 7.85 8.83 -25.07
C GLY B 246 7.97 9.56 -23.76
N PRO B 247 9.14 10.16 -23.50
CA PRO B 247 9.35 10.90 -22.26
C PRO B 247 8.68 12.25 -22.35
N ILE B 248 8.55 12.92 -21.20
CA ILE B 248 7.91 14.23 -21.17
C ILE B 248 8.88 15.40 -21.39
N PRO B 249 8.43 16.43 -22.11
CA PRO B 249 9.28 17.60 -22.34
C PRO B 249 9.57 18.25 -20.97
N ALA B 250 10.85 18.32 -20.61
CA ALA B 250 11.30 18.86 -19.31
C ALA B 250 10.78 20.22 -18.83
N HIS B 251 10.09 20.97 -19.69
CA HIS B 251 9.60 22.28 -19.25
C HIS B 251 8.07 22.40 -19.11
N LEU B 252 7.38 21.27 -19.01
CA LEU B 252 5.94 21.30 -18.88
C LEU B 252 5.41 20.94 -17.50
N LEU B 253 6.27 20.41 -16.65
CA LEU B 253 5.88 20.02 -15.31
C LEU B 253 5.82 21.16 -14.31
N GLY B 254 5.59 22.38 -14.78
CA GLY B 254 5.49 23.51 -13.86
C GLY B 254 6.66 23.82 -12.93
N ASP B 255 7.88 23.47 -13.32
CA ASP B 255 9.06 23.74 -12.52
C ASP B 255 10.28 23.64 -13.42
N MET B 256 11.17 24.62 -13.32
CA MET B 256 12.40 24.69 -14.11
C MET B 256 13.08 23.33 -14.26
N TRP B 257 13.14 22.58 -13.17
CA TRP B 257 13.79 21.27 -13.18
C TRP B 257 12.86 20.05 -13.25
N ALA B 258 11.56 20.31 -13.26
CA ALA B 258 10.58 19.23 -13.30
C ALA B 258 10.79 18.34 -12.09
N GLN B 259 10.99 18.95 -10.92
CA GLN B 259 11.25 18.18 -9.70
C GLN B 259 10.10 18.11 -8.71
N SER B 260 9.08 18.91 -8.98
CA SER B 260 7.89 18.94 -8.16
C SER B 260 6.82 19.42 -9.13
N TRP B 261 5.73 18.66 -9.24
CA TRP B 261 4.68 19.00 -10.18
C TRP B 261 3.41 19.65 -9.64
N GLU B 262 3.40 19.99 -8.35
CA GLU B 262 2.21 20.59 -7.73
C GLU B 262 1.72 21.84 -8.40
N ASN B 263 2.58 22.53 -9.12
CA ASN B 263 2.21 23.77 -9.80
C ASN B 263 1.41 23.52 -11.05
N ILE B 264 0.99 22.28 -11.21
CA ILE B 264 0.31 21.93 -12.42
C ILE B 264 -0.88 21.09 -12.11
N TYR B 265 -1.27 21.20 -10.85
CA TYR B 265 -2.38 20.49 -10.31
C TYR B 265 -3.64 20.84 -11.08
N ASP B 266 -3.88 22.12 -11.33
CA ASP B 266 -5.09 22.52 -12.07
C ASP B 266 -5.26 21.85 -13.43
N MET B 267 -4.32 20.98 -13.81
CA MET B 267 -4.40 20.28 -15.09
C MET B 267 -4.53 18.78 -14.90
N VAL B 268 -4.31 18.32 -13.68
CA VAL B 268 -4.40 16.90 -13.41
C VAL B 268 -5.39 16.57 -12.31
N VAL B 269 -5.74 17.53 -11.46
CA VAL B 269 -6.69 17.30 -10.38
C VAL B 269 -7.81 16.37 -10.87
N PRO B 270 -7.91 15.17 -10.26
CA PRO B 270 -8.90 14.14 -10.56
C PRO B 270 -10.31 14.67 -10.63
N PHE B 271 -10.82 15.15 -9.50
CA PHE B 271 -12.19 15.67 -9.46
C PHE B 271 -12.21 17.17 -9.26
N PRO B 272 -12.31 17.92 -10.37
CA PRO B 272 -12.35 19.38 -10.43
C PRO B 272 -13.52 19.96 -9.67
N ASP B 273 -14.64 19.23 -9.71
CA ASP B 273 -15.86 19.64 -9.03
C ASP B 273 -15.52 20.18 -7.65
N LYS B 274 -14.94 19.33 -6.80
CA LYS B 274 -14.55 19.77 -5.46
C LYS B 274 -13.51 20.88 -5.62
N PRO B 275 -13.62 21.94 -4.81
CA PRO B 275 -12.70 23.09 -4.84
C PRO B 275 -11.61 23.12 -3.77
N LEU B 277 -7.92 23.19 -2.46
CA LEU B 277 -6.94 23.08 -3.52
C LEU B 277 -5.56 23.51 -3.01
N ASP B 278 -5.36 24.81 -2.84
CA ASP B 278 -4.17 25.35 -2.17
C ASP B 278 -4.62 26.65 -1.52
N VAL B 279 -4.27 26.82 -0.27
CA VAL B 279 -4.70 27.95 0.60
C VAL B 279 -4.25 29.34 0.24
N THR B 280 -3.72 29.56 -0.94
CA THR B 280 -3.08 30.82 -1.31
C THR B 280 -3.93 32.04 -1.73
N SER B 281 -4.66 31.89 -2.83
CA SER B 281 -5.54 32.94 -3.31
C SER B 281 -6.33 33.42 -2.10
N THR B 282 -6.17 32.63 -1.06
CA THR B 282 -6.87 32.78 0.19
C THR B 282 -5.89 33.28 1.26
N MET B 283 -4.59 33.12 0.98
CA MET B 283 -3.58 33.65 1.84
C MET B 283 -3.52 35.11 1.44
N LEU B 284 -3.28 35.32 0.15
CA LEU B 284 -3.22 36.66 -0.42
C LEU B 284 -4.42 37.53 -0.04
N GLN B 285 -5.59 36.94 0.13
CA GLN B 285 -6.76 37.76 0.44
C GLN B 285 -7.00 38.12 1.89
N GLN B 286 -6.21 37.60 2.81
CA GLN B 286 -6.42 37.94 4.20
C GLN B 286 -5.17 38.57 4.83
N GLY B 287 -4.47 39.33 4.00
CA GLY B 287 -3.26 40.02 4.41
C GLY B 287 -2.15 39.16 4.96
N TRP B 288 -1.74 38.16 4.20
CA TRP B 288 -0.68 37.33 4.71
C TRP B 288 0.67 38.01 4.47
N ASN B 289 1.50 37.89 5.49
CA ASN B 289 2.79 38.56 5.62
C ASN B 289 4.06 37.74 5.50
N ALA B 290 5.04 38.20 4.70
CA ALA B 290 6.28 37.45 4.60
C ALA B 290 6.71 37.10 6.04
N THR B 291 6.42 38.01 6.97
CA THR B 291 6.79 37.79 8.36
C THR B 291 5.75 36.97 9.11
N HIS B 292 4.47 37.16 8.78
CA HIS B 292 3.40 36.41 9.44
C HIS B 292 3.59 34.94 9.13
N MET B 293 4.03 34.65 7.91
CA MET B 293 4.26 33.27 7.49
C MET B 293 5.25 32.59 8.43
N PHE B 294 6.39 33.21 8.66
CA PHE B 294 7.40 32.64 9.54
C PHE B 294 6.93 32.52 10.99
N ARG B 295 5.92 33.32 11.35
CA ARG B 295 5.38 33.32 12.70
C ARG B 295 4.30 32.26 12.85
N VAL B 296 3.85 31.72 11.72
CA VAL B 296 2.85 30.67 11.68
C VAL B 296 3.60 29.37 11.86
N ALA B 297 4.76 29.29 11.20
CA ALA B 297 5.60 28.13 11.30
C ALA B 297 6.07 28.06 12.75
N GLU B 298 6.25 29.23 13.35
CA GLU B 298 6.69 29.32 14.72
C GLU B 298 5.65 28.68 15.64
N GLU B 299 4.40 29.05 15.39
CA GLU B 299 3.27 28.57 16.19
C GLU B 299 3.24 27.07 16.31
N PHE B 300 3.30 26.41 15.16
CA PHE B 300 3.28 24.97 15.11
C PHE B 300 4.43 24.34 15.93
N PHE B 301 5.64 24.85 15.76
CA PHE B 301 6.79 24.34 16.49
C PHE B 301 6.65 24.44 18.00
N THR B 302 6.17 25.57 18.48
CA THR B 302 6.02 25.79 19.91
C THR B 302 4.96 24.90 20.53
N SER B 303 3.83 24.74 19.84
CA SER B 303 2.72 23.92 20.31
C SER B 303 3.19 22.50 20.68
N LEU B 304 4.35 22.10 20.17
CA LEU B 304 4.86 20.75 20.45
C LEU B 304 5.86 20.79 21.59
N GLU B 305 6.12 22.00 22.04
CA GLU B 305 6.96 22.20 23.22
C GLU B 305 8.43 22.19 23.56
N LEU B 306 9.38 22.39 22.67
CA LEU B 306 10.64 22.59 23.40
C LEU B 306 11.60 23.79 23.00
N SER B 307 11.04 24.76 22.25
CA SER B 307 11.76 25.93 21.73
C SER B 307 10.95 26.74 20.76
N PRO B 308 11.48 27.92 20.38
CA PRO B 308 10.96 28.87 19.40
C PRO B 308 12.10 29.74 18.88
N MET B 309 11.75 30.72 18.09
CA MET B 309 12.73 31.52 17.40
C MET B 309 13.36 32.75 18.06
N PRO B 310 14.59 32.60 18.60
CA PRO B 310 15.37 33.65 19.28
C PRO B 310 15.19 35.04 18.63
N PRO B 311 15.24 36.14 19.42
CA PRO B 311 15.06 37.48 18.84
C PRO B 311 16.28 37.80 17.97
N GLU B 312 17.35 37.05 18.22
CA GLU B 312 18.55 37.20 17.42
C GLU B 312 17.96 37.05 16.02
N PHE B 313 17.26 35.93 15.85
CA PHE B 313 16.59 35.50 14.64
C PHE B 313 15.62 36.48 13.98
N TRP B 314 14.86 37.20 14.76
CA TRP B 314 13.86 38.05 14.17
C TRP B 314 14.34 39.29 13.44
N GLU B 315 15.60 39.63 13.67
CA GLU B 315 16.22 40.76 12.98
C GLU B 315 17.56 40.33 12.39
N GLY B 316 18.22 39.37 13.04
CA GLY B 316 19.46 38.87 12.47
C GLY B 316 19.11 38.03 11.24
N SER B 317 18.00 38.39 10.58
CA SER B 317 17.50 37.60 9.46
C SER B 317 16.80 38.26 8.27
N MET B 318 17.12 37.72 7.09
CA MET B 318 16.54 38.19 5.83
C MET B 318 15.35 37.28 5.51
N LEU B 319 14.15 37.84 5.58
CA LEU B 319 12.93 37.07 5.30
C LEU B 319 12.20 37.60 4.08
N GLU B 320 12.75 38.64 3.48
CA GLU B 320 12.16 39.28 2.30
C GLU B 320 13.27 39.61 1.31
N LYS B 321 12.93 39.82 0.05
CA LYS B 321 13.96 40.15 -0.95
C LYS B 321 14.27 41.63 -0.81
N PRO B 322 15.55 41.97 -0.58
CA PRO B 322 15.89 43.37 -0.44
C PRO B 322 15.31 44.24 -1.56
N ALA B 323 14.70 45.29 -1.04
CA ALA B 323 13.91 46.36 -1.66
C ALA B 323 14.54 47.48 -2.49
N ASP B 324 15.54 48.10 -1.81
CA ASP B 324 16.42 49.18 -2.25
C ASP B 324 17.10 48.60 -3.49
N GLY B 325 17.36 47.29 -3.43
CA GLY B 325 17.97 46.62 -4.59
C GLY B 325 19.18 45.67 -4.55
N ARG B 326 19.78 45.30 -3.43
CA ARG B 326 21.01 44.47 -3.56
C ARG B 326 21.08 42.97 -3.91
N GLU B 327 21.45 42.69 -5.14
CA GLU B 327 21.54 41.32 -5.58
C GLU B 327 22.02 40.42 -4.44
N VAL B 328 21.25 39.35 -4.25
CA VAL B 328 21.46 38.37 -3.20
C VAL B 328 21.17 36.98 -3.69
N VAL B 329 21.62 36.00 -2.92
CA VAL B 329 21.35 34.61 -3.22
C VAL B 329 19.95 34.40 -2.65
N CYS B 330 18.94 34.40 -3.52
CA CYS B 330 17.55 34.23 -3.09
C CYS B 330 17.15 32.84 -2.62
N HIS B 331 17.98 31.86 -2.93
CA HIS B 331 17.68 30.50 -2.53
C HIS B 331 17.49 30.45 -1.02
N ALA B 332 16.42 29.81 -0.58
CA ALA B 332 16.11 29.69 0.83
C ALA B 332 17.24 28.96 1.56
N SER B 333 17.67 29.52 2.69
CA SER B 333 18.74 28.90 3.48
C SER B 333 18.57 29.08 5.00
N ALA B 334 19.14 28.15 5.76
CA ALA B 334 19.08 28.18 7.22
C ALA B 334 20.48 28.27 7.75
N TRP B 335 20.68 29.25 8.62
CA TRP B 335 21.98 29.57 9.18
C TRP B 335 22.41 29.31 10.61
N ASP B 336 23.48 28.54 10.75
CA ASP B 336 24.01 28.24 12.06
C ASP B 336 25.41 28.83 12.23
N PHE B 337 25.45 30.04 12.79
CA PHE B 337 26.69 30.76 13.03
C PHE B 337 27.60 30.11 14.07
N TYR B 338 27.31 28.88 14.47
CA TYR B 338 28.16 28.19 15.43
C TYR B 338 28.61 28.96 16.66
N ASN B 339 27.74 29.79 17.23
CA ASN B 339 28.08 30.57 18.42
C ASN B 339 27.00 30.44 19.47
N ARG B 340 26.11 29.46 19.25
CA ARG B 340 24.99 29.18 20.16
C ARG B 340 24.11 30.38 20.44
N LYS B 341 24.21 31.41 19.63
CA LYS B 341 23.39 32.58 19.89
C LYS B 341 22.86 33.20 18.62
N ASP B 342 23.39 32.75 17.48
CA ASP B 342 22.95 33.30 16.19
C ASP B 342 22.51 32.25 15.19
N PHE B 343 21.23 32.36 14.80
CA PHE B 343 20.62 31.47 13.82
C PHE B 343 19.66 32.31 13.01
N ARG B 344 19.80 32.26 11.70
CA ARG B 344 18.92 33.02 10.83
C ARG B 344 18.52 32.21 9.60
N ILE B 345 17.65 32.82 8.79
CA ILE B 345 17.20 32.17 7.59
C ILE B 345 17.15 33.21 6.49
N LYS B 346 17.83 32.87 5.39
CA LYS B 346 17.92 33.71 4.22
C LYS B 346 16.91 33.13 3.25
N GLN B 347 15.91 33.93 2.87
CA GLN B 347 14.89 33.44 1.94
C GLN B 347 14.00 34.55 1.42
N CYS B 348 14.04 34.78 0.10
CA CYS B 348 13.22 35.80 -0.55
C CYS B 348 11.80 35.30 -0.56
N THR B 349 11.29 35.00 0.61
CA THR B 349 9.95 34.48 0.76
C THR B 349 8.84 35.19 0.07
N ARG B 350 8.02 34.55 -0.70
CA ARG B 350 6.92 35.56 -0.92
C ARG B 350 5.54 34.84 -0.46
N VAL B 351 4.53 35.06 -1.26
CA VAL B 351 3.24 34.49 -0.81
C VAL B 351 2.60 33.34 -1.58
N THR B 352 2.98 32.11 -1.22
CA THR B 352 2.50 30.92 -1.89
C THR B 352 2.47 29.81 -0.87
N MET B 353 1.69 28.78 -1.16
CA MET B 353 1.62 27.66 -0.26
C MET B 353 2.95 26.92 -0.27
N ASP B 354 3.49 26.71 -1.46
CA ASP B 354 4.77 26.03 -1.60
C ASP B 354 5.77 26.77 -0.71
N GLN B 355 5.69 28.10 -0.74
CA GLN B 355 6.58 28.94 0.06
C GLN B 355 6.43 28.63 1.55
N LEU B 356 5.20 28.70 2.04
CA LEU B 356 4.92 28.43 3.45
C LEU B 356 5.53 27.10 3.87
N SER B 357 5.49 26.11 2.98
CA SER B 357 6.05 24.80 3.32
C SER B 357 7.55 24.91 3.33
N THR B 358 8.07 25.84 2.55
CA THR B 358 9.52 26.01 2.52
C THR B 358 9.89 26.68 3.83
N VAL B 359 8.98 27.52 4.33
CA VAL B 359 9.22 28.22 5.58
C VAL B 359 9.27 27.18 6.69
N HIS B 360 8.49 26.12 6.53
CA HIS B 360 8.52 25.06 7.52
C HIS B 360 9.81 24.26 7.38
N HIS B 361 10.17 23.96 6.13
CA HIS B 361 11.38 23.18 5.87
C HIS B 361 12.59 23.89 6.42
N GLU B 362 12.66 25.20 6.17
CA GLU B 362 13.78 26.00 6.64
C GLU B 362 13.85 26.06 8.16
N MET B 363 12.72 26.39 8.76
CA MET B 363 12.68 26.49 10.22
C MET B 363 13.02 25.15 10.86
N GLY B 364 12.70 24.07 10.18
CA GLY B 364 13.01 22.76 10.73
C GLY B 364 14.48 22.68 11.00
N HIS B 365 15.24 23.35 10.13
CA HIS B 365 16.68 23.33 10.25
C HIS B 365 17.11 24.01 11.52
N ILE B 366 16.55 25.19 11.75
CA ILE B 366 16.83 25.97 12.96
C ILE B 366 16.58 25.13 14.20
N GLN B 367 15.32 24.80 14.44
CA GLN B 367 14.93 24.00 15.61
C GLN B 367 15.94 22.88 15.88
N TYR B 368 16.57 22.39 14.81
CA TYR B 368 17.53 21.33 14.96
C TYR B 368 18.78 21.98 15.51
N TYR B 369 19.10 23.17 15.00
CA TYR B 369 20.26 23.95 15.45
C TYR B 369 20.11 24.30 16.94
N LEU B 370 18.95 24.85 17.28
CA LEU B 370 18.63 25.24 18.64
C LEU B 370 18.73 24.07 19.61
N GLN B 371 18.37 22.88 19.16
CA GLN B 371 18.40 21.72 20.04
C GLN B 371 19.74 21.10 20.36
N TYR B 372 20.73 21.24 19.51
CA TYR B 372 22.02 20.64 19.86
C TYR B 372 23.16 21.62 19.90
N LYS B 373 22.85 22.87 20.23
CA LYS B 373 23.87 23.87 20.36
C LYS B 373 24.64 23.50 21.63
N ASP B 374 23.98 22.70 22.46
CA ASP B 374 24.54 22.22 23.71
C ASP B 374 25.79 21.36 23.50
N LEU B 375 26.02 20.89 22.29
CA LEU B 375 27.14 19.99 22.03
C LEU B 375 28.41 20.62 21.45
N PRO B 376 29.48 19.81 21.35
CA PRO B 376 30.74 20.28 20.77
C PRO B 376 30.38 20.54 19.30
N VAL B 377 30.45 21.77 18.83
CA VAL B 377 30.11 22.09 17.44
C VAL B 377 30.43 20.96 16.45
N SER B 378 31.61 20.36 16.59
CA SER B 378 32.05 19.28 15.72
C SER B 378 30.99 18.19 15.62
N LEU B 379 29.95 18.28 16.45
CA LEU B 379 28.84 17.33 16.50
C LEU B 379 27.49 18.01 16.29
N ARG B 380 27.45 19.34 16.30
CA ARG B 380 26.22 20.11 16.09
C ARG B 380 25.92 19.87 14.62
N ARG B 381 25.87 18.59 14.32
CA ARG B 381 25.72 18.07 12.98
C ARG B 381 24.56 17.10 12.87
N GLY B 382 23.65 17.33 11.94
CA GLY B 382 22.55 16.40 11.72
C GLY B 382 23.09 14.98 11.89
N ALA B 383 22.20 14.06 12.29
CA ALA B 383 22.55 12.65 12.53
C ALA B 383 23.15 12.06 11.25
N ASN B 384 22.58 12.50 10.15
CA ASN B 384 23.03 12.22 8.80
C ASN B 384 22.33 13.36 8.11
N PRO B 385 22.95 13.88 7.06
CA PRO B 385 22.44 14.99 6.27
C PRO B 385 20.93 14.88 6.04
N GLY B 386 20.46 13.64 5.89
CA GLY B 386 19.05 13.40 5.64
C GLY B 386 18.12 13.91 6.73
N PHE B 387 18.36 13.47 7.96
CA PHE B 387 17.55 13.88 9.11
C PHE B 387 17.23 15.35 9.08
N HIS B 388 18.22 16.15 8.70
CA HIS B 388 18.06 17.60 8.65
C HIS B 388 16.98 18.07 7.70
N GLU B 389 17.10 17.70 6.43
CA GLU B 389 16.12 18.14 5.44
C GLU B 389 14.74 17.59 5.78
N ALA B 390 14.71 16.52 6.56
CA ALA B 390 13.45 15.85 6.91
C ALA B 390 12.65 16.68 7.90
N ILE B 391 13.28 17.03 9.02
CA ILE B 391 12.57 17.61 10.15
C ILE B 391 11.44 18.54 9.68
N GLY B 392 11.82 19.60 8.97
CA GLY B 392 10.87 20.62 8.58
C GLY B 392 9.68 20.05 7.84
N ASP B 393 9.94 19.06 6.99
CA ASP B 393 8.89 18.49 6.15
C ASP B 393 7.84 17.70 6.94
N VAL B 394 8.26 16.93 7.94
CA VAL B 394 7.32 16.17 8.77
C VAL B 394 6.21 17.08 9.29
N LEU B 395 6.58 18.22 9.85
CA LEU B 395 5.59 19.15 10.37
C LEU B 395 4.71 19.74 9.30
N ALA B 396 5.28 19.95 8.13
CA ALA B 396 4.52 20.52 7.02
C ALA B 396 3.46 19.52 6.56
N LEU B 397 3.72 18.24 6.81
CA LEU B 397 2.77 17.19 6.43
C LEU B 397 1.45 17.39 7.18
N SER B 398 1.56 17.85 8.42
CA SER B 398 0.39 18.07 9.27
C SER B 398 -0.25 19.43 9.05
N VAL B 399 0.46 20.31 8.36
CA VAL B 399 -0.10 21.63 8.08
C VAL B 399 -0.80 21.53 6.72
N SER B 400 -0.29 20.62 5.88
CA SER B 400 -0.83 20.40 4.54
C SER B 400 -2.23 19.81 4.58
N THR B 401 -2.56 19.13 5.68
CA THR B 401 -3.87 18.50 5.85
C THR B 401 -5.01 19.51 5.89
N PRO B 402 -6.10 19.20 5.18
CA PRO B 402 -7.28 20.06 5.11
C PRO B 402 -7.90 20.37 6.47
N GLU B 403 -7.70 19.47 7.42
CA GLU B 403 -8.24 19.66 8.77
C GLU B 403 -7.48 20.75 9.55
N HIS B 404 -6.18 20.86 9.28
CA HIS B 404 -5.36 21.87 9.94
C HIS B 404 -5.54 23.22 9.27
N LEU B 405 -5.64 23.21 7.95
CA LEU B 405 -5.81 24.44 7.21
C LEU B 405 -7.02 25.20 7.75
N HIS B 406 -8.18 24.55 7.72
CA HIS B 406 -9.39 25.19 8.22
C HIS B 406 -9.24 25.48 9.73
N LYS B 407 -8.48 24.61 10.40
CA LYS B 407 -8.24 24.81 11.81
C LYS B 407 -7.84 26.28 11.97
N ILE B 408 -6.84 26.66 11.21
CA ILE B 408 -6.42 28.04 11.17
C ILE B 408 -7.28 28.60 10.05
N GLY B 409 -7.02 29.84 9.68
CA GLY B 409 -7.83 30.38 8.62
C GLY B 409 -7.48 29.71 7.34
N LEU B 410 -8.18 30.13 6.33
CA LEU B 410 -7.85 29.65 5.01
C LEU B 410 -8.30 28.22 4.74
N LEU B 411 -9.45 27.88 5.27
CA LEU B 411 -10.15 26.61 4.97
C LEU B 411 -11.48 26.65 5.66
N ASP B 412 -12.42 27.27 4.99
CA ASP B 412 -13.79 27.41 5.50
C ASP B 412 -14.51 26.08 5.51
N ARG B 413 -14.43 25.35 4.38
CA ARG B 413 -15.18 24.10 4.26
C ARG B 413 -14.26 22.87 4.25
N VAL B 414 -14.28 22.12 5.35
CA VAL B 414 -13.55 20.87 5.46
C VAL B 414 -14.49 19.79 4.92
N THR B 415 -14.33 19.41 3.64
CA THR B 415 -15.25 18.48 2.99
C THR B 415 -15.44 17.12 3.62
N ASN B 416 -14.38 16.32 3.64
CA ASN B 416 -14.37 14.95 4.18
C ASN B 416 -15.13 14.07 3.16
N ASP B 417 -14.83 14.31 1.89
CA ASP B 417 -15.42 13.57 0.78
C ASP B 417 -14.30 12.57 0.66
N THR B 418 -14.30 11.80 -0.41
CA THR B 418 -13.21 10.87 -0.63
C THR B 418 -12.77 11.18 -2.00
N GLU B 419 -13.65 11.84 -2.75
CA GLU B 419 -13.22 12.30 -4.07
C GLU B 419 -12.19 13.40 -3.74
N SER B 420 -12.55 14.22 -2.76
CA SER B 420 -11.71 15.30 -2.31
C SER B 420 -10.50 14.77 -1.56
N ASP B 421 -10.52 13.52 -1.13
CA ASP B 421 -9.38 12.98 -0.43
C ASP B 421 -8.44 12.53 -1.51
N ILE B 422 -9.01 12.21 -2.66
CA ILE B 422 -8.24 11.75 -3.78
C ILE B 422 -7.45 12.90 -4.34
N ASN B 423 -8.09 14.07 -4.39
CA ASN B 423 -7.45 15.28 -4.85
C ASN B 423 -6.24 15.59 -3.96
N TYR B 424 -6.49 15.68 -2.66
CA TYR B 424 -5.45 15.97 -1.70
C TYR B 424 -4.23 15.10 -1.96
N LEU B 425 -4.41 13.79 -1.86
CA LEU B 425 -3.31 12.87 -2.07
C LEU B 425 -2.54 13.03 -3.40
N LEU B 426 -3.27 13.28 -4.50
CA LEU B 426 -2.61 13.47 -5.78
C LEU B 426 -1.68 14.67 -5.66
N LYS B 427 -2.21 15.78 -5.14
CA LYS B 427 -1.42 16.99 -4.96
C LYS B 427 -0.20 16.69 -4.15
N MET B 428 -0.37 15.94 -3.08
CA MET B 428 0.77 15.59 -2.28
C MET B 428 1.67 14.76 -3.17
N ALA B 429 1.08 13.91 -4.00
CA ALA B 429 1.85 13.06 -4.90
C ALA B 429 2.73 13.90 -5.83
N LEU B 430 2.08 14.90 -6.42
CA LEU B 430 2.69 15.82 -7.35
C LEU B 430 3.88 16.56 -6.76
N GLU B 431 3.99 16.53 -5.45
CA GLU B 431 5.04 17.27 -4.79
C GLU B 431 6.03 16.35 -4.13
N LYS B 432 5.53 15.24 -3.62
CA LYS B 432 6.40 14.30 -2.96
C LYS B 432 6.88 13.20 -3.89
N ILE B 433 5.94 12.49 -4.49
CA ILE B 433 6.33 11.39 -5.35
C ILE B 433 7.11 11.83 -6.60
N ALA B 434 6.62 12.85 -7.29
CA ALA B 434 7.29 13.34 -8.50
C ALA B 434 8.81 13.56 -8.31
N PHE B 435 9.17 14.00 -7.11
CA PHE B 435 10.55 14.30 -6.75
C PHE B 435 11.57 13.18 -6.73
N LEU B 436 11.24 12.09 -6.05
CA LEU B 436 12.13 10.95 -5.84
C LEU B 436 13.11 10.59 -6.93
N PRO B 437 12.63 10.43 -8.17
CA PRO B 437 13.55 10.09 -9.25
C PRO B 437 14.65 11.16 -9.40
N PHE B 438 14.25 12.42 -9.37
CA PHE B 438 15.22 13.50 -9.49
C PHE B 438 16.15 13.58 -8.28
N GLY B 439 15.59 13.42 -7.09
CA GLY B 439 16.41 13.48 -5.88
C GLY B 439 17.32 12.28 -5.71
N TYR B 440 17.20 11.30 -6.59
CA TYR B 440 18.03 10.10 -6.48
C TYR B 440 19.02 10.15 -7.61
N LEU B 441 18.59 10.84 -8.66
CA LEU B 441 19.33 11.02 -9.90
C LEU B 441 20.54 11.92 -9.79
N VAL B 442 20.30 13.15 -9.35
CA VAL B 442 21.32 14.17 -9.19
C VAL B 442 22.69 13.75 -8.67
N ASP B 443 22.72 13.18 -7.48
CA ASP B 443 24.00 12.81 -6.91
C ASP B 443 24.70 11.59 -7.44
N GLN B 444 24.00 10.77 -8.22
CA GLN B 444 24.67 9.61 -8.77
C GLN B 444 25.32 10.12 -10.04
N TRP B 445 24.93 11.34 -10.41
CA TRP B 445 25.54 11.98 -11.56
C TRP B 445 26.88 12.48 -11.03
N ARG B 446 26.83 13.26 -9.94
CA ARG B 446 28.03 13.81 -9.33
C ARG B 446 29.04 12.79 -8.82
N TRP B 447 28.60 11.62 -8.36
CA TRP B 447 29.57 10.64 -7.89
C TRP B 447 30.36 10.13 -9.11
N GLY B 448 29.70 10.12 -10.27
CA GLY B 448 30.33 9.65 -11.48
C GLY B 448 31.38 10.62 -11.97
N VAL B 449 31.12 11.89 -11.71
CA VAL B 449 31.98 13.01 -12.06
C VAL B 449 33.17 12.94 -11.11
N PHE B 450 32.90 13.03 -9.81
CA PHE B 450 33.97 12.92 -8.83
C PHE B 450 34.81 11.65 -9.06
N SER B 451 34.20 10.60 -9.60
CA SER B 451 34.88 9.32 -9.83
C SER B 451 35.62 9.23 -11.16
N GLY B 452 35.29 10.13 -12.07
CA GLY B 452 35.95 10.14 -13.36
C GLY B 452 35.25 9.33 -14.45
N ARG B 453 34.16 8.68 -14.10
CA ARG B 453 33.47 7.89 -15.10
C ARG B 453 32.69 8.80 -16.00
N THR B 454 32.29 9.94 -15.47
CA THR B 454 31.60 10.95 -16.26
C THR B 454 32.58 12.12 -16.30
N PRO B 455 33.46 12.17 -17.31
CA PRO B 455 34.46 13.23 -17.51
C PRO B 455 33.81 14.48 -18.08
N PRO B 456 34.57 15.57 -18.27
CA PRO B 456 33.79 16.68 -18.80
C PRO B 456 33.24 16.44 -20.20
N SER B 457 33.85 15.52 -20.94
CA SER B 457 33.42 15.25 -22.30
C SER B 457 32.07 14.56 -22.38
N ARG B 458 31.48 14.26 -21.21
CA ARG B 458 30.16 13.59 -21.08
C ARG B 458 29.36 14.14 -19.92
N TYR B 459 29.38 15.44 -19.71
CA TYR B 459 28.63 16.03 -18.61
C TYR B 459 27.13 16.07 -18.92
N ASN B 460 26.78 16.46 -20.13
CA ASN B 460 25.38 16.57 -20.51
C ASN B 460 24.82 15.26 -21.04
N PHE B 461 25.70 14.43 -21.58
CA PHE B 461 25.34 13.13 -22.12
C PHE B 461 24.82 12.22 -21.00
N ASP B 462 25.59 12.13 -19.92
CA ASP B 462 25.22 11.30 -18.78
C ASP B 462 24.16 11.95 -17.89
N TRP B 463 23.93 13.24 -18.07
CA TRP B 463 22.92 13.95 -17.29
C TRP B 463 21.60 13.45 -17.86
N TRP B 464 21.42 13.63 -19.16
CA TRP B 464 20.18 13.22 -19.77
C TRP B 464 19.96 11.71 -19.79
N TYR B 465 21.04 10.92 -19.71
CA TYR B 465 20.85 9.47 -19.65
C TYR B 465 20.09 9.30 -18.33
N LEU B 466 20.62 9.90 -17.29
CA LEU B 466 20.00 9.79 -15.98
C LEU B 466 18.65 10.48 -15.88
N ARG B 467 18.49 11.62 -16.53
CA ARG B 467 17.24 12.36 -16.46
C ARG B 467 16.18 11.59 -17.18
N THR B 468 16.53 11.01 -18.33
CA THR B 468 15.55 10.23 -19.06
C THR B 468 15.37 8.88 -18.37
N LYS B 469 16.47 8.31 -17.91
CA LYS B 469 16.39 7.02 -17.25
C LYS B 469 15.49 7.01 -16.03
N TYR B 470 15.54 8.07 -15.22
CA TYR B 470 14.71 8.11 -14.02
C TYR B 470 13.44 8.95 -14.10
N GLN B 471 13.58 10.24 -14.35
CA GLN B 471 12.40 11.10 -14.43
C GLN B 471 11.54 10.83 -15.66
N GLY B 472 12.15 10.27 -16.71
CA GLY B 472 11.40 10.00 -17.91
C GLY B 472 10.98 11.29 -18.58
N ILE B 473 11.90 12.25 -18.59
CA ILE B 473 11.65 13.54 -19.23
C ILE B 473 12.75 13.79 -20.23
N CYS B 474 12.55 14.82 -21.06
CA CYS B 474 13.52 15.16 -22.10
C CYS B 474 13.56 16.64 -22.48
N PRO B 475 14.74 17.12 -22.90
CA PRO B 475 14.90 18.51 -23.30
C PRO B 475 14.05 18.84 -24.52
N PRO B 476 13.27 19.93 -24.43
CA PRO B 476 12.37 20.44 -25.48
C PRO B 476 13.16 21.14 -26.57
N VAL B 477 14.47 20.89 -26.56
CA VAL B 477 15.36 21.57 -27.47
C VAL B 477 16.66 20.72 -27.57
N THR B 478 17.28 20.62 -28.75
CA THR B 478 18.50 19.82 -28.86
C THR B 478 19.56 20.31 -27.87
N ARG B 479 20.39 19.40 -27.35
CA ARG B 479 21.42 19.79 -26.40
C ARG B 479 22.76 19.07 -26.67
N ASN B 480 23.85 19.83 -26.81
CA ASN B 480 25.17 19.26 -27.06
C ASN B 480 26.00 19.29 -25.81
N GLU B 481 27.21 18.79 -25.93
CA GLU B 481 28.10 18.77 -24.80
C GLU B 481 28.71 20.15 -24.53
N THR B 482 28.29 21.17 -25.27
CA THR B 482 28.79 22.51 -24.99
C THR B 482 27.86 23.07 -23.94
N HIS B 483 26.85 22.29 -23.62
CA HIS B 483 25.86 22.65 -22.62
C HIS B 483 26.22 22.02 -21.30
N PHE B 484 25.63 22.53 -20.23
CA PHE B 484 25.92 22.01 -18.91
C PHE B 484 24.66 22.21 -18.12
N ASP B 485 23.64 21.44 -18.48
CA ASP B 485 22.35 21.56 -17.82
C ASP B 485 22.33 21.18 -16.34
N ALA B 486 23.27 20.33 -15.91
CA ALA B 486 23.36 19.95 -14.50
C ALA B 486 23.79 21.16 -13.70
N GLY B 487 24.55 22.04 -14.34
CA GLY B 487 25.02 23.23 -13.67
C GLY B 487 23.94 24.28 -13.45
N ALA B 488 22.77 24.09 -14.06
CA ALA B 488 21.69 25.05 -13.91
C ALA B 488 20.88 24.85 -12.64
N LYS B 489 21.32 23.92 -11.81
CA LYS B 489 20.64 23.64 -10.55
C LYS B 489 21.44 24.20 -9.39
N PHE B 490 20.83 25.09 -8.62
CA PHE B 490 21.48 25.72 -7.50
C PHE B 490 22.51 24.85 -6.82
N HIS B 491 22.09 23.66 -6.44
CA HIS B 491 22.97 22.74 -5.74
C HIS B 491 24.29 22.28 -6.39
N VAL B 492 24.41 22.34 -7.71
CA VAL B 492 25.65 21.90 -8.34
C VAL B 492 26.74 22.95 -8.21
N PRO B 493 26.49 24.18 -8.73
CA PRO B 493 27.51 25.21 -8.61
C PRO B 493 27.75 25.64 -7.18
N ASN B 494 26.82 25.34 -6.28
CA ASN B 494 27.00 25.72 -4.89
C ASN B 494 27.48 24.56 -4.05
N VAL B 495 27.99 23.55 -4.73
CA VAL B 495 28.52 22.35 -4.07
C VAL B 495 27.74 21.86 -2.83
N THR B 496 26.45 21.55 -2.99
CA THR B 496 25.64 21.06 -1.88
C THR B 496 25.14 19.66 -2.20
N PRO B 497 25.58 18.64 -1.44
CA PRO B 497 25.14 17.26 -1.69
C PRO B 497 23.62 17.22 -1.90
N TYR B 498 23.14 16.21 -2.62
CA TYR B 498 21.71 16.11 -2.92
C TYR B 498 21.04 14.83 -2.42
N ILE B 499 21.78 13.72 -2.39
CA ILE B 499 21.21 12.45 -1.95
C ILE B 499 20.57 12.59 -0.59
N ARG B 500 20.84 13.71 0.07
CA ARG B 500 20.26 13.98 1.38
C ARG B 500 18.76 14.23 1.22
N TYR B 501 18.35 14.81 0.10
CA TYR B 501 16.93 15.08 -0.10
C TYR B 501 16.15 13.87 -0.50
N PHE B 502 16.83 12.88 -1.05
CA PHE B 502 16.12 11.68 -1.42
C PHE B 502 15.86 11.02 -0.08
N VAL B 503 16.92 10.71 0.66
CA VAL B 503 16.76 10.09 1.96
C VAL B 503 15.67 10.83 2.74
N SER B 504 15.73 12.14 2.70
CA SER B 504 14.78 12.99 3.40
C SER B 504 13.29 12.71 3.09
N PHE B 505 12.95 12.60 1.81
CA PHE B 505 11.56 12.35 1.43
C PHE B 505 11.04 10.99 1.91
N VAL B 506 11.88 9.97 1.85
CA VAL B 506 11.48 8.65 2.28
C VAL B 506 11.32 8.58 3.78
N LEU B 507 12.38 8.83 4.52
CA LEU B 507 12.30 8.76 5.96
C LEU B 507 11.49 9.87 6.63
N GLN B 508 10.87 10.74 5.85
CA GLN B 508 10.11 11.80 6.49
C GLN B 508 8.77 11.24 6.90
N PHE B 509 8.37 10.17 6.23
CA PHE B 509 7.10 9.52 6.56
C PHE B 509 7.32 8.54 7.69
N GLN B 510 8.56 8.10 7.89
CA GLN B 510 8.85 7.20 9.00
C GLN B 510 8.69 8.04 10.26
N PHE B 511 9.09 9.30 10.14
CA PHE B 511 8.99 10.23 11.25
C PHE B 511 7.51 10.49 11.47
N HIS B 512 6.84 10.89 10.40
CA HIS B 512 5.43 11.19 10.48
C HIS B 512 4.60 10.08 11.14
N GLU B 513 4.81 8.84 10.70
CA GLU B 513 4.09 7.74 11.29
C GLU B 513 4.48 7.64 12.75
N ALA B 514 5.78 7.48 13.00
CA ALA B 514 6.27 7.37 14.37
C ALA B 514 5.73 8.49 15.28
N LEU B 515 5.44 9.65 14.71
CA LEU B 515 4.95 10.74 15.51
C LEU B 515 3.45 10.75 15.63
N CYS B 516 2.76 10.31 14.58
CA CYS B 516 1.30 10.27 14.63
C CYS B 516 0.90 9.22 15.66
N LYS B 517 1.73 8.19 15.73
CA LYS B 517 1.57 7.08 16.64
C LYS B 517 1.71 7.52 18.11
N GLU B 518 2.88 8.06 18.46
CA GLU B 518 3.08 8.51 19.83
C GLU B 518 2.19 9.71 20.12
N ALA B 519 1.51 10.21 19.08
CA ALA B 519 0.60 11.32 19.24
C ALA B 519 -0.68 10.62 19.58
N GLY B 520 -0.57 9.30 19.71
CA GLY B 520 -1.71 8.49 20.08
C GLY B 520 -2.90 8.74 19.19
N TYR B 521 -2.62 8.89 17.89
CA TYR B 521 -3.66 9.16 16.90
C TYR B 521 -4.18 7.92 16.16
N GLU B 522 -5.48 7.92 15.88
CA GLU B 522 -6.12 6.79 15.19
C GLU B 522 -6.86 7.20 13.92
N GLY B 523 -6.34 6.75 12.78
CA GLY B 523 -6.95 7.07 11.50
C GLY B 523 -5.93 6.94 10.39
N PRO B 524 -6.34 7.22 9.15
CA PRO B 524 -5.47 7.14 7.96
C PRO B 524 -4.23 8.01 8.17
N LEU B 525 -3.05 7.46 7.99
CA LEU B 525 -1.81 8.21 8.18
C LEU B 525 -1.76 9.58 7.50
N HIS B 526 -2.28 9.66 6.28
CA HIS B 526 -2.29 10.91 5.51
C HIS B 526 -3.27 11.95 6.03
N GLN B 527 -4.01 11.61 7.07
CA GLN B 527 -4.98 12.54 7.62
C GLN B 527 -4.56 13.03 8.99
N CYS B 528 -3.45 12.47 9.47
CA CYS B 528 -2.91 12.82 10.77
C CYS B 528 -2.43 14.25 10.83
N ASP B 529 -2.49 14.83 12.01
CA ASP B 529 -2.08 16.21 12.27
C ASP B 529 -1.54 16.28 13.71
N ILE B 530 -0.23 16.18 13.88
CA ILE B 530 0.36 16.16 15.22
C ILE B 530 0.49 17.53 15.90
N TYR B 531 -0.36 18.46 15.46
CA TYR B 531 -0.40 19.78 16.04
C TYR B 531 -0.63 19.58 17.52
N ARG B 532 0.11 20.30 18.37
CA ARG B 532 -0.06 20.23 19.82
C ARG B 532 0.33 19.01 20.59
N SER B 533 0.62 17.92 19.91
CA SER B 533 0.98 16.73 20.63
C SER B 533 2.33 16.90 21.29
N THR B 534 2.31 17.03 22.61
CA THR B 534 3.53 17.19 23.37
C THR B 534 4.27 15.86 23.40
N LYS B 535 3.53 14.77 23.54
CA LYS B 535 4.12 13.45 23.59
C LYS B 535 5.02 13.23 22.40
N ALA B 536 4.55 13.67 21.23
CA ALA B 536 5.30 13.55 19.99
C ALA B 536 6.50 14.48 20.07
N GLY B 537 6.18 15.77 20.24
CA GLY B 537 7.19 16.80 20.34
C GLY B 537 8.39 16.34 21.15
N ALA B 538 8.13 15.65 22.25
CA ALA B 538 9.20 15.16 23.10
C ALA B 538 10.01 14.09 22.39
N LYS B 539 9.32 13.27 21.60
CA LYS B 539 9.95 12.19 20.86
C LYS B 539 10.86 12.74 19.77
N LEU B 540 10.50 13.94 19.32
CA LEU B 540 11.26 14.59 18.27
C LEU B 540 12.24 15.51 19.00
N ARG B 541 12.04 16.01 20.19
CA ARG B 541 13.20 16.88 20.42
C ARG B 541 14.32 15.88 20.93
N LYS B 542 13.99 14.60 21.16
CA LYS B 542 15.05 13.69 21.71
C LYS B 542 16.05 13.26 20.58
N VAL B 543 15.67 13.43 19.30
CA VAL B 543 16.56 13.08 18.15
C VAL B 543 17.32 14.36 17.80
N LEU B 544 16.66 15.49 17.96
CA LEU B 544 17.31 16.77 17.68
C LEU B 544 18.49 16.96 18.65
N GLN B 545 18.24 16.74 19.93
CA GLN B 545 19.26 16.88 20.94
C GLN B 545 20.39 15.89 20.77
N ALA B 546 20.23 14.93 19.88
CA ALA B 546 21.28 13.93 19.70
C ALA B 546 22.36 14.43 18.78
N GLY B 547 22.01 15.42 17.96
CA GLY B 547 22.96 15.97 17.02
C GLY B 547 23.62 14.86 16.23
N SER B 548 24.94 14.90 16.14
CA SER B 548 25.71 13.89 15.41
C SER B 548 26.39 12.95 16.38
N SER B 549 26.10 13.12 17.67
CA SER B 549 26.71 12.30 18.71
C SER B 549 26.60 10.82 18.49
N ARG B 550 25.36 10.34 18.36
CA ARG B 550 25.09 8.92 18.19
C ARG B 550 24.83 8.49 16.76
N PRO B 551 25.10 7.21 16.46
CA PRO B 551 24.87 6.69 15.13
C PRO B 551 23.36 6.78 14.88
N TRP B 552 22.99 7.52 13.87
CA TRP B 552 21.61 7.71 13.41
C TRP B 552 20.76 6.42 13.48
N GLN B 553 21.26 5.33 12.88
CA GLN B 553 20.56 4.04 12.85
C GLN B 553 19.98 3.82 14.22
N GLU B 554 20.78 4.08 15.24
CA GLU B 554 20.30 3.92 16.60
C GLU B 554 19.34 5.02 17.00
N VAL B 555 19.60 6.25 16.57
CA VAL B 555 18.68 7.35 16.91
C VAL B 555 17.31 7.06 16.32
N LEU B 556 17.31 6.43 15.14
CA LEU B 556 16.08 6.08 14.43
C LEU B 556 15.35 4.95 15.15
N LYS B 557 16.12 3.90 15.44
CA LYS B 557 15.63 2.71 16.12
C LYS B 557 15.02 3.06 17.46
N ASP B 558 15.25 4.28 17.91
CA ASP B 558 14.73 4.78 19.18
C ASP B 558 13.48 5.59 18.91
N MET B 559 13.46 6.25 17.76
CA MET B 559 12.34 7.11 17.41
C MET B 559 11.22 6.43 16.66
N VAL B 560 11.58 5.64 15.66
CA VAL B 560 10.59 4.98 14.85
C VAL B 560 10.37 3.54 15.26
N GLY B 561 11.48 2.83 15.40
CA GLY B 561 11.42 1.43 15.74
C GLY B 561 12.42 0.75 14.84
N LEU B 562 12.59 1.27 13.63
CA LEU B 562 13.50 0.61 12.71
C LEU B 562 14.92 1.09 12.62
N ASP B 563 15.79 0.10 12.49
CA ASP B 563 17.22 0.23 12.35
C ASP B 563 17.58 0.88 10.99
N ALA B 564 16.58 1.23 10.19
CA ALA B 564 16.89 1.82 8.90
C ALA B 564 15.77 2.49 8.11
N LEU B 565 16.12 2.88 6.88
CA LEU B 565 15.20 3.53 5.94
C LEU B 565 14.18 2.51 5.50
N ASP B 566 12.97 2.98 5.29
CA ASP B 566 11.90 2.09 4.91
C ASP B 566 10.83 2.85 4.12
N ALA B 567 10.33 2.19 3.09
CA ALA B 567 9.34 2.80 2.25
C ALA B 567 7.93 2.54 2.75
N GLN B 568 7.77 1.39 3.42
CA GLN B 568 6.46 0.99 3.94
C GLN B 568 5.59 2.18 4.34
N PRO B 569 6.10 3.07 5.21
CA PRO B 569 5.26 4.20 5.60
C PRO B 569 4.87 5.18 4.51
N LEU B 570 5.67 5.31 3.46
CA LEU B 570 5.29 6.24 2.40
C LEU B 570 4.18 5.57 1.63
N LEU B 571 4.43 4.31 1.28
CA LEU B 571 3.44 3.52 0.56
C LEU B 571 2.12 3.69 1.31
N LYS B 572 2.19 3.53 2.63
CA LYS B 572 1.03 3.66 3.48
C LYS B 572 0.40 5.04 3.44
N TYR B 573 1.20 6.05 3.21
CA TYR B 573 0.66 7.41 3.19
C TYR B 573 -0.13 7.64 1.92
N PHE B 574 0.36 7.09 0.81
CA PHE B 574 -0.26 7.29 -0.50
C PHE B 574 -1.23 6.24 -1.05
N GLN B 575 -1.45 5.17 -0.30
CA GLN B 575 -2.33 4.09 -0.72
C GLN B 575 -3.59 4.38 -1.52
N PRO B 576 -4.49 5.19 -1.00
CA PRO B 576 -5.68 5.43 -1.81
C PRO B 576 -5.42 5.91 -3.22
N VAL B 577 -4.48 6.83 -3.37
CA VAL B 577 -4.17 7.34 -4.71
C VAL B 577 -3.20 6.43 -5.46
N THR B 578 -2.38 5.67 -4.73
CA THR B 578 -1.46 4.73 -5.38
C THR B 578 -2.32 3.82 -6.25
N GLN B 579 -3.44 3.39 -5.68
CA GLN B 579 -4.38 2.50 -6.32
C GLN B 579 -5.33 3.19 -7.30
N TRP B 580 -5.80 4.37 -6.92
CA TRP B 580 -6.72 5.08 -7.80
C TRP B 580 -6.03 5.42 -9.09
N LEU B 581 -4.74 5.73 -9.00
CA LEU B 581 -3.96 6.06 -10.18
C LEU B 581 -3.78 4.85 -11.09
N GLN B 582 -3.27 3.74 -10.57
CA GLN B 582 -3.10 2.63 -11.47
C GLN B 582 -4.40 2.10 -12.06
N GLU B 583 -5.50 2.23 -11.35
CA GLU B 583 -6.71 1.74 -11.99
C GLU B 583 -7.02 2.64 -13.16
N GLN B 584 -6.90 3.95 -12.96
CA GLN B 584 -7.16 4.91 -14.03
C GLN B 584 -6.30 4.62 -15.25
N ASN B 585 -5.00 4.46 -15.03
CA ASN B 585 -4.07 4.23 -16.11
C ASN B 585 -4.41 3.05 -16.98
N GLN B 586 -4.60 1.88 -16.40
CA GLN B 586 -4.92 0.69 -17.19
C GLN B 586 -6.24 0.90 -17.92
N GLN B 587 -7.26 1.32 -17.19
CA GLN B 587 -8.54 1.50 -17.84
C GLN B 587 -8.38 2.34 -19.09
N ASN B 588 -7.49 3.33 -19.03
CA ASN B 588 -7.25 4.19 -20.17
C ASN B 588 -6.22 3.57 -21.11
N GLY B 589 -5.65 2.46 -20.66
CA GLY B 589 -4.68 1.78 -21.46
C GLY B 589 -3.42 2.58 -21.65
N GLU B 590 -2.91 3.14 -20.57
CA GLU B 590 -1.69 3.91 -20.66
C GLU B 590 -0.46 3.00 -20.61
N VAL B 591 0.62 3.44 -21.23
CA VAL B 591 1.85 2.67 -21.18
C VAL B 591 2.65 3.28 -20.02
N LEU B 592 3.14 2.44 -19.13
CA LEU B 592 3.93 2.95 -18.03
C LEU B 592 5.35 2.95 -18.49
N GLY B 593 5.97 4.14 -18.44
CA GLY B 593 7.32 4.30 -18.88
C GLY B 593 7.38 5.02 -20.21
N TRP B 594 8.53 4.94 -20.88
CA TRP B 594 8.75 5.62 -22.16
C TRP B 594 9.62 4.74 -23.07
N PRO B 595 8.97 3.83 -23.80
CA PRO B 595 9.61 2.90 -24.74
C PRO B 595 10.26 3.64 -25.88
N GLU B 596 9.66 4.76 -26.30
CA GLU B 596 10.22 5.52 -27.39
C GLU B 596 11.24 6.50 -26.78
N TYR B 597 12.17 5.93 -26.01
CA TYR B 597 13.20 6.68 -25.30
C TYR B 597 13.96 7.71 -26.14
N GLN B 598 13.80 7.65 -27.45
CA GLN B 598 14.50 8.56 -28.35
C GLN B 598 13.75 9.85 -28.66
N TRP B 599 12.42 9.81 -28.59
CA TRP B 599 11.60 10.97 -28.95
C TRP B 599 11.90 12.31 -28.28
N HIS B 600 11.75 13.38 -29.07
CA HIS B 600 11.94 14.76 -28.63
C HIS B 600 10.85 15.61 -29.29
N PRO B 601 10.30 16.60 -28.58
CA PRO B 601 9.29 17.35 -29.32
C PRO B 601 9.93 18.25 -30.33
N PRO B 602 9.19 18.66 -31.36
CA PRO B 602 9.71 19.55 -32.39
C PRO B 602 9.69 20.99 -31.84
N LEU B 603 10.22 21.93 -32.60
CA LEU B 603 10.24 23.34 -32.20
C LEU B 603 8.91 24.02 -32.53
N PRO B 604 8.51 24.97 -31.69
CA PRO B 604 7.44 25.90 -32.03
C PRO B 604 7.63 26.50 -33.41
N ASP B 605 6.57 26.48 -34.22
CA ASP B 605 6.70 26.62 -35.67
C ASP B 605 7.85 27.53 -36.08
N ASN B 606 7.76 28.80 -35.72
CA ASN B 606 8.92 29.67 -35.67
C ASN B 606 9.34 29.90 -34.23
N TYR B 607 10.65 29.95 -34.00
CA TYR B 607 11.19 30.12 -32.65
C TYR B 607 12.34 31.11 -32.64
N PRO B 608 12.10 32.29 -32.06
CA PRO B 608 10.90 32.52 -31.26
C PRO B 608 9.85 33.30 -32.03
N GLU B 609 9.76 34.60 -31.76
CA GLU B 609 8.57 35.38 -32.07
C GLU B 609 7.32 34.74 -31.46
N GLY B 610 7.46 34.23 -30.25
CA GLY B 610 6.36 34.22 -29.30
C GLY B 610 6.10 35.59 -28.71
N ILE B 611 5.30 35.76 -27.56
CA ILE B 611 4.94 36.88 -26.71
C ILE B 611 5.13 36.55 -25.24
C1 NAG C . -22.07 -26.76 -28.10
C2 NAG C . -22.99 -27.13 -29.29
C3 NAG C . -23.14 -28.61 -29.31
C4 NAG C . -21.87 -29.33 -29.31
C5 NAG C . -21.06 -28.94 -28.09
C6 NAG C . -19.75 -29.73 -28.18
C7 NAG C . -25.10 -25.96 -29.66
C8 NAG C . -26.32 -25.80 -29.18
N2 NAG C . -24.33 -26.78 -28.97
O3 NAG C . -23.93 -28.96 -30.44
O4 NAG C . -22.17 -30.69 -29.32
O5 NAG C . -20.83 -27.53 -28.16
O6 NAG C . -18.84 -29.52 -27.12
O7 NAG C . -24.74 -25.39 -30.64
C1 NAG C . -21.64 -31.90 -29.94
C2 NAG C . -21.41 -32.27 -31.39
C3 NAG C . -21.61 -33.78 -31.37
C4 NAG C . -20.55 -34.39 -30.42
C5 NAG C . -20.70 -33.80 -29.00
C6 NAG C . -19.63 -34.36 -28.07
C7 NAG C . -22.30 -30.92 -33.25
C8 NAG C . -23.39 -30.39 -33.82
N2 NAG C . -22.50 -31.64 -32.13
O3 NAG C . -21.45 -34.31 -32.70
O4 NAG C . -20.70 -35.82 -30.36
O5 NAG C . -20.58 -32.38 -29.10
O6 NAG C . -19.79 -33.82 -26.76
O7 NAG C . -21.20 -30.74 -33.74
C1 NAG D . 25.37 23.14 -29.51
C2 NAG D . 26.33 23.07 -30.70
C3 NAG D . 26.16 24.28 -31.61
C4 NAG D . 24.69 24.51 -31.94
C5 NAG D . 23.83 24.49 -30.68
C6 NAG D . 22.36 24.64 -31.03
C7 NAG D . 28.66 22.43 -30.49
C8 NAG D . 29.98 22.68 -29.82
N2 NAG D . 27.66 23.22 -30.12
O3 NAG D . 26.90 24.08 -32.82
O4 NAG D . 24.54 25.77 -32.61
O5 NAG D . 24.04 23.26 -29.98
O6 NAG D . 21.73 25.50 -30.07
O7 NAG D . 28.52 21.55 -31.32
C1 NAG D . 24.66 27.17 -32.73
C2 NAG D . 24.12 27.53 -34.10
C3 NAG D . 24.28 29.02 -34.37
C4 NAG D . 23.75 29.85 -33.21
C5 NAG D . 24.32 29.35 -31.88
C6 NAG D . 23.75 30.13 -30.71
C7 NAG D . 22.10 26.26 -34.57
C8 NAG D . 20.80 26.16 -34.43
N2 NAG D . 22.68 27.32 -34.00
O3 NAG D . 23.56 29.37 -35.56
O4 NAG D . 24.13 31.22 -33.39
O5 NAG D . 24.02 27.97 -31.73
O6 NAG D . 24.23 29.57 -29.48
O7 NAG D . 22.72 25.42 -35.20
C1 NAG E . -35.17 -21.10 23.80
C2 NAG E . -34.08 -22.07 24.27
C3 NAG E . -33.58 -21.69 25.65
C4 NAG E . -33.23 -20.21 25.72
C5 NAG E . -34.36 -19.36 25.17
C6 NAG E . -33.99 -17.88 25.17
C7 NAG E . -35.34 -23.66 25.62
C8 NAG E . -36.01 -25.00 25.66
N2 NAG E . -34.77 -23.35 24.45
O3 NAG E . -32.42 -22.47 25.96
O4 NAG E . -32.97 -19.84 27.08
O5 NAG E . -34.67 -19.77 23.84
O6 NAG E . -35.17 -17.08 25.21
O7 NAG E . -35.32 -22.90 26.57
C1 NAG F . -35.60 -35.18 -8.69
C2 NAG F . -36.87 -34.84 -9.44
C3 NAG F . -37.95 -35.89 -9.20
C4 NAG F . -37.40 -37.29 -9.41
C5 NAG F . -36.10 -37.49 -8.65
C6 NAG F . -35.50 -38.87 -8.93
C7 NAG F . -37.82 -32.61 -9.55
C8 NAG F . -38.31 -31.42 -8.77
N2 NAG F . -37.38 -33.63 -8.82
O3 NAG F . -39.04 -35.66 -10.09
O4 NAG F . -38.36 -38.25 -8.96
O5 NAG F . -35.16 -36.49 -9.05
O6 NAG F . -34.58 -39.20 -7.89
O7 NAG F . -37.83 -32.64 -10.77
ZN ZN G . -17.40 -20.99 5.34
CL CL H . -24.51 -13.47 1.20
O2 LPR I . -17.63 -23.50 4.74
O3 LPR I . -18.97 -22.12 3.71
C3 LPR I . -18.40 -23.21 3.76
C4 LPR I . -18.58 -24.22 2.60
C14 LPR I . -19.92 -24.76 2.92
C15 LPR I . -21.16 -24.12 2.35
C16 LPR I . -22.53 -24.64 2.61
C17 LPR I . -22.82 -26.08 2.68
C18 LPR I . -24.17 -26.52 2.90
C19 LPR I . -25.26 -25.54 3.07
C20 LPR I . -24.97 -24.11 3.00
C21 LPR I . -23.61 -23.66 2.77
N1 LPR I . -17.57 -24.82 2.41
N3 LPR I . -11.99 -27.83 -0.71
C1 LPR I . -16.26 -23.49 0.72
C2 LPR I . -16.20 -24.31 2.09
O1 LPR I . -17.24 -23.70 -0.07
C10 LPR I . -15.21 -25.43 1.97
C11 LPR I . -15.10 -26.32 0.83
C12 LPR I . -13.61 -26.68 0.52
C13 LPR I . -13.44 -27.58 -0.54
O4 LPR I . -15.89 -22.40 -3.07
O5 LPR I . -14.14 -23.42 -2.22
N2 LPR I . -15.27 -22.57 0.41
C5 LPR I . -15.26 -21.74 -0.88
C6 LPR I . -14.00 -20.91 -0.68
C7 LPR I . -13.38 -21.22 0.49
C8 LPR I . -14.09 -22.24 1.26
C9 LPR I . -15.04 -22.63 -2.14
C1 GOL J . 10.64 2.38 -18.62
O1 GOL J . 9.44 3.20 -18.69
C2 GOL J . 11.69 3.18 -17.75
O2 GOL J . 10.96 3.62 -16.77
C3 GOL J . 13.03 2.32 -17.27
O3 GOL J . 13.64 3.61 -16.56
C1 GOL K . -8.87 -5.26 -19.03
O1 GOL K . -7.52 -5.84 -19.02
C2 GOL K . -9.74 -6.10 -18.05
O2 GOL K . -9.07 -6.27 -17.02
C3 GOL K . -11.22 -5.42 -17.77
O3 GOL K . -11.69 -6.52 -16.82
C1 NAG L . 33.95 23.99 24.18
C2 NAG L . 32.82 23.83 25.17
C3 NAG L . 31.53 24.45 24.62
C4 NAG L . 31.78 25.85 24.09
C5 NAG L . 32.99 25.88 23.16
C6 NAG L . 33.28 27.31 22.69
C7 NAG L . 31.49 21.72 25.02
C8 NAG L . 30.31 22.51 24.55
N2 NAG L . 32.61 22.40 25.28
O3 NAG L . 30.55 24.51 25.67
O4 NAG L . 30.62 26.31 23.38
O5 NAG L . 34.13 25.36 23.85
O6 NAG L . 33.93 27.26 21.42
O7 NAG L . 31.43 20.51 25.16
C1 NAG M . 36.78 33.90 -10.64
C2 NAG M . 36.24 35.20 -11.22
C3 NAG M . 37.31 35.92 -12.03
C4 NAG M . 38.62 36.01 -11.26
C5 NAG M . 39.01 34.66 -10.68
C6 NAG M . 40.28 34.76 -9.85
C7 NAG M . 35.31 33.64 -12.81
C8 NAG M . 34.20 33.35 -13.79
N2 NAG M . 35.23 34.80 -12.18
O3 NAG M . 36.86 37.24 -12.36
O4 NAG M . 39.65 36.48 -12.13
O5 NAG M . 37.95 34.16 -9.87
O6 NAG M . 40.40 33.61 -9.01
O7 NAG M . 36.21 32.85 -12.61
ZN ZN N . 16.98 21.86 3.75
CL CL O . 24.31 14.54 1.87
O2 LPR P . 17.12 23.80 3.28
O3 LPR P . 18.22 22.23 2.23
C3 LPR P . 17.78 23.37 2.27
C4 LPR P . 17.98 24.26 1.04
C14 LPR P . 19.19 24.97 1.39
C15 LPR P . 20.44 24.67 0.63
C16 LPR P . 21.70 25.38 0.87
C17 LPR P . 21.76 26.83 0.62
C18 LPR P . 23.00 27.53 0.81
C19 LPR P . 24.19 26.81 1.26
C20 LPR P . 24.13 25.36 1.52
C21 LPR P . 22.88 24.65 1.32
N1 LPR P . 16.98 24.75 0.68
N3 LPR P . 12.08 27.45 -3.48
C1 LPR P . 15.97 23.20 -0.97
C2 LPR P . 15.71 24.11 0.30
O1 LPR P . 16.90 23.52 -1.80
C10 LPR P . 14.67 25.13 -0.05
C11 LPR P . 14.74 25.92 -1.25
C12 LPR P . 13.35 26.32 -1.83
C13 LPR P . 13.45 27.10 -3.00
O4 LPR P . 15.60 21.49 -4.75
O5 LPR P . 14.28 22.92 -3.70
N2 LPR P . 15.21 22.09 -1.17
C5 LPR P . 15.38 21.18 -2.38
C6 LPR P . 14.30 20.11 -2.08
C7 LPR P . 13.64 20.39 -0.92
C8 LPR P . 14.12 21.61 -0.26
C9 LPR P . 15.02 21.97 -3.70
C ACT Q . -24.75 -9.22 -17.34
O ACT Q . -25.32 -8.18 -16.87
OXT ACT Q . -24.44 -9.45 -18.69
CH3 ACT Q . -24.35 -10.35 -16.39
#